data_1YTC
# 
_entry.id   1YTC 
# 
_audit_conform.dict_name       mmcif_pdbx.dic 
_audit_conform.dict_version    5.351 
_audit_conform.dict_location   http://mmcif.pdb.org/dictionaries/ascii/mmcif_pdbx.dic 
# 
loop_
_database_2.database_id 
_database_2.database_code 
_database_2.pdbx_database_accession 
_database_2.pdbx_DOI 
PDB   1YTC         pdb_00001ytc 10.2210/pdb1ytc/pdb 
WWPDB D_1000177433 ?            ?                   
# 
_pdbx_database_status.status_code                     REL 
_pdbx_database_status.entry_id                        1YTC 
_pdbx_database_status.recvd_initial_deposition_date   1995-07-03 
_pdbx_database_status.deposit_site                    ? 
_pdbx_database_status.process_site                    BNL 
_pdbx_database_status.SG_entry                        . 
_pdbx_database_status.pdb_format_compatible           Y 
_pdbx_database_status.status_code_mr                  ? 
_pdbx_database_status.status_code_sf                  ? 
_pdbx_database_status.status_code_cs                  ? 
_pdbx_database_status.methods_development_category    ? 
_pdbx_database_status.status_code_nmr_data            ? 
# 
loop_
_audit_author.name 
_audit_author.pdbx_ordinal 
'Luo, Y.'      1 
'Brayer, G.D.' 2 
# 
loop_
_citation.id 
_citation.title 
_citation.journal_abbrev 
_citation.journal_volume 
_citation.page_first 
_citation.page_last 
_citation.year 
_citation.journal_id_ASTM 
_citation.country 
_citation.journal_id_ISSN 
_citation.journal_id_CSD 
_citation.book_publisher 
_citation.pdbx_database_id_PubMed 
_citation.pdbx_database_id_DOI 
primary 'Thermodynamic cycles as probes of structure in unfolded proteins.'                               Biochemistry   35  1995 
2007 1996 BICHAW US 0006-2960 0033 ? 8639684 10.1021/bi951228f 
1       'The Structure and Function of Omega Loop a Replacements in Cytochrome C'                         'Protein Sci.' 2   1429 
?    1993 PRCIEI US 0961-8368 0795 ? ?       ?                 
2       'Structure Determination and Analysis of Yeast Iso-2-Cytochrome C and a Composite Mutant Protein' J.Mol.Biol.    227 160  
?    1992 JMOBAK UK 0022-2836 0070 ? ?       ?                 
# 
loop_
_citation_author.citation_id 
_citation_author.name 
_citation_author.ordinal 
_citation_author.identifier_ORCID 
primary 'McGee, W.A.'              1  ? 
primary 'Rosell, F.I.'             2  ? 
primary 'Liggins, J.R.'            3  ? 
primary 'Rodriguez-Ghidarpour, S.' 4  ? 
primary 'Luo, Y.'                  5  ? 
primary 'Chen, J.'                 6  ? 
primary 'Brayer, G.D.'             7  ? 
primary 'Mauk, A.G.'               8  ? 
primary 'Nall, B.T.'               9  ? 
1       'Murphy, M.E.P.'           10 ? 
1       'Fetrow, J.S.'             11 ? 
1       'Burton, R.E.'             12 ? 
1       'Brayer, G.D.'             13 ? 
2       'Murphy, M.E.P.'           14 ? 
2       'Nall, B.T.'               15 ? 
2       'Brayer, G.D.'             16 ? 
# 
_cell.entry_id           1YTC 
_cell.length_a           36.660 
_cell.length_b           36.660 
_cell.length_c           138.920 
_cell.angle_alpha        90.00 
_cell.angle_beta         90.00 
_cell.angle_gamma        90.00 
_cell.Z_PDB              8 
_cell.pdbx_unique_axis   ? 
# 
_symmetry.entry_id                         1YTC 
_symmetry.space_group_name_H-M             'P 43 21 2' 
_symmetry.pdbx_full_space_group_name_H-M   ? 
_symmetry.cell_setting                     ? 
_symmetry.Int_Tables_number                96 
# 
loop_
_entity.id 
_entity.type 
_entity.src_method 
_entity.pdbx_description 
_entity.formula_weight 
_entity.pdbx_number_of_molecules 
_entity.pdbx_ec 
_entity.pdbx_mutation 
_entity.pdbx_fragment 
_entity.details 
1 polymer     man 'YEAST ISO-2 CYTOCHROME C' 12465.292 1   ? N52I ? 'REDUCED STATE OF HEME' 
2 non-polymer syn 'SULFATE ION'              96.063    1   ? ?    ? ?                       
3 non-polymer syn 'HEME C'                   618.503   1   ? ?    ? ?                       
4 water       nat water                      18.015    116 ? ?    ? ?                       
# 
_entity_poly.entity_id                      1 
_entity_poly.type                           'polypeptide(L)' 
_entity_poly.nstd_linkage                   no 
_entity_poly.nstd_monomer                   yes 
_entity_poly.pdbx_seq_one_letter_code       
;AKESTGFKPGSAKKGATLFKTRCQQCHTIEEGGPNKVGPNLHGIFGRHSGQVKGYSYTDAIINKNVKWDEDSMSEYLTNP
(M3L)KYIPGTKMAFAGLKKEKDRNDLITYMTKAAK
;
_entity_poly.pdbx_seq_one_letter_code_can   
;AKESTGFKPGSAKKGATLFKTRCQQCHTIEEGGPNKVGPNLHGIFGRHSGQVKGYSYTDAIINKNVKWDEDSMSEYLTNP
KKYIPGTKMAFAGLKKEKDRNDLITYMTKAAK
;
_entity_poly.pdbx_strand_id                 A 
_entity_poly.pdbx_target_identifier         ? 
# 
loop_
_entity_poly_seq.entity_id 
_entity_poly_seq.num 
_entity_poly_seq.mon_id 
_entity_poly_seq.hetero 
1 1   ALA n 
1 2   LYS n 
1 3   GLU n 
1 4   SER n 
1 5   THR n 
1 6   GLY n 
1 7   PHE n 
1 8   LYS n 
1 9   PRO n 
1 10  GLY n 
1 11  SER n 
1 12  ALA n 
1 13  LYS n 
1 14  LYS n 
1 15  GLY n 
1 16  ALA n 
1 17  THR n 
1 18  LEU n 
1 19  PHE n 
1 20  LYS n 
1 21  THR n 
1 22  ARG n 
1 23  CYS n 
1 24  GLN n 
1 25  GLN n 
1 26  CYS n 
1 27  HIS n 
1 28  THR n 
1 29  ILE n 
1 30  GLU n 
1 31  GLU n 
1 32  GLY n 
1 33  GLY n 
1 34  PRO n 
1 35  ASN n 
1 36  LYS n 
1 37  VAL n 
1 38  GLY n 
1 39  PRO n 
1 40  ASN n 
1 41  LEU n 
1 42  HIS n 
1 43  GLY n 
1 44  ILE n 
1 45  PHE n 
1 46  GLY n 
1 47  ARG n 
1 48  HIS n 
1 49  SER n 
1 50  GLY n 
1 51  GLN n 
1 52  VAL n 
1 53  LYS n 
1 54  GLY n 
1 55  TYR n 
1 56  SER n 
1 57  TYR n 
1 58  THR n 
1 59  ASP n 
1 60  ALA n 
1 61  ILE n 
1 62  ILE n 
1 63  ASN n 
1 64  LYS n 
1 65  ASN n 
1 66  VAL n 
1 67  LYS n 
1 68  TRP n 
1 69  ASP n 
1 70  GLU n 
1 71  ASP n 
1 72  SER n 
1 73  MET n 
1 74  SER n 
1 75  GLU n 
1 76  TYR n 
1 77  LEU n 
1 78  THR n 
1 79  ASN n 
1 80  PRO n 
1 81  M3L n 
1 82  LYS n 
1 83  TYR n 
1 84  ILE n 
1 85  PRO n 
1 86  GLY n 
1 87  THR n 
1 88  LYS n 
1 89  MET n 
1 90  ALA n 
1 91  PHE n 
1 92  ALA n 
1 93  GLY n 
1 94  LEU n 
1 95  LYS n 
1 96  LYS n 
1 97  GLU n 
1 98  LYS n 
1 99  ASP n 
1 100 ARG n 
1 101 ASN n 
1 102 ASP n 
1 103 LEU n 
1 104 ILE n 
1 105 THR n 
1 106 TYR n 
1 107 MET n 
1 108 THR n 
1 109 LYS n 
1 110 ALA n 
1 111 ALA n 
1 112 LYS n 
# 
_entity_src_gen.entity_id                          1 
_entity_src_gen.pdbx_src_id                        1 
_entity_src_gen.pdbx_alt_source_flag               sample 
_entity_src_gen.pdbx_seq_type                      ? 
_entity_src_gen.pdbx_beg_seq_num                   ? 
_entity_src_gen.pdbx_end_seq_num                   ? 
_entity_src_gen.gene_src_common_name               
;baker's yeast
;
_entity_src_gen.gene_src_genus                     Saccharomyces 
_entity_src_gen.pdbx_gene_src_gene                 ? 
_entity_src_gen.gene_src_species                   ? 
_entity_src_gen.gene_src_strain                    ? 
_entity_src_gen.gene_src_tissue                    ? 
_entity_src_gen.gene_src_tissue_fraction           ? 
_entity_src_gen.gene_src_details                   ? 
_entity_src_gen.pdbx_gene_src_fragment             ? 
_entity_src_gen.pdbx_gene_src_scientific_name      'Saccharomyces cerevisiae' 
_entity_src_gen.pdbx_gene_src_ncbi_taxonomy_id     4932 
_entity_src_gen.pdbx_gene_src_variant              ? 
_entity_src_gen.pdbx_gene_src_cell_line            ? 
_entity_src_gen.pdbx_gene_src_atcc                 ? 
_entity_src_gen.pdbx_gene_src_organ                ? 
_entity_src_gen.pdbx_gene_src_organelle            ? 
_entity_src_gen.pdbx_gene_src_cell                 ? 
_entity_src_gen.pdbx_gene_src_cellular_location    ? 
_entity_src_gen.host_org_common_name               ? 
_entity_src_gen.pdbx_host_org_scientific_name      'Escherichia coli' 
_entity_src_gen.pdbx_host_org_ncbi_taxonomy_id     562 
_entity_src_gen.host_org_genus                     Escherichia 
_entity_src_gen.pdbx_host_org_gene                 ? 
_entity_src_gen.pdbx_host_org_organ                ? 
_entity_src_gen.host_org_species                   ? 
_entity_src_gen.pdbx_host_org_tissue               ? 
_entity_src_gen.pdbx_host_org_tissue_fraction      ? 
_entity_src_gen.pdbx_host_org_strain               ? 
_entity_src_gen.pdbx_host_org_variant              ? 
_entity_src_gen.pdbx_host_org_cell_line            ? 
_entity_src_gen.pdbx_host_org_atcc                 ? 
_entity_src_gen.pdbx_host_org_culture_collection   ? 
_entity_src_gen.pdbx_host_org_cell                 ? 
_entity_src_gen.pdbx_host_org_organelle            ? 
_entity_src_gen.pdbx_host_org_cellular_location    ? 
_entity_src_gen.pdbx_host_org_vector_type          ? 
_entity_src_gen.pdbx_host_org_vector               ? 
_entity_src_gen.host_org_details                   ? 
_entity_src_gen.expression_system_id               ? 
_entity_src_gen.plasmid_name                       ? 
_entity_src_gen.plasmid_details                    ? 
_entity_src_gen.pdbx_description                   ? 
# 
_struct_ref.id                         1 
_struct_ref.db_name                    UNP 
_struct_ref.db_code                    CYC7_YEAST 
_struct_ref.entity_id                  1 
_struct_ref.pdbx_db_accession          P00045 
_struct_ref.pdbx_align_begin           1 
_struct_ref.pdbx_seq_one_letter_code   
;MAKESTGFKPGSAKKGATLFKTRCQQCHTIEEGGPNKVGPNLHGIFGRHSGQVKGYSYTDANINKNVKWDEDSMSEYLTN
PKKYIPGTKMAFAGLKKEKDRNDLITYMTKAAK
;
_struct_ref.pdbx_db_isoform            ? 
# 
_struct_ref_seq.align_id                      1 
_struct_ref_seq.ref_id                        1 
_struct_ref_seq.pdbx_PDB_id_code              1YTC 
_struct_ref_seq.pdbx_strand_id                A 
_struct_ref_seq.seq_align_beg                 1 
_struct_ref_seq.pdbx_seq_align_beg_ins_code   ? 
_struct_ref_seq.seq_align_end                 112 
_struct_ref_seq.pdbx_seq_align_end_ins_code   ? 
_struct_ref_seq.pdbx_db_accession             P00045 
_struct_ref_seq.db_align_beg                  2 
_struct_ref_seq.pdbx_db_align_beg_ins_code    ? 
_struct_ref_seq.db_align_end                  113 
_struct_ref_seq.pdbx_db_align_end_ins_code    ? 
_struct_ref_seq.pdbx_auth_seq_align_beg       -9 
_struct_ref_seq.pdbx_auth_seq_align_end       103 
# 
_struct_ref_seq_dif.align_id                     1 
_struct_ref_seq_dif.pdbx_pdb_id_code             1YTC 
_struct_ref_seq_dif.mon_id                       ILE 
_struct_ref_seq_dif.pdbx_pdb_strand_id           A 
_struct_ref_seq_dif.seq_num                      61 
_struct_ref_seq_dif.pdbx_pdb_ins_code            ? 
_struct_ref_seq_dif.pdbx_seq_db_name             UNP 
_struct_ref_seq_dif.pdbx_seq_db_accession_code   P00045 
_struct_ref_seq_dif.db_mon_id                    ASN 
_struct_ref_seq_dif.pdbx_seq_db_seq_num          62 
_struct_ref_seq_dif.details                      'engineered mutation' 
_struct_ref_seq_dif.pdbx_auth_seq_num            52 
_struct_ref_seq_dif.pdbx_ordinal                 1 
# 
loop_
_chem_comp.id 
_chem_comp.type 
_chem_comp.mon_nstd_flag 
_chem_comp.name 
_chem_comp.pdbx_synonyms 
_chem_comp.formula 
_chem_comp.formula_weight 
ALA 'L-peptide linking' y ALANINE           ? 'C3 H7 N O2'       89.093  
ARG 'L-peptide linking' y ARGININE          ? 'C6 H15 N4 O2 1'   175.209 
ASN 'L-peptide linking' y ASPARAGINE        ? 'C4 H8 N2 O3'      132.118 
ASP 'L-peptide linking' y 'ASPARTIC ACID'   ? 'C4 H7 N O4'       133.103 
CYS 'L-peptide linking' y CYSTEINE          ? 'C3 H7 N O2 S'     121.158 
GLN 'L-peptide linking' y GLUTAMINE         ? 'C5 H10 N2 O3'     146.144 
GLU 'L-peptide linking' y 'GLUTAMIC ACID'   ? 'C5 H9 N O4'       147.129 
GLY 'peptide linking'   y GLYCINE           ? 'C2 H5 N O2'       75.067  
HEC non-polymer         . 'HEME C'          ? 'C34 H34 Fe N4 O4' 618.503 
HIS 'L-peptide linking' y HISTIDINE         ? 'C6 H10 N3 O2 1'   156.162 
HOH non-polymer         . WATER             ? 'H2 O'             18.015  
ILE 'L-peptide linking' y ISOLEUCINE        ? 'C6 H13 N O2'      131.173 
LEU 'L-peptide linking' y LEUCINE           ? 'C6 H13 N O2'      131.173 
LYS 'L-peptide linking' y LYSINE            ? 'C6 H15 N2 O2 1'   147.195 
M3L 'L-peptide linking' n N-TRIMETHYLLYSINE ? 'C9 H21 N2 O2 1'   189.275 
MET 'L-peptide linking' y METHIONINE        ? 'C5 H11 N O2 S'    149.211 
PHE 'L-peptide linking' y PHENYLALANINE     ? 'C9 H11 N O2'      165.189 
PRO 'L-peptide linking' y PROLINE           ? 'C5 H9 N O2'       115.130 
SER 'L-peptide linking' y SERINE            ? 'C3 H7 N O3'       105.093 
SO4 non-polymer         . 'SULFATE ION'     ? 'O4 S -2'          96.063  
THR 'L-peptide linking' y THREONINE         ? 'C4 H9 N O3'       119.119 
TRP 'L-peptide linking' y TRYPTOPHAN        ? 'C11 H12 N2 O2'    204.225 
TYR 'L-peptide linking' y TYROSINE          ? 'C9 H11 N O3'      181.189 
VAL 'L-peptide linking' y VALINE            ? 'C5 H11 N O2'      117.146 
# 
_exptl.entry_id          1YTC 
_exptl.method            'X-RAY DIFFRACTION' 
_exptl.crystals_number   1 
# 
_exptl_crystal.id                    1 
_exptl_crystal.density_meas          ? 
_exptl_crystal.density_Matthews      1.88 
_exptl_crystal.density_percent_sol   34.50 
_exptl_crystal.description           ? 
# 
_diffrn.id                     1 
_diffrn.ambient_temp           ? 
_diffrn.ambient_temp_details   ? 
_diffrn.crystal_id             1 
# 
_diffrn_detector.diffrn_id              1 
_diffrn_detector.detector               'IMAGE PLATE' 
_diffrn_detector.type                   RIGAKU 
_diffrn_detector.pdbx_collection_date   1992-03-24 
_diffrn_detector.details                ? 
# 
_diffrn_radiation.diffrn_id                        1 
_diffrn_radiation.wavelength_id                    1 
_diffrn_radiation.pdbx_monochromatic_or_laue_m_l   M 
_diffrn_radiation.monochromator                    ? 
_diffrn_radiation.pdbx_diffrn_protocol             ? 
_diffrn_radiation.pdbx_scattering_type             x-ray 
# 
_diffrn_radiation_wavelength.id           1 
_diffrn_radiation_wavelength.wavelength   1.5418 
_diffrn_radiation_wavelength.wt           1.0 
# 
_diffrn_source.diffrn_id                   1 
_diffrn_source.source                      ? 
_diffrn_source.type                        ? 
_diffrn_source.pdbx_synchrotron_site       ? 
_diffrn_source.pdbx_synchrotron_beamline   ? 
_diffrn_source.pdbx_wavelength             ? 
_diffrn_source.pdbx_wavelength_list        1.5418 
# 
_reflns.entry_id                     1YTC 
_reflns.observed_criterion_sigma_I   2. 
_reflns.observed_criterion_sigma_F   ? 
_reflns.d_resolution_low             69.5 
_reflns.d_resolution_high            1.80 
_reflns.number_obs                   9141 
_reflns.number_all                   ? 
_reflns.percent_possible_obs         95.5 
_reflns.pdbx_Rmerge_I_obs            0.06 
_reflns.pdbx_Rsym_value              ? 
_reflns.pdbx_netI_over_sigmaI        ? 
_reflns.B_iso_Wilson_estimate        ? 
_reflns.pdbx_redundancy              6. 
_reflns.pdbx_diffrn_id               1 
_reflns.pdbx_ordinal                 1 
# 
_refine.entry_id                                 1YTC 
_refine.ls_number_reflns_obs                     8985 
_refine.ls_number_reflns_all                     ? 
_refine.pdbx_ls_sigma_I                          ? 
_refine.pdbx_ls_sigma_F                          2. 
_refine.pdbx_data_cutoff_high_absF               ? 
_refine.pdbx_data_cutoff_low_absF                ? 
_refine.pdbx_data_cutoff_high_rms_absF           ? 
_refine.ls_d_res_low                             8. 
_refine.ls_d_res_high                            1.8 
_refine.ls_percent_reflns_obs                    94.8 
_refine.ls_R_factor_obs                          0.162 
_refine.ls_R_factor_all                          ? 
_refine.ls_R_factor_R_work                       0.162 
_refine.ls_R_factor_R_free                       ? 
_refine.ls_R_factor_R_free_error                 ? 
_refine.ls_R_factor_R_free_error_details         ? 
_refine.ls_percent_reflns_R_free                 ? 
_refine.ls_number_reflns_R_free                  ? 
_refine.ls_number_parameters                     ? 
_refine.ls_number_restraints                     ? 
_refine.occupancy_min                            ? 
_refine.occupancy_max                            ? 
_refine.B_iso_mean                               24.00 
_refine.aniso_B[1][1]                            ? 
_refine.aniso_B[2][2]                            ? 
_refine.aniso_B[3][3]                            ? 
_refine.aniso_B[1][2]                            ? 
_refine.aniso_B[1][3]                            ? 
_refine.aniso_B[2][3]                            ? 
_refine.solvent_model_details                    ? 
_refine.solvent_model_param_ksol                 ? 
_refine.solvent_model_param_bsol                 ? 
_refine.pdbx_ls_cross_valid_method               ? 
_refine.details                                  ? 
_refine.pdbx_starting_model                      ? 
_refine.pdbx_method_to_determine_struct          ? 
_refine.pdbx_isotropic_thermal_model             ? 
_refine.pdbx_stereochemistry_target_values       ? 
_refine.pdbx_stereochem_target_val_spec_case     ? 
_refine.pdbx_R_Free_selection_details            ? 
_refine.pdbx_overall_ESU_R                       ? 
_refine.pdbx_overall_ESU_R_Free                  ? 
_refine.overall_SU_ML                            ? 
_refine.overall_SU_B                             ? 
_refine.pdbx_refine_id                           'X-RAY DIFFRACTION' 
_refine.pdbx_diffrn_id                           1 
_refine.pdbx_TLS_residual_ADP_flag               ? 
_refine.correlation_coeff_Fo_to_Fc               ? 
_refine.correlation_coeff_Fo_to_Fc_free          ? 
_refine.pdbx_solvent_vdw_probe_radii             ? 
_refine.pdbx_solvent_ion_probe_radii             ? 
_refine.pdbx_solvent_shrinkage_radii             ? 
_refine.pdbx_overall_phase_error                 ? 
_refine.overall_SU_R_Cruickshank_DPI             ? 
_refine.pdbx_overall_SU_R_free_Cruickshank_DPI   ? 
_refine.pdbx_overall_SU_R_Blow_DPI               ? 
_refine.pdbx_overall_SU_R_free_Blow_DPI          ? 
# 
_refine_analyze.entry_id                        1YTC 
_refine_analyze.Luzzati_coordinate_error_obs    0.16 
_refine_analyze.Luzzati_sigma_a_obs             ? 
_refine_analyze.Luzzati_d_res_low_obs           ? 
_refine_analyze.Luzzati_coordinate_error_free   ? 
_refine_analyze.Luzzati_sigma_a_free            ? 
_refine_analyze.Luzzati_d_res_low_free          ? 
_refine_analyze.number_disordered_residues      ? 
_refine_analyze.occupancy_sum_hydrogen          ? 
_refine_analyze.occupancy_sum_non_hydrogen      ? 
_refine_analyze.pdbx_refine_id                  'X-RAY DIFFRACTION' 
# 
_refine_hist.pdbx_refine_id                   'X-RAY DIFFRACTION' 
_refine_hist.cycle_id                         LAST 
_refine_hist.pdbx_number_atoms_protein        871 
_refine_hist.pdbx_number_atoms_nucleic_acid   0 
_refine_hist.pdbx_number_atoms_ligand         51 
_refine_hist.number_atoms_solvent             116 
_refine_hist.number_atoms_total               1038 
_refine_hist.d_res_high                       1.8 
_refine_hist.d_res_low                        8. 
# 
loop_
_refine_ls_restr.type 
_refine_ls_restr.dev_ideal 
_refine_ls_restr.dev_ideal_target 
_refine_ls_restr.weight 
_refine_ls_restr.number 
_refine_ls_restr.pdbx_refine_id 
_refine_ls_restr.pdbx_restraint_function 
x_bond_d                0.020 ?     ? ? 'X-RAY DIFFRACTION' ? 
x_bond_d_na             ?     ?     ? ? 'X-RAY DIFFRACTION' ? 
x_bond_d_prot           ?     ?     ? ? 'X-RAY DIFFRACTION' ? 
x_angle_d               ?     ?     ? ? 'X-RAY DIFFRACTION' ? 
x_angle_d_na            ?     ?     ? ? 'X-RAY DIFFRACTION' ? 
x_angle_d_prot          ?     ?     ? ? 'X-RAY DIFFRACTION' ? 
x_angle_deg             ?     ?     ? ? 'X-RAY DIFFRACTION' ? 
x_angle_deg_na          ?     ?     ? ? 'X-RAY DIFFRACTION' ? 
x_angle_deg_prot        ?     ?     ? ? 'X-RAY DIFFRACTION' ? 
x_dihedral_angle_d      ?     ?     ? ? 'X-RAY DIFFRACTION' ? 
x_dihedral_angle_d_na   ?     ?     ? ? 'X-RAY DIFFRACTION' ? 
x_dihedral_angle_d_prot ?     ?     ? ? 'X-RAY DIFFRACTION' ? 
x_improper_angle_d      ?     ?     ? ? 'X-RAY DIFFRACTION' ? 
x_improper_angle_d_na   ?     ?     ? ? 'X-RAY DIFFRACTION' ? 
x_improper_angle_d_prot ?     ?     ? ? 'X-RAY DIFFRACTION' ? 
x_mcbond_it             1.937 1.500 ? ? 'X-RAY DIFFRACTION' ? 
x_mcangle_it            2.748 2.500 ? ? 'X-RAY DIFFRACTION' ? 
x_scbond_it             3.549 2.000 ? ? 'X-RAY DIFFRACTION' ? 
x_scangle_it            5.308 3.000 ? ? 'X-RAY DIFFRACTION' ? 
# 
_struct.entry_id                  1YTC 
_struct.title                     'THERMODYNAMIC CYCLES AS PROBES OF STRUCTURE-FUNCTION RELATIONSHIPS IN UNFOLDED PROTEINS' 
_struct.pdbx_model_details        ? 
_struct.pdbx_CASP_flag            ? 
_struct.pdbx_model_type_details   ? 
# 
_struct_keywords.entry_id        1YTC 
_struct_keywords.pdbx_keywords   'ELECTRON TRANSPORT' 
_struct_keywords.text            'ELECTRON TRANSPORT, HEME PROTEIN' 
# 
loop_
_struct_asym.id 
_struct_asym.pdbx_blank_PDB_chainid_flag 
_struct_asym.pdbx_modified 
_struct_asym.entity_id 
_struct_asym.details 
A N N 1 ? 
B N N 2 ? 
C N N 3 ? 
D N N 4 ? 
# 
_struct_biol.id   1 
# 
loop_
_struct_conf.conf_type_id 
_struct_conf.id 
_struct_conf.pdbx_PDB_helix_id 
_struct_conf.beg_label_comp_id 
_struct_conf.beg_label_asym_id 
_struct_conf.beg_label_seq_id 
_struct_conf.pdbx_beg_PDB_ins_code 
_struct_conf.end_label_comp_id 
_struct_conf.end_label_asym_id 
_struct_conf.end_label_seq_id 
_struct_conf.pdbx_end_PDB_ins_code 
_struct_conf.beg_auth_comp_id 
_struct_conf.beg_auth_asym_id 
_struct_conf.beg_auth_seq_id 
_struct_conf.end_auth_comp_id 
_struct_conf.end_auth_asym_id 
_struct_conf.end_auth_seq_id 
_struct_conf.pdbx_PDB_helix_class 
_struct_conf.details 
_struct_conf.pdbx_PDB_helix_length 
HELX_P HELX_P1 1 ALA A 12 ? ARG A 22  ? ALA A 3  ARG A 13  1 ? 11 
HELX_P HELX_P2 2 ILE A 44 ? GLY A 46  ? ILE A 35 GLY A 37  5 ? 3  
HELX_P HELX_P3 3 ASP A 59 ? LYS A 64  ? ASP A 50 LYS A 55  1 ? 6  
HELX_P HELX_P4 4 GLU A 70 ? THR A 78  ? GLU A 61 THR A 69  1 ? 9  
HELX_P HELX_P5 5 PRO A 80 ? TYR A 83  ? PRO A 71 TYR A 74  1 ? 4  
HELX_P HELX_P6 6 GLU A 97 ? ALA A 110 ? GLU A 88 ALA A 101 1 ? 14 
# 
_struct_conf_type.id          HELX_P 
_struct_conf_type.criteria    ? 
_struct_conf_type.reference   ? 
# 
loop_
_struct_conn.id 
_struct_conn.conn_type_id 
_struct_conn.pdbx_leaving_atom_flag 
_struct_conn.pdbx_PDB_id 
_struct_conn.ptnr1_label_asym_id 
_struct_conn.ptnr1_label_comp_id 
_struct_conn.ptnr1_label_seq_id 
_struct_conn.ptnr1_label_atom_id 
_struct_conn.pdbx_ptnr1_label_alt_id 
_struct_conn.pdbx_ptnr1_PDB_ins_code 
_struct_conn.pdbx_ptnr1_standard_comp_id 
_struct_conn.ptnr1_symmetry 
_struct_conn.ptnr2_label_asym_id 
_struct_conn.ptnr2_label_comp_id 
_struct_conn.ptnr2_label_seq_id 
_struct_conn.ptnr2_label_atom_id 
_struct_conn.pdbx_ptnr2_label_alt_id 
_struct_conn.pdbx_ptnr2_PDB_ins_code 
_struct_conn.ptnr1_auth_asym_id 
_struct_conn.ptnr1_auth_comp_id 
_struct_conn.ptnr1_auth_seq_id 
_struct_conn.ptnr2_auth_asym_id 
_struct_conn.ptnr2_auth_comp_id 
_struct_conn.ptnr2_auth_seq_id 
_struct_conn.ptnr2_symmetry 
_struct_conn.pdbx_ptnr3_label_atom_id 
_struct_conn.pdbx_ptnr3_label_seq_id 
_struct_conn.pdbx_ptnr3_label_comp_id 
_struct_conn.pdbx_ptnr3_label_asym_id 
_struct_conn.pdbx_ptnr3_label_alt_id 
_struct_conn.pdbx_ptnr3_PDB_ins_code 
_struct_conn.details 
_struct_conn.pdbx_dist_value 
_struct_conn.pdbx_value_order 
_struct_conn.pdbx_role 
covale1 covale none ? A CYS 23 SG  ? ? ? 1_555 C HEC .  CAB ? ? A CYS 14 A HEC 104 1_555 ? ? ? ? ? ? ? 1.774 ? ? 
covale2 covale none ? A CYS 26 SG  ? ? ? 1_555 C HEC .  CAC ? ? A CYS 17 A HEC 104 1_555 ? ? ? ? ? ? ? 1.823 ? ? 
covale3 covale both ? A PRO 80 C   ? ? ? 1_555 A M3L 81 N   ? ? A PRO 71 A M3L 72  1_555 ? ? ? ? ? ? ? 1.333 ? ? 
covale4 covale both ? A M3L 81 C   ? ? ? 1_555 A LYS 82 N   ? ? A M3L 72 A LYS 73  1_555 ? ? ? ? ? ? ? 1.326 ? ? 
metalc1 metalc ?    ? A HIS 27 NE2 ? ? ? 1_555 C HEC .  FE  ? ? A HIS 18 A HEC 104 1_555 ? ? ? ? ? ? ? 2.040 ? ? 
metalc2 metalc ?    ? A MET 89 SD  ? ? ? 1_555 C HEC .  FE  ? ? A MET 80 A HEC 104 1_555 ? ? ? ? ? ? ? 2.375 ? ? 
# 
loop_
_struct_conn_type.id 
_struct_conn_type.criteria 
_struct_conn_type.reference 
covale ? ? 
metalc ? ? 
# 
loop_
_struct_site.id 
_struct_site.pdbx_evidence_code 
_struct_site.pdbx_auth_asym_id 
_struct_site.pdbx_auth_comp_id 
_struct_site.pdbx_auth_seq_id 
_struct_site.pdbx_auth_ins_code 
_struct_site.pdbx_num_residues 
_struct_site.details 
AC1 Software A SO4 105 ? 9  'BINDING SITE FOR RESIDUE SO4 A 105' 
AC2 Software A HEC 104 ? 24 'BINDING SITE FOR RESIDUE HEC A 104' 
# 
loop_
_struct_site_gen.id 
_struct_site_gen.site_id 
_struct_site_gen.pdbx_num_res 
_struct_site_gen.label_comp_id 
_struct_site_gen.label_asym_id 
_struct_site_gen.label_seq_id 
_struct_site_gen.pdbx_auth_ins_code 
_struct_site_gen.auth_comp_id 
_struct_site_gen.auth_asym_id 
_struct_site_gen.auth_seq_id 
_struct_site_gen.label_atom_id 
_struct_site_gen.label_alt_id 
_struct_site_gen.symmetry 
_struct_site_gen.details 
1  AC1 9  SER A 11  ? SER A 2   . ? 1_555 ? 
2  AC1 9  ALA A 12  ? ALA A 3   . ? 1_555 ? 
3  AC1 9  LYS A 13  ? LYS A 4   . ? 1_555 ? 
4  AC1 9  LYS A 20  ? LYS A 11  . ? 7_465 ? 
5  AC1 9  SER A 56  ? SER A 47  . ? 3_554 ? 
6  AC1 9  LYS A 82  ? LYS A 73  . ? 7_565 ? 
7  AC1 9  HOH D .   ? HOH A 123 . ? 1_555 ? 
8  AC1 9  HOH D .   ? HOH A 140 . ? 1_555 ? 
9  AC1 9  HOH D .   ? HOH A 145 . ? 1_555 ? 
10 AC2 24 ARG A 22  ? ARG A 13  . ? 1_555 ? 
11 AC2 24 CYS A 23  ? CYS A 14  . ? 1_555 ? 
12 AC2 24 CYS A 26  ? CYS A 17  . ? 1_555 ? 
13 AC2 24 HIS A 27  ? HIS A 18  . ? 1_555 ? 
14 AC2 24 GLY A 32  ? GLY A 23  . ? 6_465 ? 
15 AC2 24 VAL A 37  ? VAL A 28  . ? 1_555 ? 
16 AC2 24 ILE A 44  ? ILE A 35  . ? 1_555 ? 
17 AC2 24 SER A 49  ? SER A 40  . ? 1_555 ? 
18 AC2 24 GLY A 50  ? GLY A 41  . ? 1_555 ? 
19 AC2 24 TYR A 55  ? TYR A 46  . ? 1_555 ? 
20 AC2 24 TYR A 57  ? TYR A 48  . ? 1_555 ? 
21 AC2 24 THR A 58  ? THR A 49  . ? 1_555 ? 
22 AC2 24 ILE A 61  ? ILE A 52  . ? 1_555 ? 
23 AC2 24 TRP A 68  ? TRP A 59  . ? 1_555 ? 
24 AC2 24 MET A 73  ? MET A 64  . ? 1_555 ? 
25 AC2 24 LEU A 77  ? LEU A 68  . ? 1_555 ? 
26 AC2 24 THR A 87  ? THR A 78  . ? 1_555 ? 
27 AC2 24 LYS A 88  ? LYS A 79  . ? 1_555 ? 
28 AC2 24 MET A 89  ? MET A 80  . ? 1_555 ? 
29 AC2 24 ALA A 90  ? ALA A 81  . ? 1_555 ? 
30 AC2 24 PHE A 91  ? PHE A 82  . ? 1_555 ? 
31 AC2 24 MET A 107 ? MET A 98  . ? 1_555 ? 
32 AC2 24 HOH D .   ? HOH A 113 . ? 1_555 ? 
33 AC2 24 HOH D .   ? HOH A 117 . ? 1_555 ? 
# 
_atom_sites.entry_id                    1YTC 
_atom_sites.fract_transf_matrix[1][1]   0.02173464 
_atom_sites.fract_transf_matrix[1][2]   -0.00655608 
_atom_sites.fract_transf_matrix[1][3]   0.01512325 
_atom_sites.fract_transf_matrix[2][1]   0.01170986 
_atom_sites.fract_transf_matrix[2][2]   -0.01147257 
_atom_sites.fract_transf_matrix[2][3]   -0.02180249 
_atom_sites.fract_transf_matrix[3][1]   0.00306112 
_atom_sites.fract_transf_matrix[3][2]   0.00629711 
_atom_sites.fract_transf_matrix[3][3]   -0.00166948 
_atom_sites.fract_transf_vector[1]      0.117042 
_atom_sites.fract_transf_vector[2]      0.534697 
_atom_sites.fract_transf_vector[3]      0.055995 
# 
loop_
_atom_type.symbol 
C  
FE 
N  
O  
S  
# 
loop_
_atom_site.group_PDB 
_atom_site.id 
_atom_site.type_symbol 
_atom_site.label_atom_id 
_atom_site.label_alt_id 
_atom_site.label_comp_id 
_atom_site.label_asym_id 
_atom_site.label_entity_id 
_atom_site.label_seq_id 
_atom_site.pdbx_PDB_ins_code 
_atom_site.Cartn_x 
_atom_site.Cartn_y 
_atom_site.Cartn_z 
_atom_site.occupancy 
_atom_site.B_iso_or_equiv 
_atom_site.pdbx_formal_charge 
_atom_site.auth_seq_id 
_atom_site.auth_comp_id 
_atom_site.auth_asym_id 
_atom_site.auth_atom_id 
_atom_site.pdbx_PDB_model_num 
ATOM   1    N  N   . ALA A 1 1   ? -15.426 -0.773  10.873  1.00 92.18 ? -9  ALA A N   1 
ATOM   2    C  CA  . ALA A 1 1   ? -14.193 -1.368  11.389  1.00 92.46 ? -9  ALA A CA  1 
ATOM   3    C  C   . ALA A 1 1   ? -13.461 -2.131  10.281  1.00 92.49 ? -9  ALA A C   1 
ATOM   4    O  O   . ALA A 1 1   ? -14.034 -2.482  9.236   1.00 92.60 ? -9  ALA A O   1 
ATOM   5    C  CB  . ALA A 1 1   ? -14.486 -2.289  12.574  1.00 92.75 ? -9  ALA A CB  1 
ATOM   6    N  N   . LYS A 1 2   ? -12.196 -2.358  10.567  1.00 92.43 ? -8  LYS A N   1 
ATOM   7    C  CA  . LYS A 1 2   ? -11.262 -3.078  9.688   1.00 92.33 ? -8  LYS A CA  1 
ATOM   8    C  C   . LYS A 1 2   ? -11.019 -4.469  10.273  1.00 92.03 ? -8  LYS A C   1 
ATOM   9    O  O   . LYS A 1 2   ? -11.099 -5.495  9.578   1.00 91.83 ? -8  LYS A O   1 
ATOM   10   C  CB  . LYS A 1 2   ? -9.957  -2.323  9.484   1.00 92.12 ? -8  LYS A CB  1 
ATOM   11   C  CG  . LYS A 1 2   ? -9.979  -1.351  8.309   1.00 91.58 ? -8  LYS A CG  1 
ATOM   12   C  CD  . LYS A 1 2   ? -9.772  -2.028  6.971   1.00 91.51 ? -8  LYS A CD  1 
ATOM   13   C  CE  . LYS A 1 2   ? -11.013 -2.490  6.271   1.00 91.48 ? -8  LYS A CE  1 
ATOM   14   N  NZ  . LYS A 1 2   ? -11.664 -1.376  5.528   1.00 92.08 ? -8  LYS A NZ  1 
ATOM   15   N  N   . GLU A 1 3   ? -10.736 -4.434  11.571  1.00 91.72 ? -7  GLU A N   1 
ATOM   16   C  CA  . GLU A 1 3   ? -10.497 -5.667  12.351  1.00 91.25 ? -7  GLU A CA  1 
ATOM   17   C  C   . GLU A 1 3   ? -11.906 -6.153  12.716  1.00 91.10 ? -7  GLU A C   1 
ATOM   18   O  O   . GLU A 1 3   ? -12.374 -6.259  13.848  1.00 91.67 ? -7  GLU A O   1 
ATOM   19   C  CB  . GLU A 1 3   ? -9.612  -5.491  13.551  1.00 90.41 ? -7  GLU A CB  1 
ATOM   20   C  CG  . GLU A 1 3   ? -9.977  -4.573  14.695  1.00 89.07 ? -7  GLU A CG  1 
ATOM   21   C  CD  . GLU A 1 3   ? -10.408 -5.158  15.998  1.00 87.75 ? -7  GLU A CD  1 
ATOM   22   O  OE1 . GLU A 1 3   ? -11.492 -5.660  16.229  1.00 87.00 ? -7  GLU A OE1 1 
ATOM   23   O  OE2 . GLU A 1 3   ? -9.507  -5.066  16.872  1.00 86.97 ? -7  GLU A OE2 1 
ATOM   24   N  N   . SER A 1 4   ? -12.608 -6.423  11.619  1.00 90.49 ? -6  SER A N   1 
ATOM   25   C  CA  . SER A 1 4   ? -13.976 -6.915  11.561  1.00 89.61 ? -6  SER A CA  1 
ATOM   26   C  C   . SER A 1 4   ? -14.298 -7.249  10.090  1.00 87.82 ? -6  SER A C   1 
ATOM   27   O  O   . SER A 1 4   ? -14.599 -8.411  9.748   1.00 88.58 ? -6  SER A O   1 
ATOM   28   C  CB  . SER A 1 4   ? -15.005 -5.965  12.173  1.00 90.82 ? -6  SER A CB  1 
ATOM   29   O  OG  . SER A 1 4   ? -16.213 -6.667  12.496  1.00 91.50 ? -6  SER A OG  1 
ATOM   30   N  N   . THR A 1 5   ? -14.208 -6.211  9.279   1.00 84.19 ? -5  THR A N   1 
ATOM   31   C  CA  . THR A 1 5   ? -14.494 -6.303  7.830   1.00 80.11 ? -5  THR A CA  1 
ATOM   32   C  C   . THR A 1 5   ? -13.324 -5.735  7.049   1.00 76.97 ? -5  THR A C   1 
ATOM   33   O  O   . THR A 1 5   ? -13.033 -4.525  7.071   1.00 76.29 ? -5  THR A O   1 
ATOM   34   C  CB  . THR A 1 5   ? -15.906 -5.650  7.559   1.00 79.76 ? -5  THR A CB  1 
ATOM   35   O  OG1 . THR A 1 5   ? -16.862 -6.443  8.375   1.00 78.60 ? -5  THR A OG1 1 
ATOM   36   C  CG2 . THR A 1 5   ? -16.382 -5.568  6.112   1.00 78.16 ? -5  THR A CG2 1 
ATOM   37   N  N   . GLY A 1 6   ? -12.634 -6.644  6.351   1.00 73.57 ? -4  GLY A N   1 
ATOM   38   C  CA  . GLY A 1 6   ? -11.470 -6.267  5.552   1.00 69.05 ? -4  GLY A CA  1 
ATOM   39   C  C   . GLY A 1 6   ? -10.809 -7.396  4.801   1.00 64.59 ? -4  GLY A C   1 
ATOM   40   O  O   . GLY A 1 6   ? -11.297 -7.905  3.766   1.00 65.57 ? -4  GLY A O   1 
ATOM   41   N  N   . PHE A 1 7   ? -9.652  -7.817  5.323   1.00 59.12 ? -3  PHE A N   1 
ATOM   42   C  CA  . PHE A 1 7   ? -8.881  -8.871  4.677   1.00 52.73 ? -3  PHE A CA  1 
ATOM   43   C  C   . PHE A 1 7   ? -9.151  -10.327 5.043   1.00 48.82 ? -3  PHE A C   1 
ATOM   44   O  O   . PHE A 1 7   ? -9.093  -10.771 6.192   1.00 50.62 ? -3  PHE A O   1 
ATOM   45   C  CB  . PHE A 1 7   ? -7.342  -8.556  4.816   1.00 48.61 ? -3  PHE A CB  1 
ATOM   46   C  CG  . PHE A 1 7   ? -6.481  -9.416  3.925   1.00 43.85 ? -3  PHE A CG  1 
ATOM   47   C  CD1 . PHE A 1 7   ? -6.406  -9.170  2.543   1.00 41.52 ? -3  PHE A CD1 1 
ATOM   48   C  CD2 . PHE A 1 7   ? -5.781  -10.483 4.492   1.00 40.83 ? -3  PHE A CD2 1 
ATOM   49   C  CE1 . PHE A 1 7   ? -5.624  -9.993  1.749   1.00 40.82 ? -3  PHE A CE1 1 
ATOM   50   C  CE2 . PHE A 1 7   ? -4.983  -11.310 3.698   1.00 37.87 ? -3  PHE A CE2 1 
ATOM   51   C  CZ  . PHE A 1 7   ? -4.914  -11.054 2.324   1.00 40.33 ? -3  PHE A CZ  1 
ATOM   52   N  N   . LYS A 1 8   ? -9.372  -11.046 3.971   1.00 42.73 ? -2  LYS A N   1 
ATOM   53   C  CA  . LYS A 1 8   ? -9.603  -12.442 3.712   1.00 36.89 ? -2  LYS A CA  1 
ATOM   54   C  C   . LYS A 1 8   ? -8.666  -12.659 2.478   1.00 32.66 ? -2  LYS A C   1 
ATOM   55   O  O   . LYS A 1 8   ? -8.757  -11.826 1.558   1.00 32.84 ? -2  LYS A O   1 
ATOM   56   C  CB  . LYS A 1 8   ? -10.937 -12.976 3.303   1.00 39.72 ? -2  LYS A CB  1 
ATOM   57   C  CG  . LYS A 1 8   ? -12.190 -12.889 4.141   1.00 42.70 ? -2  LYS A CG  1 
ATOM   58   C  CD  . LYS A 1 8   ? -13.404 -13.549 3.474   1.00 41.52 ? -2  LYS A CD  1 
ATOM   59   C  CE  . LYS A 1 8   ? -13.805 -14.917 4.016   1.00 43.83 ? -2  LYS A CE  1 
ATOM   60   N  NZ  . LYS A 1 8   ? -14.216 -15.806 2.858   1.00 39.43 ? -2  LYS A NZ  1 
ATOM   61   N  N   . PRO A 1 9   ? -7.866  -13.699 2.526   1.00 29.71 ? -1  PRO A N   1 
ATOM   62   C  CA  . PRO A 1 9   ? -6.948  -14.012 1.415   1.00 26.41 ? -1  PRO A CA  1 
ATOM   63   C  C   . PRO A 1 9   ? -7.670  -14.189 0.087   1.00 25.78 ? -1  PRO A C   1 
ATOM   64   O  O   . PRO A 1 9   ? -8.753  -14.814 0.026   1.00 25.16 ? -1  PRO A O   1 
ATOM   65   C  CB  . PRO A 1 9   ? -6.213  -15.267 1.855   1.00 27.01 ? -1  PRO A CB  1 
ATOM   66   C  CG  . PRO A 1 9   ? -6.562  -15.498 3.284   1.00 26.57 ? -1  PRO A CG  1 
ATOM   67   C  CD  . PRO A 1 9   ? -7.769  -14.678 3.632   1.00 28.44 ? -1  PRO A CD  1 
ATOM   68   N  N   . GLY A 1 10  ? -7.085  -13.674 -0.991  1.00 22.74 ? 1   GLY A N   1 
ATOM   69   C  CA  . GLY A 1 10  ? -7.611  -13.751 -2.329  1.00 17.00 ? 1   GLY A CA  1 
ATOM   70   C  C   . GLY A 1 10  ? -6.621  -14.414 -3.269  1.00 17.84 ? 1   GLY A C   1 
ATOM   71   O  O   . GLY A 1 10  ? -5.906  -15.348 -2.885  1.00 19.33 ? 1   GLY A O   1 
ATOM   72   N  N   . SER A 1 11  ? -6.595  -13.918 -4.506  1.00 17.31 ? 2   SER A N   1 
ATOM   73   C  CA  . SER A 1 11  ? -5.688  -14.507 -5.505  1.00 16.67 ? 2   SER A CA  1 
ATOM   74   C  C   . SER A 1 11  ? -4.385  -13.738 -5.616  1.00 15.37 ? 2   SER A C   1 
ATOM   75   O  O   . SER A 1 11  ? -4.398  -12.562 -6.036  1.00 13.28 ? 2   SER A O   1 
ATOM   76   C  CB  . SER A 1 11  ? -6.404  -14.553 -6.863  1.00 16.52 ? 2   SER A CB  1 
ATOM   77   O  OG  . SER A 1 11  ? -5.518  -14.857 -7.907  1.00 15.35 ? 2   SER A OG  1 
ATOM   78   N  N   . ALA A 1 12  ? -3.284  -14.388 -5.303  1.00 15.62 ? 3   ALA A N   1 
ATOM   79   C  CA  . ALA A 1 12  ? -1.964  -13.705 -5.445  1.00 16.68 ? 3   ALA A CA  1 
ATOM   80   C  C   . ALA A 1 12  ? -1.687  -13.459 -6.918  1.00 15.69 ? 3   ALA A C   1 
ATOM   81   O  O   . ALA A 1 12  ? -1.035  -12.449 -7.228  1.00 13.60 ? 3   ALA A O   1 
ATOM   82   C  CB  . ALA A 1 12  ? -0.877  -14.482 -4.776  1.00 16.45 ? 3   ALA A CB  1 
ATOM   83   N  N   . LYS A 1 13  ? -2.129  -14.312 -7.812  1.00 13.99 ? 4   LYS A N   1 
ATOM   84   C  CA  . LYS A 1 13  ? -1.929  -14.214 -9.249  1.00 17.20 ? 4   LYS A CA  1 
ATOM   85   C  C   . LYS A 1 13  ? -2.575  -12.906 -9.718  1.00 17.72 ? 4   LYS A C   1 
ATOM   86   O  O   . LYS A 1 13  ? -1.979  -12.024 -10.354 1.00 17.74 ? 4   LYS A O   1 
ATOM   87   C  CB  . LYS A 1 13  ? -2.533  -15.392 -10.038 1.00 21.93 ? 4   LYS A CB  1 
ATOM   88   C  CG  . LYS A 1 13  ? -1.599  -16.579 -10.186 1.00 31.90 ? 4   LYS A CG  1 
ATOM   89   C  CD  . LYS A 1 13  ? -2.317  -17.862 -10.569 1.00 38.17 ? 4   LYS A CD  1 
ATOM   90   C  CE  . LYS A 1 13  ? -1.422  -19.086 -10.574 1.00 41.39 ? 4   LYS A CE  1 
ATOM   91   N  NZ  . LYS A 1 13  ? -1.409  -19.789 -9.262  1.00 45.45 ? 4   LYS A NZ  1 
ATOM   92   N  N   . LYS A 1 14  ? -3.867  -12.798 -9.328  1.00 15.25 ? 5   LYS A N   1 
ATOM   93   C  CA  . LYS A 1 14  ? -4.630  -11.601 -9.698  1.00 16.48 ? 5   LYS A CA  1 
ATOM   94   C  C   . LYS A 1 14  ? -4.026  -10.341 -9.086  1.00 15.02 ? 5   LYS A C   1 
ATOM   95   O  O   . LYS A 1 14  ? -3.909  -9.263  -9.746  1.00 13.63 ? 5   LYS A O   1 
ATOM   96   C  CB  . LYS A 1 14  ? -6.081  -11.791 -9.209  1.00 21.29 ? 5   LYS A CB  1 
ATOM   97   C  CG  . LYS A 1 14  ? -7.022  -10.788 -9.865  1.00 28.98 ? 5   LYS A CG  1 
ATOM   98   C  CD  . LYS A 1 14  ? -7.866  -11.384 -10.989 1.00 34.22 ? 5   LYS A CD  1 
ATOM   99   C  CE  . LYS A 1 14  ? -8.582  -10.213 -11.705 1.00 37.91 ? 5   LYS A CE  1 
ATOM   100  N  NZ  . LYS A 1 14  ? -9.838  -9.859  -10.966 1.00 37.64 ? 5   LYS A NZ  1 
ATOM   101  N  N   . GLY A 1 15  ? -3.636  -10.465 -7.828  1.00 11.80 ? 6   GLY A N   1 
ATOM   102  C  CA  . GLY A 1 15  ? -3.039  -9.326  -7.112  1.00 12.82 ? 6   GLY A CA  1 
ATOM   103  C  C   . GLY A 1 15  ? -1.757  -8.848  -7.784  1.00 13.18 ? 6   GLY A C   1 
ATOM   104  O  O   . GLY A 1 15  ? -1.516  -7.595  -7.782  1.00 13.61 ? 6   GLY A O   1 
ATOM   105  N  N   . ALA A 1 16  ? -0.960  -9.735  -8.318  1.00 10.92 ? 7   ALA A N   1 
ATOM   106  C  CA  . ALA A 1 16  ? 0.310   -9.350  -8.993  1.00 12.69 ? 7   ALA A CA  1 
ATOM   107  C  C   . ALA A 1 16  ? 0.001   -8.467  -10.187 1.00 13.71 ? 7   ALA A C   1 
ATOM   108  O  O   . ALA A 1 16  ? 0.679   -7.467  -10.453 1.00 14.02 ? 7   ALA A O   1 
ATOM   109  C  CB  . ALA A 1 16  ? 1.106   -10.579 -9.334  1.00 12.73 ? 7   ALA A CB  1 
ATOM   110  N  N   . THR A 1 17  ? -1.037  -8.809  -10.952 1.00 12.66 ? 8   THR A N   1 
ATOM   111  C  CA  . THR A 1 17  ? -1.388  -8.003  -12.138 1.00 13.68 ? 8   THR A CA  1 
ATOM   112  C  C   . THR A 1 17  ? -2.086  -6.734  -11.755 1.00 16.06 ? 8   THR A C   1 
ATOM   113  O  O   . THR A 1 17  ? -1.977  -5.753  -12.552 1.00 16.09 ? 8   THR A O   1 
ATOM   114  C  CB  . THR A 1 17  ? -2.074  -8.869  -13.260 1.00 19.67 ? 8   THR A CB  1 
ATOM   115  O  OG1 . THR A 1 17  ? -3.387  -9.194  -12.739 1.00 18.22 ? 8   THR A OG1 1 
ATOM   116  C  CG2 . THR A 1 17  ? -1.237  -10.107 -13.614 1.00 18.61 ? 8   THR A CG2 1 
ATOM   117  N  N   . LEU A 1 18  ? -2.761  -6.629  -10.619 1.00 14.08 ? 9   LEU A N   1 
ATOM   118  C  CA  . LEU A 1 18  ? -3.362  -5.366  -10.196 1.00 13.02 ? 9   LEU A CA  1 
ATOM   119  C  C   . LEU A 1 18  ? -2.170  -4.461  -9.766  1.00 12.78 ? 9   LEU A C   1 
ATOM   120  O  O   . LEU A 1 18  ? -2.199  -3.241  -10.040 1.00 15.37 ? 9   LEU A O   1 
ATOM   121  C  CB  . LEU A 1 18  ? -4.358  -5.519  -9.057  1.00 14.57 ? 9   LEU A CB  1 
ATOM   122  C  CG  . LEU A 1 18  ? -5.768  -5.977  -9.343  1.00 16.91 ? 9   LEU A CG  1 
ATOM   123  C  CD1 . LEU A 1 18  ? -6.412  -6.474  -8.016  1.00 19.25 ? 9   LEU A CD1 1 
ATOM   124  C  CD2 . LEU A 1 18  ? -6.642  -4.847  -9.920  1.00 19.96 ? 9   LEU A CD2 1 
ATOM   125  N  N   . PHE A 1 19  ? -1.164  -5.061  -9.125  1.00 11.79 ? 10  PHE A N   1 
ATOM   126  C  CA  . PHE A 1 19  ? 0.027   -4.244  -8.725  1.00 11.85 ? 10  PHE A CA  1 
ATOM   127  C  C   . PHE A 1 19  ? 0.697   -3.694  -10.005 1.00 13.53 ? 10  PHE A C   1 
ATOM   128  O  O   . PHE A 1 19  ? 1.067   -2.483  -10.046 1.00 12.67 ? 10  PHE A O   1 
ATOM   129  C  CB  . PHE A 1 19  ? 0.991   -5.019  -7.863  1.00 10.89 ? 10  PHE A CB  1 
ATOM   130  C  CG  . PHE A 1 19  ? 2.139   -4.149  -7.324  1.00 12.01 ? 10  PHE A CG  1 
ATOM   131  C  CD1 . PHE A 1 19  ? 3.292   -4.026  -8.087  1.00 14.57 ? 10  PHE A CD1 1 
ATOM   132  C  CD2 . PHE A 1 19  ? 1.981   -3.519  -6.093  1.00 13.15 ? 10  PHE A CD2 1 
ATOM   133  C  CE1 . PHE A 1 19  ? 4.367   -3.215  -7.645  1.00 15.20 ? 10  PHE A CE1 1 
ATOM   134  C  CE2 . PHE A 1 19  ? 3.080   -2.696  -5.625  1.00 15.44 ? 10  PHE A CE2 1 
ATOM   135  C  CZ  . PHE A 1 19  ? 4.220   -2.570  -6.421  1.00 12.14 ? 10  PHE A CZ  1 
ATOM   136  N  N   . LYS A 1 20  ? 0.867   -4.522  -11.011 1.00 13.55 ? 11  LYS A N   1 
ATOM   137  C  CA  . LYS A 1 20  ? 1.523   -4.096  -12.277 1.00 16.51 ? 11  LYS A CA  1 
ATOM   138  C  C   . LYS A 1 20  ? 0.769   -2.985  -12.984 1.00 17.34 ? 11  LYS A C   1 
ATOM   139  O  O   . LYS A 1 20  ? 1.357   -1.998  -13.487 1.00 18.87 ? 11  LYS A O   1 
ATOM   140  C  CB  . LYS A 1 20  ? 1.774   -5.285  -13.222 1.00 20.42 ? 11  LYS A CB  1 
ATOM   141  C  CG  . LYS A 1 20  ? 2.355   -5.011  -14.595 1.00 30.04 ? 11  LYS A CG  1 
ATOM   142  C  CD  . LYS A 1 20  ? 1.281   -4.625  -15.625 1.00 35.09 ? 11  LYS A CD  1 
ATOM   143  C  CE  . LYS A 1 20  ? 1.798   -3.683  -16.694 1.00 35.58 ? 11  LYS A CE  1 
ATOM   144  N  NZ  . LYS A 1 20  ? 0.636   -3.116  -17.494 1.00 35.83 ? 11  LYS A NZ  1 
ATOM   145  N  N   . THR A 1 21  ? -0.555  -3.136  -13.086 1.00 14.35 ? 12  THR A N   1 
ATOM   146  C  CA  . THR A 1 21  ? -1.365  -2.177  -13.815 1.00 15.54 ? 12  THR A CA  1 
ATOM   147  C  C   . THR A 1 21  ? -1.787  -0.966  -13.034 1.00 15.54 ? 12  THR A C   1 
ATOM   148  O  O   . THR A 1 21  ? -2.200  0.032   -13.670 1.00 17.32 ? 12  THR A O   1 
ATOM   149  C  CB  . THR A 1 21  ? -2.651  -2.897  -14.444 1.00 18.38 ? 12  THR A CB  1 
ATOM   150  O  OG1 . THR A 1 21  ? -3.362  -3.370  -13.256 1.00 21.14 ? 12  THR A OG1 1 
ATOM   151  C  CG2 . THR A 1 21  ? -2.267  -3.984  -15.444 1.00 19.15 ? 12  THR A CG2 1 
ATOM   152  N  N   . ARG A 1 22  ? -1.709  -1.086  -11.699 1.00 13.89 ? 13  ARG A N   1 
ATOM   153  C  CA  . ARG A 1 22  ? -2.120  0.054   -10.910 1.00 14.82 ? 13  ARG A CA  1 
ATOM   154  C  C   . ARG A 1 22  ? -1.085  0.697   -9.997  1.00 12.61 ? 13  ARG A C   1 
ATOM   155  O  O   . ARG A 1 22  ? -1.349  1.880   -9.606  1.00 15.64 ? 13  ARG A O   1 
ATOM   156  C  CB  . ARG A 1 22  ? -3.340  -0.294  -10.004 1.00 19.10 ? 13  ARG A CB  1 
ATOM   157  C  CG  . ARG A 1 22  ? -4.604  -0.778  -10.660 1.00 24.59 ? 13  ARG A CG  1 
ATOM   158  C  CD  . ARG A 1 22  ? -5.180  0.099   -11.720 1.00 31.10 ? 13  ARG A CD  1 
ATOM   159  N  NE  . ARG A 1 22  ? -5.711  1.362   -11.301 1.00 37.43 ? 13  ARG A NE  1 
ATOM   160  C  CZ  . ARG A 1 22  ? -6.912  1.585   -10.720 1.00 43.31 ? 13  ARG A CZ  1 
ATOM   161  N  NH1 . ARG A 1 22  ? -7.803  0.634   -10.427 1.00 39.26 ? 13  ARG A NH1 1 
ATOM   162  N  NH2 . ARG A 1 22  ? -7.200  2.877   -10.417 1.00 46.21 ? 13  ARG A NH2 1 
ATOM   163  N  N   . CYS A 1 23  ? -0.046  0.034   -9.647  1.00 12.44 ? 14  CYS A N   1 
ATOM   164  C  CA  . CYS A 1 23  ? 0.942   0.557   -8.693  1.00 12.57 ? 14  CYS A CA  1 
ATOM   165  C  C   . CYS A 1 23  ? 2.356   0.680   -9.226  1.00 14.11 ? 14  CYS A C   1 
ATOM   166  O  O   . CYS A 1 23  ? 3.087   1.553   -8.660  1.00 11.70 ? 14  CYS A O   1 
ATOM   167  C  CB  . CYS A 1 23  ? 1.051   -0.402  -7.452  1.00 10.78 ? 14  CYS A CB  1 
ATOM   168  S  SG  . CYS A 1 23  ? -0.492  -0.932  -6.711  1.00 12.68 ? 14  CYS A SG  1 
ATOM   169  N  N   . GLN A 1 24  ? 2.696   -0.167  -10.158 1.00 13.11 ? 15  GLN A N   1 
ATOM   170  C  CA  . GLN A 1 24  ? 4.071   -0.209  -10.721 1.00 16.15 ? 15  GLN A CA  1 
ATOM   171  C  C   . GLN A 1 24  ? 4.523   1.104   -11.327 1.00 15.74 ? 15  GLN A C   1 
ATOM   172  O  O   . GLN A 1 24  ? 5.753   1.413   -11.415 1.00 12.82 ? 15  GLN A O   1 
ATOM   173  C  CB  . GLN A 1 24  ? 4.167   -1.412  -11.661 1.00 20.31 ? 15  GLN A CB  1 
ATOM   174  C  CG  . GLN A 1 24  ? 5.482   -1.642  -12.342 1.00 30.29 ? 15  GLN A CG  1 
ATOM   175  C  CD  . GLN A 1 24  ? 5.374   -2.677  -13.456 1.00 35.60 ? 15  GLN A CD  1 
ATOM   176  O  OE1 . GLN A 1 24  ? 4.593   -2.530  -14.416 1.00 34.37 ? 15  GLN A OE1 1 
ATOM   177  N  NE2 . GLN A 1 24  ? 6.196   -3.710  -13.234 1.00 37.65 ? 15  GLN A NE2 1 
ATOM   178  N  N   . GLN A 1 25  ? 3.561   1.899   -11.788 1.00 14.69 ? 16  GLN A N   1 
ATOM   179  C  CA  . GLN A 1 25  ? 3.847   3.214   -12.386 1.00 14.15 ? 16  GLN A CA  1 
ATOM   180  C  C   . GLN A 1 25  ? 4.731   4.002   -11.401 1.00 14.81 ? 16  GLN A C   1 
ATOM   181  O  O   . GLN A 1 25  ? 5.694   4.647   -11.774 1.00 16.56 ? 16  GLN A O   1 
ATOM   182  C  CB  . GLN A 1 25  ? 2.542   3.983   -12.637 1.00 16.95 ? 16  GLN A CB  1 
ATOM   183  C  CG  . GLN A 1 25  ? 2.695   5.332   -13.284 1.00 16.83 ? 16  GLN A CG  1 
ATOM   184  C  CD  . GLN A 1 25  ? 1.546   6.297   -13.160 1.00 21.44 ? 16  GLN A CD  1 
ATOM   185  O  OE1 . GLN A 1 25  ? 0.413   6.015   -12.814 1.00 18.46 ? 16  GLN A OE1 1 
ATOM   186  N  NE2 . GLN A 1 25  ? 1.855   7.580   -13.486 1.00 18.50 ? 16  GLN A NE2 1 
ATOM   187  N  N   . CYS A 1 26  ? 4.377   3.898   -10.105 1.00 12.04 ? 17  CYS A N   1 
ATOM   188  C  CA  . CYS A 1 26  ? 5.169   4.679   -9.136  1.00 11.80 ? 17  CYS A CA  1 
ATOM   189  C  C   . CYS A 1 26  ? 5.909   3.959   -8.037  1.00 13.20 ? 17  CYS A C   1 
ATOM   190  O  O   . CYS A 1 26  ? 6.619   4.591   -7.228  1.00 13.44 ? 17  CYS A O   1 
ATOM   191  C  CB  . CYS A 1 26  ? 4.125   5.609   -8.426  1.00 12.07 ? 17  CYS A CB  1 
ATOM   192  S  SG  . CYS A 1 26  ? 3.096   6.592   -9.531  1.00 13.62 ? 17  CYS A SG  1 
ATOM   193  N  N   . HIS A 1 27  ? 5.792   2.624   -7.971  1.00 11.99 ? 18  HIS A N   1 
ATOM   194  C  CA  . HIS A 1 27  ? 6.458   1.887   -6.893  1.00 11.42 ? 18  HIS A CA  1 
ATOM   195  C  C   . HIS A 1 27  ? 7.077   0.563   -7.369  1.00 11.24 ? 18  HIS A C   1 
ATOM   196  O  O   . HIS A 1 27  ? 6.577   -0.017  -8.308  1.00 12.30 ? 18  HIS A O   1 
ATOM   197  C  CB  . HIS A 1 27  ? 5.375   1.385   -5.845  1.00 7.53  ? 18  HIS A CB  1 
ATOM   198  C  CG  . HIS A 1 27  ? 4.720   2.429   -5.017  1.00 9.36  ? 18  HIS A CG  1 
ATOM   199  N  ND1 . HIS A 1 27  ? 5.287   3.064   -3.948  1.00 11.76 ? 18  HIS A ND1 1 
ATOM   200  C  CD2 . HIS A 1 27  ? 3.459   2.976   -5.131  1.00 9.87  ? 18  HIS A CD2 1 
ATOM   201  C  CE1 . HIS A 1 27  ? 4.423   3.947   -3.409  1.00 10.22 ? 18  HIS A CE1 1 
ATOM   202  N  NE2 . HIS A 1 27  ? 3.310   3.887   -4.127  1.00 10.31 ? 18  HIS A NE2 1 
ATOM   203  N  N   . THR A 1 28  ? 8.102   0.199   -6.652  1.00 8.66  ? 19  THR A N   1 
ATOM   204  C  CA  . THR A 1 28  ? 8.809   -1.085  -6.799  1.00 11.28 ? 19  THR A CA  1 
ATOM   205  C  C   . THR A 1 28  ? 8.456   -1.799  -5.441  1.00 11.56 ? 19  THR A C   1 
ATOM   206  O  O   . THR A 1 28  ? 8.113   -1.117  -4.427  1.00 10.92 ? 19  THR A O   1 
ATOM   207  C  CB  . THR A 1 28  ? 10.301  -1.050  -7.092  1.00 9.47  ? 19  THR A CB  1 
ATOM   208  O  OG1 . THR A 1 28  ? 10.942  -0.413  -5.962  1.00 11.71 ? 19  THR A OG1 1 
ATOM   209  C  CG2 . THR A 1 28  ? 10.632  -0.307  -8.432  1.00 16.73 ? 19  THR A CG2 1 
ATOM   210  N  N   . ILE A 1 29  ? 8.524   -3.135  -5.427  1.00 13.09 ? 20  ILE A N   1 
ATOM   211  C  CA  . ILE A 1 29  ? 8.240   -3.902  -4.203  1.00 12.76 ? 20  ILE A CA  1 
ATOM   212  C  C   . ILE A 1 29  ? 9.338   -4.909  -3.911  1.00 11.27 ? 20  ILE A C   1 
ATOM   213  O  O   . ILE A 1 29  ? 9.341   -5.527  -2.819  1.00 12.86 ? 20  ILE A O   1 
ATOM   214  C  CB  . ILE A 1 29  ? 6.807   -4.576  -4.323  1.00 12.94 ? 20  ILE A CB  1 
ATOM   215  C  CG1 . ILE A 1 29  ? 6.339   -5.086  -2.908  1.00 16.07 ? 20  ILE A CG1 1 
ATOM   216  C  CG2 . ILE A 1 29  ? 6.760   -5.692  -5.381  1.00 14.65 ? 20  ILE A CG2 1 
ATOM   217  C  CD1 . ILE A 1 29  ? 4.784   -5.287  -2.831  1.00 19.30 ? 20  ILE A CD1 1 
ATOM   218  N  N   . GLU A 1 30  ? 10.208  -5.168  -4.858  1.00 13.25 ? 21  GLU A N   1 
ATOM   219  C  CA  . GLU A 1 30  ? 11.278  -6.187  -4.628  1.00 16.41 ? 21  GLU A CA  1 
ATOM   220  C  C   . GLU A 1 30  ? 12.342  -5.643  -3.690  1.00 16.43 ? 21  GLU A C   1 
ATOM   221  O  O   . GLU A 1 30  ? 12.524  -4.415  -3.507  1.00 14.45 ? 21  GLU A O   1 
ATOM   222  C  CB  . GLU A 1 30  ? 11.944  -6.646  -5.908  1.00 21.03 ? 21  GLU A CB  1 
ATOM   223  C  CG  . GLU A 1 30  ? 12.661  -5.722  -6.851  1.00 27.29 ? 21  GLU A CG  1 
ATOM   224  C  CD  . GLU A 1 30  ? 11.848  -4.612  -7.493  1.00 32.78 ? 21  GLU A CD  1 
ATOM   225  O  OE1 . GLU A 1 30  ? 10.623  -4.536  -7.391  1.00 31.33 ? 21  GLU A OE1 1 
ATOM   226  O  OE2 . GLU A 1 30  ? 12.554  -3.783  -8.154  1.00 36.93 ? 21  GLU A OE2 1 
ATOM   227  N  N   . GLU A 1 31  ? 13.071  -6.569  -3.099  1.00 15.28 ? 22  GLU A N   1 
ATOM   228  C  CA  . GLU A 1 31  ? 14.175  -6.265  -2.191  1.00 17.71 ? 22  GLU A CA  1 
ATOM   229  C  C   . GLU A 1 31  ? 15.252  -5.486  -2.982  1.00 15.63 ? 22  GLU A C   1 
ATOM   230  O  O   . GLU A 1 31  ? 15.533  -5.855  -4.123  1.00 16.88 ? 22  GLU A O   1 
ATOM   231  C  CB  . GLU A 1 31  ? 14.795  -7.512  -1.607  1.00 22.74 ? 22  GLU A CB  1 
ATOM   232  C  CG  . GLU A 1 31  ? 15.416  -7.299  -0.226  1.00 33.58 ? 22  GLU A CG  1 
ATOM   233  C  CD  . GLU A 1 31  ? 16.872  -7.114  -0.112  1.00 39.65 ? 22  GLU A CD  1 
ATOM   234  O  OE1 . GLU A 1 31  ? 17.557  -7.823  -0.886  1.00 44.95 ? 22  GLU A OE1 1 
ATOM   235  O  OE2 . GLU A 1 31  ? 17.406  -6.336  0.675   1.00 45.95 ? 22  GLU A OE2 1 
ATOM   236  N  N   . GLY A 1 32  ? 15.760  -4.464  -2.401  1.00 18.22 ? 23  GLY A N   1 
ATOM   237  C  CA  . GLY A 1 32  ? 16.799  -3.645  -3.155  1.00 18.13 ? 23  GLY A CA  1 
ATOM   238  C  C   . GLY A 1 32  ? 16.208  -2.877  -4.316  1.00 18.64 ? 23  GLY A C   1 
ATOM   239  O  O   . GLY A 1 32  ? 17.015  -2.329  -5.131  1.00 18.40 ? 23  GLY A O   1 
ATOM   240  N  N   . GLY A 1 33  ? 14.900  -2.743  -4.456  1.00 17.41 ? 24  GLY A N   1 
ATOM   241  C  CA  . GLY A 1 33  ? 14.306  -1.971  -5.613  1.00 17.80 ? 24  GLY A CA  1 
ATOM   242  C  C   . GLY A 1 33  ? 14.411  -0.498  -5.205  1.00 16.35 ? 24  GLY A C   1 
ATOM   243  O  O   . GLY A 1 33  ? 14.408  -0.156  -4.025  1.00 16.68 ? 24  GLY A O   1 
ATOM   244  N  N   . PRO A 1 34  ? 14.539  0.410   -6.150  1.00 18.56 ? 25  PRO A N   1 
ATOM   245  C  CA  . PRO A 1 34  ? 14.684  1.824   -5.788  1.00 17.99 ? 25  PRO A CA  1 
ATOM   246  C  C   . PRO A 1 34  ? 13.410  2.587   -5.557  1.00 16.72 ? 25  PRO A C   1 
ATOM   247  O  O   . PRO A 1 34  ? 12.340  2.154   -5.936  1.00 14.93 ? 25  PRO A O   1 
ATOM   248  C  CB  . PRO A 1 34  ? 15.367  2.374   -7.061  1.00 19.79 ? 25  PRO A CB  1 
ATOM   249  C  CG  . PRO A 1 34  ? 14.685  1.615   -8.178  1.00 21.61 ? 25  PRO A CG  1 
ATOM   250  C  CD  . PRO A 1 34  ? 14.583  0.182   -7.594  1.00 20.81 ? 25  PRO A CD  1 
ATOM   251  N  N   . ASN A 1 35  ? 13.585  3.774   -4.978  1.00 11.90 ? 26  ASN A N   1 
ATOM   252  C  CA  . ASN A 1 35  ? 12.469  4.702   -4.792  1.00 13.29 ? 26  ASN A CA  1 
ATOM   253  C  C   . ASN A 1 35  ? 12.244  5.332   -6.173  1.00 17.19 ? 26  ASN A C   1 
ATOM   254  O  O   . ASN A 1 35  ? 13.223  5.546   -6.923  1.00 16.03 ? 26  ASN A O   1 
ATOM   255  C  CB  . ASN A 1 35  ? 12.814  5.757   -3.731  1.00 12.69 ? 26  ASN A CB  1 
ATOM   256  C  CG  . ASN A 1 35  ? 12.940  5.232   -2.343  1.00 14.42 ? 26  ASN A CG  1 
ATOM   257  O  OD1 . ASN A 1 35  ? 12.291  4.241   -1.922  1.00 15.19 ? 26  ASN A OD1 1 
ATOM   258  N  ND2 . ASN A 1 35  ? 13.825  5.900   -1.576  1.00 15.13 ? 26  ASN A ND2 1 
ATOM   259  N  N   . LYS A 1 36  ? 11.004  5.634   -6.501  1.00 16.48 ? 27  LYS A N   1 
ATOM   260  C  CA  . LYS A 1 36  ? 10.639  6.262   -7.815  1.00 14.64 ? 27  LYS A CA  1 
ATOM   261  C  C   . LYS A 1 36  ? 9.692   7.399   -7.433  1.00 12.47 ? 27  LYS A C   1 
ATOM   262  O  O   . LYS A 1 36  ? 10.019  8.133   -6.470  1.00 12.69 ? 27  LYS A O   1 
ATOM   263  C  CB  . LYS A 1 36  ? 10.046  5.255   -8.742  1.00 14.49 ? 27  LYS A CB  1 
ATOM   264  C  CG  . LYS A 1 36  ? 10.830  4.002   -9.110  1.00 17.57 ? 27  LYS A CG  1 
ATOM   265  C  CD  . LYS A 1 36  ? 10.241  3.322   -10.319 1.00 23.11 ? 27  LYS A CD  1 
ATOM   266  C  CE  . LYS A 1 36  ? 8.844   2.718   -10.200 1.00 25.34 ? 27  LYS A CE  1 
ATOM   267  N  NZ  . LYS A 1 36  ? 8.356   2.381   -11.591 1.00 25.99 ? 27  LYS A NZ  1 
ATOM   268  N  N   . VAL A 1 37  ? 8.565   7.604   -8.076  1.00 10.16 ? 28  VAL A N   1 
ATOM   269  C  CA  . VAL A 1 37  ? 7.621   8.641   -7.667  1.00 12.28 ? 28  VAL A CA  1 
ATOM   270  C  C   . VAL A 1 37  ? 7.226   8.386   -6.195  1.00 12.33 ? 28  VAL A C   1 
ATOM   271  O  O   . VAL A 1 37  ? 7.085   9.283   -5.373  1.00 9.58  ? 28  VAL A O   1 
ATOM   272  C  CB  . VAL A 1 37  ? 6.411   8.689   -8.618  1.00 11.43 ? 28  VAL A CB  1 
ATOM   273  C  CG1 . VAL A 1 37  ? 5.214   9.493   -8.114  1.00 9.85  ? 28  VAL A CG1 1 
ATOM   274  C  CG2 . VAL A 1 37  ? 6.875   9.281   -9.967  1.00 19.65 ? 28  VAL A CG2 1 
ATOM   275  N  N   . GLY A 1 38  ? 6.984   7.097   -5.937  1.00 11.94 ? 29  GLY A N   1 
ATOM   276  C  CA  . GLY A 1 38  ? 6.590   6.619   -4.573  1.00 12.88 ? 29  GLY A CA  1 
ATOM   277  C  C   . GLY A 1 38  ? 7.788   5.754   -4.089  1.00 11.96 ? 29  GLY A C   1 
ATOM   278  O  O   . GLY A 1 38  ? 8.655   5.306   -4.853  1.00 13.64 ? 29  GLY A O   1 
ATOM   279  N  N   . PRO A 1 39  ? 7.797   5.500   -2.784  1.00 10.39 ? 30  PRO A N   1 
ATOM   280  C  CA  . PRO A 1 39  ? 8.910   4.745   -2.247  1.00 10.74 ? 30  PRO A CA  1 
ATOM   281  C  C   . PRO A 1 39  ? 8.831   3.236   -2.514  1.00 10.61 ? 30  PRO A C   1 
ATOM   282  O  O   . PRO A 1 39  ? 7.768   2.706   -2.853  1.00 11.46 ? 30  PRO A O   1 
ATOM   283  C  CB  . PRO A 1 39  ? 8.784   5.051   -0.749  1.00 11.67 ? 30  PRO A CB  1 
ATOM   284  C  CG  . PRO A 1 39  ? 7.301   5.233   -0.541  1.00 11.53 ? 30  PRO A CG  1 
ATOM   285  C  CD  . PRO A 1 39  ? 6.828   5.992   -1.775  1.00 11.95 ? 30  PRO A CD  1 
ATOM   286  N  N   . ASN A 1 40  ? 9.969   2.577   -2.369  1.00 10.35 ? 31  ASN A N   1 
ATOM   287  C  CA  . ASN A 1 40  ? 9.984   1.076   -2.522  1.00 12.04 ? 31  ASN A CA  1 
ATOM   288  C  C   . ASN A 1 40  ? 9.145   0.559   -1.339  1.00 9.89  ? 31  ASN A C   1 
ATOM   289  O  O   . ASN A 1 40  ? 9.231   1.040   -0.199  1.00 10.49 ? 31  ASN A O   1 
ATOM   290  C  CB  . ASN A 1 40  ? 11.436  0.627   -2.542  1.00 11.01 ? 31  ASN A CB  1 
ATOM   291  C  CG  . ASN A 1 40  ? 11.560  -0.901  -2.377  1.00 8.36  ? 31  ASN A CG  1 
ATOM   292  O  OD1 . ASN A 1 40  ? 11.656  -1.353  -1.231  1.00 14.78 ? 31  ASN A OD1 1 
ATOM   293  N  ND2 . ASN A 1 40  ? 11.511  -1.590  -3.464  1.00 15.22 ? 31  ASN A ND2 1 
ATOM   294  N  N   . LEU A 1 41  ? 8.336   -0.514  -1.618  1.00 10.26 ? 32  LEU A N   1 
ATOM   295  C  CA  . LEU A 1 41  ? 7.435   -1.128  -0.657  1.00 11.61 ? 32  LEU A CA  1 
ATOM   296  C  C   . LEU A 1 41  ? 7.897   -2.441  -0.043  1.00 11.12 ? 32  LEU A C   1 
ATOM   297  O  O   . LEU A 1 41  ? 7.142   -3.020  0.761   1.00 12.18 ? 32  LEU A O   1 
ATOM   298  C  CB  . LEU A 1 41  ? 6.024   -1.301  -1.295  1.00 10.01 ? 32  LEU A CB  1 
ATOM   299  C  CG  . LEU A 1 41  ? 5.423   0.016   -1.883  1.00 13.27 ? 32  LEU A CG  1 
ATOM   300  C  CD1 . LEU A 1 41  ? 4.224   -0.389  -2.716  1.00 14.07 ? 32  LEU A CD1 1 
ATOM   301  C  CD2 . LEU A 1 41  ? 5.044   0.975   -0.749  1.00 12.49 ? 32  LEU A CD2 1 
ATOM   302  N  N   . HIS A 1 42  ? 9.105   -2.857  -0.384  1.00 11.41 ? 33  HIS A N   1 
ATOM   303  C  CA  . HIS A 1 42  ? 9.655   -4.105  0.229   1.00 13.96 ? 33  HIS A CA  1 
ATOM   304  C  C   . HIS A 1 42  ? 9.678   -3.870  1.745   1.00 13.56 ? 33  HIS A C   1 
ATOM   305  O  O   . HIS A 1 42  ? 10.094  -2.783  2.196   1.00 13.54 ? 33  HIS A O   1 
ATOM   306  C  CB  . HIS A 1 42  ? 11.058  -4.522  -0.269  1.00 14.34 ? 33  HIS A CB  1 
ATOM   307  C  CG  . HIS A 1 42  ? 11.202  -6.051  -0.016  1.00 14.43 ? 33  HIS A CG  1 
ATOM   308  N  ND1 . HIS A 1 42  ? 10.581  -6.975  -0.814  1.00 16.76 ? 33  HIS A ND1 1 
ATOM   309  C  CD2 . HIS A 1 42  ? 11.883  -6.688  0.954   1.00 16.28 ? 33  HIS A CD2 1 
ATOM   310  C  CE1 . HIS A 1 42  ? 10.895  -8.187  -0.310  1.00 15.55 ? 33  HIS A CE1 1 
ATOM   311  N  NE2 . HIS A 1 42  ? 11.675  -8.042  0.741   1.00 17.24 ? 33  HIS A NE2 1 
ATOM   312  N  N   . GLY A 1 43  ? 9.232   -4.842  2.529   1.00 10.39 ? 34  GLY A N   1 
ATOM   313  C  CA  . GLY A 1 43  ? 9.137   -4.791  3.979   1.00 12.15 ? 34  GLY A CA  1 
ATOM   314  C  C   . GLY A 1 43  ? 8.105   -3.835  4.537   1.00 12.87 ? 34  GLY A C   1 
ATOM   315  O  O   . GLY A 1 43  ? 8.145   -3.543  5.737   1.00 14.49 ? 34  GLY A O   1 
ATOM   316  N  N   . ILE A 1 44  ? 7.140   -3.352  3.742   1.00 11.51 ? 35  ILE A N   1 
ATOM   317  C  CA  . ILE A 1 44  ? 6.138   -2.402  4.200   1.00 14.23 ? 35  ILE A CA  1 
ATOM   318  C  C   . ILE A 1 44  ? 5.283   -2.886  5.374   1.00 16.41 ? 35  ILE A C   1 
ATOM   319  O  O   . ILE A 1 44  ? 4.959   -2.039  6.211   1.00 12.77 ? 35  ILE A O   1 
ATOM   320  C  CB  . ILE A 1 44  ? 5.284   -1.863  2.982   1.00 16.26 ? 35  ILE A CB  1 
ATOM   321  C  CG1 . ILE A 1 44  ? 4.471   -0.559  3.263   1.00 16.60 ? 35  ILE A CG1 1 
ATOM   322  C  CG2 . ILE A 1 44  ? 4.325   -2.926  2.359   1.00 14.58 ? 35  ILE A CG2 1 
ATOM   323  C  CD1 . ILE A 1 44  ? 5.255   0.644   3.819   1.00 19.43 ? 35  ILE A CD1 1 
ATOM   324  N  N   . PHE A 1 45  ? 4.965   -4.175  5.386   1.00 15.54 ? 36  PHE A N   1 
ATOM   325  C  CA  . PHE A 1 45  ? 4.098   -4.721  6.498   1.00 18.71 ? 36  PHE A CA  1 
ATOM   326  C  C   . PHE A 1 45  ? 4.808   -4.681  7.810   1.00 22.58 ? 36  PHE A C   1 
ATOM   327  O  O   . PHE A 1 45  ? 4.153   -4.525  8.889   1.00 28.19 ? 36  PHE A O   1 
ATOM   328  C  CB  . PHE A 1 45  ? 3.459   -6.023  6.009   1.00 16.65 ? 36  PHE A CB  1 
ATOM   329  C  CG  . PHE A 1 45  ? 2.474   -5.786  4.872   1.00 14.52 ? 36  PHE A CG  1 
ATOM   330  C  CD1 . PHE A 1 45  ? 1.211   -5.243  5.141   1.00 18.79 ? 36  PHE A CD1 1 
ATOM   331  C  CD2 . PHE A 1 45  ? 2.882   -6.097  3.581   1.00 15.05 ? 36  PHE A CD2 1 
ATOM   332  C  CE1 . PHE A 1 45  ? 0.309   -5.001  4.091   1.00 17.97 ? 36  PHE A CE1 1 
ATOM   333  C  CE2 . PHE A 1 45  ? 1.991   -5.882  2.516   1.00 17.84 ? 36  PHE A CE2 1 
ATOM   334  C  CZ  . PHE A 1 45  ? 0.708   -5.321  2.802   1.00 17.58 ? 36  PHE A CZ  1 
ATOM   335  N  N   . GLY A 1 46  ? 6.104   -4.712  7.868   1.00 24.00 ? 37  GLY A N   1 
ATOM   336  C  CA  . GLY A 1 46  ? 6.794   -4.597  9.199   1.00 28.81 ? 37  GLY A CA  1 
ATOM   337  C  C   . GLY A 1 46  ? 7.246   -3.158  9.434   1.00 32.81 ? 37  GLY A C   1 
ATOM   338  O  O   . GLY A 1 46  ? 8.349   -2.987  10.052  1.00 34.79 ? 37  GLY A O   1 
ATOM   339  N  N   . ARG A 1 47  ? 6.459   -2.146  9.001   1.00 27.05 ? 38  ARG A N   1 
ATOM   340  C  CA  . ARG A 1 47  ? 6.909   -0.743  9.166   1.00 24.64 ? 38  ARG A CA  1 
ATOM   341  C  C   . ARG A 1 47  ? 5.836   0.294   9.344   1.00 20.80 ? 38  ARG A C   1 
ATOM   342  O  O   . ARG A 1 47  ? 4.664   0.158   8.949   1.00 21.27 ? 38  ARG A O   1 
ATOM   343  C  CB  . ARG A 1 47  ? 7.687   -0.443  7.853   1.00 22.91 ? 38  ARG A CB  1 
ATOM   344  C  CG  . ARG A 1 47  ? 8.517   0.776   7.725   1.00 28.84 ? 38  ARG A CG  1 
ATOM   345  C  CD  . ARG A 1 47  ? 9.519   0.712   6.648   1.00 23.84 ? 38  ARG A CD  1 
ATOM   346  N  NE  . ARG A 1 47  ? 9.010   0.693   5.283   1.00 21.22 ? 38  ARG A NE  1 
ATOM   347  C  CZ  . ARG A 1 47  ? 9.435   -0.159  4.332   1.00 22.67 ? 38  ARG A CZ  1 
ATOM   348  N  NH1 . ARG A 1 47  ? 10.362  -1.115  4.595   1.00 24.84 ? 38  ARG A NH1 1 
ATOM   349  N  NH2 . ARG A 1 47  ? 8.931   -0.098  3.082   1.00 19.85 ? 38  ARG A NH2 1 
ATOM   350  N  N   . HIS A 1 48  ? 6.242   1.417   9.984   1.00 18.51 ? 39  HIS A N   1 
ATOM   351  C  CA  . HIS A 1 48  ? 5.304   2.534   10.168  1.00 15.76 ? 39  HIS A CA  1 
ATOM   352  C  C   . HIS A 1 48  ? 5.416   3.392   8.876   1.00 14.63 ? 39  HIS A C   1 
ATOM   353  O  O   . HIS A 1 48  ? 6.363   3.203   8.120   1.00 15.83 ? 39  HIS A O   1 
ATOM   354  C  CB  . HIS A 1 48  ? 5.566   3.466   11.333  1.00 18.45 ? 39  HIS A CB  1 
ATOM   355  C  CG  . HIS A 1 48  ? 5.227   2.825   12.648  1.00 21.70 ? 39  HIS A CG  1 
ATOM   356  N  ND1 . HIS A 1 48  ? 6.086   1.967   13.307  1.00 22.74 ? 39  HIS A ND1 1 
ATOM   357  C  CD2 . HIS A 1 48  ? 4.117   2.956   13.395  1.00 19.65 ? 39  HIS A CD2 1 
ATOM   358  C  CE1 . HIS A 1 48  ? 5.486   1.598   14.434  1.00 21.69 ? 39  HIS A CE1 1 
ATOM   359  N  NE2 . HIS A 1 48  ? 4.314   2.168   14.504  1.00 25.40 ? 39  HIS A NE2 1 
ATOM   360  N  N   . SER A 1 49  ? 4.453   4.254   8.681   1.00 14.92 ? 40  SER A N   1 
ATOM   361  C  CA  . SER A 1 49  ? 4.419   5.099   7.470   1.00 14.10 ? 40  SER A CA  1 
ATOM   362  C  C   . SER A 1 49  ? 5.470   6.221   7.524   1.00 17.01 ? 40  SER A C   1 
ATOM   363  O  O   . SER A 1 49  ? 5.816   6.718   8.596   1.00 16.24 ? 40  SER A O   1 
ATOM   364  C  CB  . SER A 1 49  ? 3.007   5.645   7.271   1.00 12.95 ? 40  SER A CB  1 
ATOM   365  O  OG  . SER A 1 49  ? 2.671   6.508   8.359   1.00 14.28 ? 40  SER A OG  1 
ATOM   366  N  N   . GLY A 1 50  ? 5.934   6.575   6.330   1.00 14.63 ? 41  GLY A N   1 
ATOM   367  C  CA  . GLY A 1 50  ? 6.910   7.635   6.112   1.00 15.42 ? 41  GLY A CA  1 
ATOM   368  C  C   . GLY A 1 50  ? 8.286   7.274   6.609   1.00 18.27 ? 41  GLY A C   1 
ATOM   369  O  O   . GLY A 1 50  ? 8.984   8.208   7.067   1.00 19.39 ? 41  GLY A O   1 
ATOM   370  N  N   . GLN A 1 51  ? 8.664   5.965   6.545   1.00 17.33 ? 42  GLN A N   1 
ATOM   371  C  CA  . GLN A 1 51  ? 9.986   5.602   7.062   1.00 19.41 ? 42  GLN A CA  1 
ATOM   372  C  C   . GLN A 1 51  ? 11.043  5.138   6.101   1.00 19.08 ? 42  GLN A C   1 
ATOM   373  O  O   . GLN A 1 51  ? 12.200  4.877   6.573   1.00 21.95 ? 42  GLN A O   1 
ATOM   374  C  CB  . GLN A 1 51  ? 9.821   4.589   8.216   1.00 20.61 ? 42  GLN A CB  1 
ATOM   375  C  CG  . GLN A 1 51  ? 9.082   5.198   9.390   1.00 27.77 ? 42  GLN A CG  1 
ATOM   376  C  CD  . GLN A 1 51  ? 9.834   5.456   10.637  1.00 32.15 ? 42  GLN A CD  1 
ATOM   377  O  OE1 . GLN A 1 51  ? 11.068  5.487   10.759  1.00 37.30 ? 42  GLN A OE1 1 
ATOM   378  N  NE2 . GLN A 1 51  ? 9.044   5.669   11.692  1.00 35.52 ? 42  GLN A NE2 1 
ATOM   379  N  N   . VAL A 1 52  ? 10.837  4.988   4.828   1.00 17.94 ? 43  VAL A N   1 
ATOM   380  C  CA  . VAL A 1 52  ? 11.905  4.543   3.923   1.00 17.28 ? 43  VAL A CA  1 
ATOM   381  C  C   . VAL A 1 52  ? 12.971  5.665   3.807   1.00 18.14 ? 43  VAL A C   1 
ATOM   382  O  O   . VAL A 1 52  ? 12.654  6.826   3.525   1.00 16.01 ? 43  VAL A O   1 
ATOM   383  C  CB  . VAL A 1 52  ? 11.369  4.117   2.543   1.00 16.93 ? 43  VAL A CB  1 
ATOM   384  C  CG1 . VAL A 1 52  ? 12.455  3.644   1.594   1.00 18.36 ? 43  VAL A CG1 1 
ATOM   385  C  CG2 . VAL A 1 52  ? 10.258  3.054   2.661   1.00 17.81 ? 43  VAL A CG2 1 
ATOM   386  N  N   . LYS A 1 53  ? 14.204  5.258   3.956   1.00 18.82 ? 44  LYS A N   1 
ATOM   387  C  CA  . LYS A 1 53  ? 15.388  6.110   3.849   1.00 20.90 ? 44  LYS A CA  1 
ATOM   388  C  C   . LYS A 1 53  ? 15.500  6.730   2.446   1.00 18.12 ? 44  LYS A C   1 
ATOM   389  O  O   . LYS A 1 53  ? 15.245  6.053   1.429   1.00 19.50 ? 44  LYS A O   1 
ATOM   390  C  CB  . LYS A 1 53  ? 16.655  5.323   4.157   1.00 24.00 ? 44  LYS A CB  1 
ATOM   391  C  CG  . LYS A 1 53  ? 16.905  4.038   3.409   1.00 30.95 ? 44  LYS A CG  1 
ATOM   392  C  CD  . LYS A 1 53  ? 15.930  2.905   3.396   1.00 32.89 ? 44  LYS A CD  1 
ATOM   393  C  CE  . LYS A 1 53  ? 15.248  2.478   4.685   1.00 26.74 ? 44  LYS A CE  1 
ATOM   394  N  NZ  . LYS A 1 53  ? 13.971  1.796   4.386   1.00 34.46 ? 44  LYS A NZ  1 
ATOM   395  N  N   . GLY A 1 54  ? 15.859  8.006   2.407   1.00 18.46 ? 45  GLY A N   1 
ATOM   396  C  CA  . GLY A 1 54  ? 16.040  8.680   1.106   1.00 15.29 ? 45  GLY A CA  1 
ATOM   397  C  C   . GLY A 1 54  ? 14.815  9.135   0.382   1.00 18.35 ? 45  GLY A C   1 
ATOM   398  O  O   . GLY A 1 54  ? 14.907  9.770   -0.726  1.00 24.60 ? 45  GLY A O   1 
ATOM   399  N  N   . TYR A 1 55  ? 13.632  8.874   0.852   1.00 16.92 ? 46  TYR A N   1 
ATOM   400  C  CA  . TYR A 1 55  ? 12.409  9.292   0.188   1.00 14.95 ? 46  TYR A CA  1 
ATOM   401  C  C   . TYR A 1 55  ? 11.885  10.569  0.848   1.00 13.64 ? 46  TYR A C   1 
ATOM   402  O  O   . TYR A 1 55  ? 11.880  10.683  2.071   1.00 15.05 ? 46  TYR A O   1 
ATOM   403  C  CB  . TYR A 1 55  ? 11.310  8.155   0.244   1.00 13.34 ? 46  TYR A CB  1 
ATOM   404  C  CG  . TYR A 1 55  ? 10.151  8.563   -0.640  1.00 11.41 ? 46  TYR A CG  1 
ATOM   405  C  CD1 . TYR A 1 55  ? 10.210  8.407   -2.039  1.00 10.66 ? 46  TYR A CD1 1 
ATOM   406  C  CD2 . TYR A 1 55  ? 9.035   9.155   -0.054  1.00 12.11 ? 46  TYR A CD2 1 
ATOM   407  C  CE1 . TYR A 1 55  ? 9.111   8.850   -2.800  1.00 10.43 ? 46  TYR A CE1 1 
ATOM   408  C  CE2 . TYR A 1 55  ? 7.948   9.591   -0.787  1.00 11.81 ? 46  TYR A CE2 1 
ATOM   409  C  CZ  . TYR A 1 55  ? 7.999   9.429   -2.168  1.00 10.61 ? 46  TYR A CZ  1 
ATOM   410  O  OH  . TYR A 1 55  ? 6.933   9.909   -2.879  1.00 11.42 ? 46  TYR A OH  1 
ATOM   411  N  N   . SER A 1 56  ? 11.389  11.471  0.007   1.00 15.26 ? 47  SER A N   1 
ATOM   412  C  CA  . SER A 1 56  ? 10.821  12.734  0.542   1.00 14.35 ? 47  SER A CA  1 
ATOM   413  C  C   . SER A 1 56  ? 9.315   12.577  0.708   1.00 13.82 ? 47  SER A C   1 
ATOM   414  O  O   . SER A 1 56  ? 8.503   12.689  -0.226  1.00 16.74 ? 47  SER A O   1 
ATOM   415  C  CB  . SER A 1 56  ? 11.195  13.922  -0.365  1.00 17.09 ? 47  SER A CB  1 
ATOM   416  O  OG  . SER A 1 56  ? 12.625  13.967  -0.364  1.00 21.92 ? 47  SER A OG  1 
ATOM   417  N  N   . TYR A 1 57  ? 8.904   12.312  1.954   1.00 12.71 ? 48  TYR A N   1 
ATOM   418  C  CA  . TYR A 1 57  ? 7.457   12.152  2.193   1.00 13.50 ? 48  TYR A CA  1 
ATOM   419  C  C   . TYR A 1 57  ? 6.783   13.458  2.584   1.00 14.66 ? 48  TYR A C   1 
ATOM   420  O  O   . TYR A 1 57  ? 7.416   14.389  3.037   1.00 16.04 ? 48  TYR A O   1 
ATOM   421  C  CB  . TYR A 1 57  ? 7.265   11.236  3.436   1.00 13.77 ? 48  TYR A CB  1 
ATOM   422  C  CG  . TYR A 1 57  ? 7.617   9.770   3.270   1.00 14.14 ? 48  TYR A CG  1 
ATOM   423  C  CD1 . TYR A 1 57  ? 6.671   8.885   2.716   1.00 15.62 ? 48  TYR A CD1 1 
ATOM   424  C  CD2 . TYR A 1 57  ? 8.848   9.281   3.647   1.00 13.41 ? 48  TYR A CD2 1 
ATOM   425  C  CE1 . TYR A 1 57  ? 6.959   7.510   2.608   1.00 13.47 ? 48  TYR A CE1 1 
ATOM   426  C  CE2 . TYR A 1 57  ? 9.188   7.934   3.518   1.00 14.38 ? 48  TYR A CE2 1 
ATOM   427  C  CZ  . TYR A 1 57  ? 8.207   7.059   2.980   1.00 13.56 ? 48  TYR A CZ  1 
ATOM   428  O  OH  . TYR A 1 57  ? 8.566   5.732   2.882   1.00 16.58 ? 48  TYR A OH  1 
ATOM   429  N  N   . THR A 1 58  ? 5.442   13.430  2.507   1.00 15.32 ? 49  THR A N   1 
ATOM   430  C  CA  . THR A 1 58  ? 4.678   14.578  3.000   1.00 14.64 ? 49  THR A CA  1 
ATOM   431  C  C   . THR A 1 58  ? 4.729   14.507  4.529   1.00 15.75 ? 49  THR A C   1 
ATOM   432  O  O   . THR A 1 58  ? 4.921   13.446  5.184   1.00 12.37 ? 49  THR A O   1 
ATOM   433  C  CB  . THR A 1 58  ? 3.182   14.606  2.547   1.00 14.64 ? 49  THR A CB  1 
ATOM   434  O  OG1 . THR A 1 58  ? 2.592   13.368  3.092   1.00 15.48 ? 49  THR A OG1 1 
ATOM   435  C  CG2 . THR A 1 58  ? 3.004   14.732  1.042   1.00 11.62 ? 49  THR A CG2 1 
ATOM   436  N  N   . ASP A 1 59  ? 4.498   15.703  5.110   1.00 15.10 ? 50  ASP A N   1 
ATOM   437  C  CA  . ASP A 1 59  ? 4.473   15.763  6.589   1.00 15.17 ? 50  ASP A CA  1 
ATOM   438  C  C   . ASP A 1 59  ? 3.265   14.924  7.093   1.00 14.73 ? 50  ASP A C   1 
ATOM   439  O  O   . ASP A 1 59  ? 3.387   14.327  8.165   1.00 16.37 ? 50  ASP A O   1 
ATOM   440  C  CB  . ASP A 1 59  ? 4.330   17.191  7.077   1.00 22.00 ? 50  ASP A CB  1 
ATOM   441  C  CG  . ASP A 1 59  ? 5.464   18.131  6.887   1.00 28.92 ? 50  ASP A CG  1 
ATOM   442  O  OD1 . ASP A 1 59  ? 6.608   17.835  6.530   1.00 31.40 ? 50  ASP A OD1 1 
ATOM   443  O  OD2 . ASP A 1 59  ? 5.202   19.362  7.117   1.00 35.07 ? 50  ASP A OD2 1 
ATOM   444  N  N   . ALA A 1 60  ? 2.195   14.925  6.332   1.00 13.90 ? 51  ALA A N   1 
ATOM   445  C  CA  . ALA A 1 60  ? 0.977   14.214  6.745   1.00 17.73 ? 51  ALA A CA  1 
ATOM   446  C  C   . ALA A 1 60  ? 1.192   12.732  6.951   1.00 17.18 ? 51  ALA A C   1 
ATOM   447  O  O   . ALA A 1 60  ? 0.720   12.185  8.009   1.00 16.02 ? 51  ALA A O   1 
ATOM   448  C  CB  . ALA A 1 60  ? -0.147  14.451  5.735   1.00 19.30 ? 51  ALA A CB  1 
ATOM   449  N  N   . ILE A 1 61  ? 1.858   12.146  5.937   1.00 15.20 ? 52  ILE A N   1 
ATOM   450  C  CA  . ILE A 1 61  ? 2.054   10.645  6.072   1.00 15.19 ? 52  ILE A CA  1 
ATOM   451  C  C   . ILE A 1 61  ? 2.917   10.268  7.246   1.00 14.57 ? 52  ILE A C   1 
ATOM   452  O  O   . ILE A 1 61  ? 2.704   9.235   7.949   1.00 14.15 ? 52  ILE A O   1 
ATOM   453  C  CB  . ILE A 1 61  ? 2.445   10.016  4.681   1.00 15.03 ? 52  ILE A CB  1 
ATOM   454  C  CG1 . ILE A 1 61  ? 2.025   8.514   4.696   1.00 16.98 ? 52  ILE A CG1 1 
ATOM   455  C  CG2 . ILE A 1 61  ? 3.934   10.207  4.310   1.00 18.42 ? 52  ILE A CG2 1 
ATOM   456  C  CD1 . ILE A 1 61  ? 1.862   7.852   3.295   1.00 19.25 ? 52  ILE A CD1 1 
ATOM   457  N  N   . ILE A 1 62  ? 3.956   11.070  7.507   1.00 17.59 ? 53  ILE A N   1 
ATOM   458  C  CA  . ILE A 1 62  ? 4.845   10.801  8.636   1.00 18.90 ? 53  ILE A CA  1 
ATOM   459  C  C   . ILE A 1 62  ? 4.065   10.946  9.957   1.00 19.79 ? 53  ILE A C   1 
ATOM   460  O  O   . ILE A 1 62  ? 4.134   10.103  10.858  1.00 21.55 ? 53  ILE A O   1 
ATOM   461  C  CB  . ILE A 1 62  ? 6.134   11.687  8.614   1.00 18.23 ? 53  ILE A CB  1 
ATOM   462  C  CG1 . ILE A 1 62  ? 6.877   11.529  7.277   1.00 20.94 ? 53  ILE A CG1 1 
ATOM   463  C  CG2 . ILE A 1 62  ? 7.113   11.305  9.817   1.00 18.37 ? 53  ILE A CG2 1 
ATOM   464  C  CD1 . ILE A 1 62  ? 7.971   12.587  6.997   1.00 18.22 ? 53  ILE A CD1 1 
ATOM   465  N  N   . ASN A 1 63  ? 3.375   12.051  10.055  1.00 21.24 ? 54  ASN A N   1 
ATOM   466  C  CA  . ASN A 1 63  ? 2.567   12.379  11.250  1.00 23.72 ? 54  ASN A CA  1 
ATOM   467  C  C   . ASN A 1 63  ? 1.479   11.367  11.538  1.00 23.96 ? 54  ASN A C   1 
ATOM   468  O  O   . ASN A 1 63  ? 1.160   11.113  12.729  1.00 22.89 ? 54  ASN A O   1 
ATOM   469  C  CB  . ASN A 1 63  ? 1.984   13.776  11.112  1.00 22.54 ? 54  ASN A CB  1 
ATOM   470  C  CG  . ASN A 1 63  ? 2.959   14.877  11.498  1.00 29.67 ? 54  ASN A CG  1 
ATOM   471  O  OD1 . ASN A 1 63  ? 3.834   14.729  12.344  1.00 28.42 ? 54  ASN A OD1 1 
ATOM   472  N  ND2 . ASN A 1 63  ? 2.709   16.021  10.847  1.00 31.67 ? 54  ASN A ND2 1 
ATOM   473  N  N   . LYS A 1 64  ? 0.946   10.837  10.472  1.00 21.66 ? 55  LYS A N   1 
ATOM   474  C  CA  . LYS A 1 64  ? -0.141  9.826   10.626  1.00 24.87 ? 55  LYS A CA  1 
ATOM   475  C  C   . LYS A 1 64  ? 0.375   8.622   11.424  1.00 21.79 ? 55  LYS A C   1 
ATOM   476  O  O   . LYS A 1 64  ? -0.373  8.065   12.216  1.00 25.08 ? 55  LYS A O   1 
ATOM   477  C  CB  . LYS A 1 64  ? -0.706  9.449   9.276   1.00 27.31 ? 55  LYS A CB  1 
ATOM   478  C  CG  . LYS A 1 64  ? -1.860  8.486   9.195   1.00 29.54 ? 55  LYS A CG  1 
ATOM   479  C  CD  . LYS A 1 64  ? -3.178  8.936   9.774   1.00 33.46 ? 55  LYS A CD  1 
ATOM   480  C  CE  . LYS A 1 64  ? -4.225  7.835   9.494   1.00 34.43 ? 55  LYS A CE  1 
ATOM   481  N  NZ  . LYS A 1 64  ? -5.554  8.244   9.996   1.00 35.26 ? 55  LYS A NZ  1 
ATOM   482  N  N   . ASN A 1 65  ? 1.594   8.214   11.213  1.00 19.03 ? 56  ASN A N   1 
ATOM   483  C  CA  . ASN A 1 65  ? 2.400   7.197   11.790  1.00 19.09 ? 56  ASN A CA  1 
ATOM   484  C  C   . ASN A 1 65  ? 1.655   5.838   11.852  1.00 21.01 ? 56  ASN A C   1 
ATOM   485  O  O   . ASN A 1 65  ? 1.566   5.135   12.861  1.00 22.47 ? 56  ASN A O   1 
ATOM   486  C  CB  . ASN A 1 65  ? 2.871   7.706   13.187  1.00 20.32 ? 56  ASN A CB  1 
ATOM   487  C  CG  . ASN A 1 65  ? 3.818   6.714   13.869  1.00 25.47 ? 56  ASN A CG  1 
ATOM   488  O  OD1 . ASN A 1 65  ? 4.823   6.282   13.257  1.00 27.48 ? 56  ASN A OD1 1 
ATOM   489  N  ND2 . ASN A 1 65  ? 3.478   6.332   15.097  1.00 26.08 ? 56  ASN A ND2 1 
ATOM   490  N  N   . VAL A 1 66  ? 1.098   5.494   10.696  1.00 19.82 ? 57  VAL A N   1 
ATOM   491  C  CA  . VAL A 1 66  ? 0.368   4.209   10.633  1.00 20.81 ? 57  VAL A CA  1 
ATOM   492  C  C   . VAL A 1 66  ? 1.331   3.044   10.611  1.00 20.64 ? 57  VAL A C   1 
ATOM   493  O  O   . VAL A 1 66  ? 2.326   2.974   9.896   1.00 20.69 ? 57  VAL A O   1 
ATOM   494  C  CB  . VAL A 1 66  ? -0.501  4.071   9.330   1.00 20.75 ? 57  VAL A CB  1 
ATOM   495  C  CG1 . VAL A 1 66  ? -1.643  3.039   9.649   1.00 25.48 ? 57  VAL A CG1 1 
ATOM   496  C  CG2 . VAL A 1 66  ? -1.007  5.284   8.687   1.00 27.29 ? 57  VAL A CG2 1 
ATOM   497  N  N   . LYS A 1 67  ? 0.919   1.997   11.405  1.00 21.92 ? 58  LYS A N   1 
ATOM   498  C  CA  . LYS A 1 67  ? 1.815   0.778   11.336  1.00 22.79 ? 58  LYS A CA  1 
ATOM   499  C  C   . LYS A 1 67  ? 1.074   -0.081  10.282  1.00 22.21 ? 58  LYS A C   1 
ATOM   500  O  O   . LYS A 1 67  ? -0.036  -0.596  10.548  1.00 22.36 ? 58  LYS A O   1 
ATOM   501  C  CB  . LYS A 1 67  ? 2.069   0.069   12.610  1.00 30.45 ? 58  LYS A CB  1 
ATOM   502  C  CG  . LYS A 1 67  ? 0.962   -0.269  13.533  1.00 38.17 ? 58  LYS A CG  1 
ATOM   503  C  CD  . LYS A 1 67  ? 0.723   0.733   14.656  1.00 45.35 ? 58  LYS A CD  1 
ATOM   504  C  CE  . LYS A 1 67  ? 1.257   0.306   16.020  1.00 46.38 ? 58  LYS A CE  1 
ATOM   505  N  NZ  . LYS A 1 67  ? 0.687   1.251   17.065  1.00 49.96 ? 58  LYS A NZ  1 
ATOM   506  N  N   . TRP A 1 68  ? 1.618   -0.193  9.112   1.00 18.52 ? 59  TRP A N   1 
ATOM   507  C  CA  . TRP A 1 68  ? 0.941   -0.932  8.033   1.00 16.72 ? 59  TRP A CA  1 
ATOM   508  C  C   . TRP A 1 68  ? 0.689   -2.414  8.316   1.00 18.02 ? 59  TRP A C   1 
ATOM   509  O  O   . TRP A 1 68  ? 1.572   -3.148  8.720   1.00 16.12 ? 59  TRP A O   1 
ATOM   510  C  CB  . TRP A 1 68  ? 1.721   -0.793  6.740   1.00 15.59 ? 59  TRP A CB  1 
ATOM   511  C  CG  . TRP A 1 68  ? 1.870   0.596   6.227   1.00 17.06 ? 59  TRP A CG  1 
ATOM   512  C  CD1 . TRP A 1 68  ? 3.030   1.343   6.094   1.00 15.51 ? 59  TRP A CD1 1 
ATOM   513  C  CD2 . TRP A 1 68  ? 0.794   1.418   5.744   1.00 16.70 ? 59  TRP A CD2 1 
ATOM   514  N  NE1 . TRP A 1 68  ? 2.683   2.559   5.560   1.00 13.85 ? 59  TRP A NE1 1 
ATOM   515  C  CE2 . TRP A 1 68  ? 1.368   2.638   5.325   1.00 13.85 ? 59  TRP A CE2 1 
ATOM   516  C  CE3 . TRP A 1 68  ? -0.591  1.208   5.633   1.00 15.99 ? 59  TRP A CE3 1 
ATOM   517  C  CZ2 . TRP A 1 68  ? 0.589   3.685   4.804   1.00 17.02 ? 59  TRP A CZ2 1 
ATOM   518  C  CZ3 . TRP A 1 68  ? -1.373  2.229   5.093   1.00 18.36 ? 59  TRP A CZ3 1 
ATOM   519  C  CH2 . TRP A 1 68  ? -0.777  3.455   4.704   1.00 16.72 ? 59  TRP A CH2 1 
ATOM   520  N  N   . ASP A 1 69  ? -0.546  -2.748  8.007   1.00 17.65 ? 60  ASP A N   1 
ATOM   521  C  CA  . ASP A 1 69  ? -1.034  -4.160  8.139   1.00 19.59 ? 60  ASP A CA  1 
ATOM   522  C  C   . ASP A 1 69  ? -2.092  -4.272  7.038   1.00 19.00 ? 60  ASP A C   1 
ATOM   523  O  O   . ASP A 1 69  ? -2.375  -3.337  6.291   1.00 16.78 ? 60  ASP A O   1 
ATOM   524  C  CB  . ASP A 1 69  ? -1.535  -4.479  9.517   1.00 23.23 ? 60  ASP A CB  1 
ATOM   525  C  CG  . ASP A 1 69  ? -2.746  -3.786  10.027  1.00 26.18 ? 60  ASP A CG  1 
ATOM   526  O  OD1 . ASP A 1 69  ? -3.505  -3.144  9.275   1.00 26.59 ? 60  ASP A OD1 1 
ATOM   527  O  OD2 . ASP A 1 69  ? -3.024  -3.798  11.250  1.00 34.71 ? 60  ASP A OD2 1 
ATOM   528  N  N   . GLU A 1 70  ? -2.707  -5.477  7.009   1.00 18.18 ? 61  GLU A N   1 
ATOM   529  C  CA  . GLU A 1 70  ? -3.709  -5.658  5.948   1.00 19.10 ? 61  GLU A CA  1 
ATOM   530  C  C   . GLU A 1 70  ? -4.893  -4.737  6.019   1.00 17.73 ? 61  GLU A C   1 
ATOM   531  O  O   . GLU A 1 70  ? -5.386  -4.303  4.960   1.00 19.22 ? 61  GLU A O   1 
ATOM   532  C  CB  . GLU A 1 70  ? -4.143  -7.137  5.875   1.00 22.12 ? 61  GLU A CB  1 
ATOM   533  C  CG  . GLU A 1 70  ? -2.962  -8.051  5.554   1.00 26.39 ? 61  GLU A CG  1 
ATOM   534  C  CD  . GLU A 1 70  ? -2.144  -8.616  6.650   1.00 31.97 ? 61  GLU A CD  1 
ATOM   535  O  OE1 . GLU A 1 70  ? -1.878  -7.875  7.629   1.00 33.55 ? 61  GLU A OE1 1 
ATOM   536  O  OE2 . GLU A 1 70  ? -1.738  -9.796  6.602   1.00 33.64 ? 61  GLU A OE2 1 
ATOM   537  N  N   . ASP A 1 71  ? -5.341  -4.417  7.194   1.00 18.63 ? 62  ASP A N   1 
ATOM   538  C  CA  . ASP A 1 71  ? -6.504  -3.550  7.450   1.00 19.82 ? 62  ASP A CA  1 
ATOM   539  C  C   . ASP A 1 71  ? -6.218  -2.094  7.115   1.00 17.53 ? 62  ASP A C   1 
ATOM   540  O  O   . ASP A 1 71  ? -6.991  -1.515  6.343   1.00 16.88 ? 62  ASP A O   1 
ATOM   541  C  CB  . ASP A 1 71  ? -7.000  -3.851  8.861   1.00 28.18 ? 62  ASP A CB  1 
ATOM   542  C  CG  . ASP A 1 71  ? -7.495  -5.288  9.048   1.00 34.44 ? 62  ASP A CG  1 
ATOM   543  O  OD1 . ASP A 1 71  ? -7.879  -6.043  8.125   1.00 35.26 ? 62  ASP A OD1 1 
ATOM   544  O  OD2 . ASP A 1 71  ? -7.471  -5.697  10.250  1.00 39.56 ? 62  ASP A OD2 1 
ATOM   545  N  N   . SER A 1 72  ? -5.159  -1.511  7.644   1.00 17.84 ? 63  SER A N   1 
ATOM   546  C  CA  . SER A 1 72  ? -4.858  -0.078  7.288   1.00 17.31 ? 63  SER A CA  1 
ATOM   547  C  C   . SER A 1 72  ? -4.532  -0.014  5.811   1.00 16.04 ? 63  SER A C   1 
ATOM   548  O  O   . SER A 1 72  ? -4.911  0.961   5.126   1.00 16.68 ? 63  SER A O   1 
ATOM   549  C  CB  . SER A 1 72  ? -3.765  0.535   8.126   1.00 18.31 ? 63  SER A CB  1 
ATOM   550  O  OG  . SER A 1 72  ? -2.672  -0.386  8.228   1.00 21.39 ? 63  SER A OG  1 
ATOM   551  N  N   . MET A 1 73  ? -3.849  -1.048  5.278   1.00 13.68 ? 64  MET A N   1 
ATOM   552  C  CA  . MET A 1 73  ? -3.537  -1.006  3.825   1.00 14.40 ? 64  MET A CA  1 
ATOM   553  C  C   . MET A 1 73  ? -4.832  -0.960  3.006   1.00 13.23 ? 64  MET A C   1 
ATOM   554  O  O   . MET A 1 73  ? -4.985  -0.169  2.033   1.00 13.53 ? 64  MET A O   1 
ATOM   555  C  CB  . MET A 1 73  ? -2.577  -2.149  3.489   1.00 13.50 ? 64  MET A CB  1 
ATOM   556  C  CG  . MET A 1 73  ? -2.141  -2.159  2.040   1.00 17.07 ? 64  MET A CG  1 
ATOM   557  S  SD  . MET A 1 73  ? -1.064  -0.699  1.737   1.00 16.21 ? 64  MET A SD  1 
ATOM   558  C  CE  . MET A 1 73  ? 0.373   -1.164  2.662   1.00 16.10 ? 64  MET A CE  1 
ATOM   559  N  N   . SER A 1 74  ? -5.824  -1.764  3.361   1.00 14.85 ? 65  SER A N   1 
ATOM   560  C  CA  . SER A 1 74  ? -7.141  -1.859  2.726   1.00 15.37 ? 65  SER A CA  1 
ATOM   561  C  C   . SER A 1 74  ? -7.828  -0.482  2.778   1.00 13.76 ? 65  SER A C   1 
ATOM   562  O  O   . SER A 1 74  ? -8.348  -0.003  1.765   1.00 17.20 ? 65  SER A O   1 
ATOM   563  C  CB  . SER A 1 74  ? -8.030  -2.936  3.381   1.00 17.63 ? 65  SER A CB  1 
ATOM   564  O  OG  . SER A 1 74  ? -9.206  -3.062  2.568   1.00 18.61 ? 65  SER A OG  1 
ATOM   565  N  N   . GLU A 1 75  ? -7.788  0.181   3.916   1.00 16.50 ? 66  GLU A N   1 
ATOM   566  C  CA  . GLU A 1 75  ? -8.393  1.518   4.056   1.00 18.50 ? 66  GLU A CA  1 
ATOM   567  C  C   . GLU A 1 75  ? -7.699  2.575   3.186   1.00 17.14 ? 66  GLU A C   1 
ATOM   568  O  O   . GLU A 1 75  ? -8.369  3.339   2.467   1.00 15.94 ? 66  GLU A O   1 
ATOM   569  C  CB  . GLU A 1 75  ? -8.371  2.065   5.477   1.00 23.73 ? 66  GLU A CB  1 
ATOM   570  C  CG  . GLU A 1 75  ? -9.053  1.272   6.553   1.00 34.17 ? 66  GLU A CG  1 
ATOM   571  C  CD  . GLU A 1 75  ? -9.326  2.023   7.833   1.00 42.93 ? 66  GLU A CD  1 
ATOM   572  O  OE1 . GLU A 1 75  ? -10.102 3.009   7.660   1.00 46.28 ? 66  GLU A OE1 1 
ATOM   573  O  OE2 . GLU A 1 75  ? -8.820  1.680   8.895   1.00 46.22 ? 66  GLU A OE2 1 
ATOM   574  N  N   . TYR A 1 76  ? -6.360  2.603   3.276   1.00 16.21 ? 67  TYR A N   1 
ATOM   575  C  CA  . TYR A 1 76  ? -5.632  3.565   2.457   1.00 17.86 ? 67  TYR A CA  1 
ATOM   576  C  C   . TYR A 1 76  ? -5.931  3.359   0.969   1.00 18.11 ? 67  TYR A C   1 
ATOM   577  O  O   . TYR A 1 76  ? -6.121  4.322   0.241   1.00 14.11 ? 67  TYR A O   1 
ATOM   578  C  CB  . TYR A 1 76  ? -4.140  3.548   2.698   1.00 18.95 ? 67  TYR A CB  1 
ATOM   579  C  CG  . TYR A 1 76  ? -3.189  4.578   2.118   1.00 19.94 ? 67  TYR A CG  1 
ATOM   580  C  CD1 . TYR A 1 76  ? -3.341  5.941   2.289   1.00 17.57 ? 67  TYR A CD1 1 
ATOM   581  C  CD2 . TYR A 1 76  ? -2.071  4.167   1.375   1.00 20.02 ? 67  TYR A CD2 1 
ATOM   582  C  CE1 . TYR A 1 76  ? -2.417  6.864   1.740   1.00 17.42 ? 67  TYR A CE1 1 
ATOM   583  C  CE2 . TYR A 1 76  ? -1.136  5.034   0.817   1.00 19.20 ? 67  TYR A CE2 1 
ATOM   584  C  CZ  . TYR A 1 76  ? -1.304  6.395   0.999   1.00 15.59 ? 67  TYR A CZ  1 
ATOM   585  O  OH  . TYR A 1 76  ? -0.463  7.330   0.525   1.00 18.33 ? 67  TYR A OH  1 
ATOM   586  N  N   . LEU A 1 77  ? -5.953  2.090   0.503   1.00 14.82 ? 68  LEU A N   1 
ATOM   587  C  CA  . LEU A 1 77  ? -6.192  1.828   -0.927  1.00 15.74 ? 68  LEU A CA  1 
ATOM   588  C  C   . LEU A 1 77  ? -7.592  2.123   -1.390  1.00 14.15 ? 68  LEU A C   1 
ATOM   589  O  O   . LEU A 1 77  ? -7.783  2.333   -2.609  1.00 14.74 ? 68  LEU A O   1 
ATOM   590  C  CB  . LEU A 1 77  ? -5.600  0.445   -1.263  1.00 14.78 ? 68  LEU A CB  1 
ATOM   591  C  CG  . LEU A 1 77  ? -4.094  0.280   -0.988  1.00 15.86 ? 68  LEU A CG  1 
ATOM   592  C  CD1 . LEU A 1 77  ? -3.739  -1.162  -1.369  1.00 19.45 ? 68  LEU A CD1 1 
ATOM   593  C  CD2 . LEU A 1 77  ? -3.193  1.205   -1.811  1.00 18.83 ? 68  LEU A CD2 1 
ATOM   594  N  N   . THR A 1 78  ? -8.540  2.116   -0.432  1.00 15.31 ? 69  THR A N   1 
ATOM   595  C  CA  . THR A 1 78  ? -9.931  2.451   -0.771  1.00 15.84 ? 69  THR A CA  1 
ATOM   596  C  C   . THR A 1 78  ? -9.996  3.920   -1.229  1.00 16.40 ? 69  THR A C   1 
ATOM   597  O  O   . THR A 1 78  ? -10.678 4.260   -2.213  1.00 17.62 ? 69  THR A O   1 
ATOM   598  C  CB  . THR A 1 78  ? -10.918 2.245   0.420   1.00 17.10 ? 69  THR A CB  1 
ATOM   599  O  OG1 . THR A 1 78  ? -10.761 0.879   0.870   1.00 16.21 ? 69  THR A OG1 1 
ATOM   600  C  CG2 . THR A 1 78  ? -12.405 2.569   0.052   1.00 19.50 ? 69  THR A CG2 1 
ATOM   601  N  N   . ASN A 1 79  ? -9.351  4.783   -0.474  1.00 16.74 ? 70  ASN A N   1 
ATOM   602  C  CA  . ASN A 1 79  ? -9.320  6.258   -0.782  1.00 17.66 ? 70  ASN A CA  1 
ATOM   603  C  C   . ASN A 1 79  ? -8.180  6.835   0.047   1.00 14.17 ? 70  ASN A C   1 
ATOM   604  O  O   . ASN A 1 79  ? -8.288  7.122   1.262   1.00 15.76 ? 70  ASN A O   1 
ATOM   605  C  CB  . ASN A 1 79  ? -10.682 6.900   -0.524  1.00 21.22 ? 70  ASN A CB  1 
ATOM   606  C  CG  . ASN A 1 79  ? -10.762 8.308   -1.138  1.00 28.37 ? 70  ASN A CG  1 
ATOM   607  O  OD1 . ASN A 1 79  ? -11.824 8.668   -1.714  1.00 33.35 ? 70  ASN A OD1 1 
ATOM   608  N  ND2 . ASN A 1 79  ? -9.739  9.141   -1.066  1.00 27.86 ? 70  ASN A ND2 1 
ATOM   609  N  N   . PRO A 1 80  ? -7.014  6.930   -0.598  1.00 12.80 ? 71  PRO A N   1 
ATOM   610  C  CA  . PRO A 1 80  ? -5.819  7.389   0.082   1.00 12.45 ? 71  PRO A CA  1 
ATOM   611  C  C   . PRO A 1 80  ? -5.971  8.718   0.823   1.00 11.61 ? 71  PRO A C   1 
ATOM   612  O  O   . PRO A 1 80  ? -5.544  8.826   1.983   1.00 11.90 ? 71  PRO A O   1 
ATOM   613  C  CB  . PRO A 1 80  ? -4.780  7.455   -1.049  1.00 13.25 ? 71  PRO A CB  1 
ATOM   614  C  CG  . PRO A 1 80  ? -5.253  6.484   -2.117  1.00 14.51 ? 71  PRO A CG  1 
ATOM   615  C  CD  . PRO A 1 80  ? -6.795  6.561   -2.009  1.00 15.36 ? 71  PRO A CD  1 
HETATM 616  N  N   . M3L A 1 81  ? -6.552  9.706   0.142   1.00 14.45 ? 72  M3L A N   1 
HETATM 617  C  CA  . M3L A 1 81  ? -6.650  11.063  0.762   1.00 15.96 ? 72  M3L A CA  1 
HETATM 618  C  CB  . M3L A 1 81  ? -6.805  12.165  -0.310  1.00 17.93 ? 72  M3L A CB  1 
HETATM 619  C  CG  . M3L A 1 81  ? -5.507  12.308  -1.134  1.00 18.78 ? 72  M3L A CG  1 
HETATM 620  C  CD  . M3L A 1 81  ? -5.658  13.249  -2.338  1.00 17.81 ? 72  M3L A CD  1 
HETATM 621  C  CE  . M3L A 1 81  ? -4.325  13.320  -3.058  1.00 18.18 ? 72  M3L A CE  1 
HETATM 622  N  NZ  . M3L A 1 81  ? -4.339  14.307  -4.169  1.00 21.93 ? 72  M3L A NZ  1 
HETATM 623  C  C   . M3L A 1 81  ? -7.647  11.156  1.868   1.00 17.86 ? 72  M3L A C   1 
HETATM 624  O  O   . M3L A 1 81  ? -7.506  11.999  2.783   1.00 14.59 ? 72  M3L A O   1 
HETATM 625  C  CM1 . M3L A 1 81  ? -4.654  15.654  -3.640  1.00 22.58 ? 72  M3L A CM1 1 
HETATM 626  C  CM2 . M3L A 1 81  ? -2.964  14.305  -4.773  1.00 17.96 ? 72  M3L A CM2 1 
HETATM 627  C  CM3 . M3L A 1 81  ? -5.379  13.896  -5.152  1.00 25.56 ? 72  M3L A CM3 1 
ATOM   628  N  N   . LYS A 1 82  ? -8.655  10.294  1.853   1.00 17.76 ? 73  LYS A N   1 
ATOM   629  C  CA  . LYS A 1 82  ? -9.667  10.293  2.940   1.00 19.10 ? 73  LYS A CA  1 
ATOM   630  C  C   . LYS A 1 82  ? -9.007  9.702   4.184   1.00 18.97 ? 73  LYS A C   1 
ATOM   631  O  O   . LYS A 1 82  ? -9.169  10.105  5.352   1.00 17.46 ? 73  LYS A O   1 
ATOM   632  C  CB  . LYS A 1 82  ? -10.902 9.510   2.452   1.00 17.14 ? 73  LYS A CB  1 
ATOM   633  C  CG  . LYS A 1 82  ? -12.027 9.383   3.465   1.00 24.02 ? 73  LYS A CG  1 
ATOM   634  C  CD  . LYS A 1 82  ? -12.924 10.581  3.660   1.00 25.41 ? 73  LYS A CD  1 
ATOM   635  C  CE  . LYS A 1 82  ? -13.738 10.465  4.962   1.00 30.90 ? 73  LYS A CE  1 
ATOM   636  N  NZ  . LYS A 1 82  ? -14.673 11.626  5.099   1.00 28.39 ? 73  LYS A NZ  1 
ATOM   637  N  N   . TYR A 1 83  ? -8.162  8.701   3.955   1.00 15.14 ? 74  TYR A N   1 
ATOM   638  C  CA  . TYR A 1 83  ? -7.453  8.065   5.086   1.00 14.91 ? 74  TYR A CA  1 
ATOM   639  C  C   . TYR A 1 83  ? -6.328  8.925   5.610   1.00 16.02 ? 74  TYR A C   1 
ATOM   640  O  O   . TYR A 1 83  ? -6.171  8.990   6.845   1.00 17.10 ? 74  TYR A O   1 
ATOM   641  C  CB  . TYR A 1 83  ? -6.991  6.641   4.679   1.00 15.85 ? 74  TYR A CB  1 
ATOM   642  C  CG  . TYR A 1 83  ? -6.467  5.775   5.780   1.00 16.58 ? 74  TYR A CG  1 
ATOM   643  C  CD1 . TYR A 1 83  ? -7.294  5.353   6.850   1.00 18.02 ? 74  TYR A CD1 1 
ATOM   644  C  CD2 . TYR A 1 83  ? -5.148  5.313   5.753   1.00 16.55 ? 74  TYR A CD2 1 
ATOM   645  C  CE1 . TYR A 1 83  ? -6.833  4.546   7.868   1.00 17.34 ? 74  TYR A CE1 1 
ATOM   646  C  CE2 . TYR A 1 83  ? -4.673  4.496   6.780   1.00 20.04 ? 74  TYR A CE2 1 
ATOM   647  C  CZ  . TYR A 1 83  ? -5.508  4.117   7.818   1.00 19.99 ? 74  TYR A CZ  1 
ATOM   648  O  OH  . TYR A 1 83  ? -5.006  3.326   8.782   1.00 23.60 ? 74  TYR A OH  1 
ATOM   649  N  N   . ILE A 1 84  ? -5.589  9.572   4.743   1.00 15.34 ? 75  ILE A N   1 
ATOM   650  C  CA  . ILE A 1 84  ? -4.449  10.463  5.156   1.00 18.83 ? 75  ILE A CA  1 
ATOM   651  C  C   . ILE A 1 84  ? -4.563  11.755  4.380   1.00 17.79 ? 75  ILE A C   1 
ATOM   652  O  O   . ILE A 1 84  ? -3.899  11.993  3.327   1.00 15.91 ? 75  ILE A O   1 
ATOM   653  C  CB  . ILE A 1 84  ? -3.027  9.810   4.967   1.00 18.57 ? 75  ILE A CB  1 
ATOM   654  C  CG1 . ILE A 1 84  ? -2.960  8.396   5.603   1.00 17.66 ? 75  ILE A CG1 1 
ATOM   655  C  CG2 . ILE A 1 84  ? -1.910  10.750  5.547   1.00 18.84 ? 75  ILE A CG2 1 
ATOM   656  C  CD1 . ILE A 1 84  ? -1.664  7.558   5.378   1.00 17.33 ? 75  ILE A CD1 1 
ATOM   657  N  N   . PRO A 1 85  ? -5.410  12.676  4.867   1.00 18.40 ? 76  PRO A N   1 
ATOM   658  C  CA  . PRO A 1 85  ? -5.585  13.971  4.182   1.00 17.29 ? 76  PRO A CA  1 
ATOM   659  C  C   . PRO A 1 85  ? -4.198  14.667  4.150   1.00 15.74 ? 76  PRO A C   1 
ATOM   660  O  O   . PRO A 1 85  ? -3.456  14.695  5.113   1.00 18.04 ? 76  PRO A O   1 
ATOM   661  C  CB  . PRO A 1 85  ? -6.665  14.676  4.933   1.00 19.52 ? 76  PRO A CB  1 
ATOM   662  C  CG  . PRO A 1 85  ? -7.357  13.615  5.788   1.00 20.25 ? 76  PRO A CG  1 
ATOM   663  C  CD  . PRO A 1 85  ? -6.249  12.580  6.064   1.00 18.58 ? 76  PRO A CD  1 
ATOM   664  N  N   . GLY A 1 86  ? -3.866  15.128  2.977   1.00 17.79 ? 77  GLY A N   1 
ATOM   665  C  CA  . GLY A 1 86  ? -2.587  15.777  2.748   1.00 17.78 ? 77  GLY A CA  1 
ATOM   666  C  C   . GLY A 1 86  ? -1.604  14.863  2.062   1.00 17.75 ? 77  GLY A C   1 
ATOM   667  O  O   . GLY A 1 86  ? -0.516  15.306  1.629   1.00 17.95 ? 77  GLY A O   1 
ATOM   668  N  N   . THR A 1 87  ? -1.908  13.561  1.935   1.00 12.98 ? 78  THR A N   1 
ATOM   669  C  CA  . THR A 1 87  ? -0.914  12.693  1.228   1.00 12.87 ? 78  THR A CA  1 
ATOM   670  C  C   . THR A 1 87  ? -0.744  13.104  -0.239  1.00 14.38 ? 78  THR A C   1 
ATOM   671  O  O   . THR A 1 87  ? -1.722  13.527  -0.844  1.00 15.82 ? 78  THR A O   1 
ATOM   672  C  CB  . THR A 1 87  ? -1.354  11.172  1.321   1.00 10.39 ? 78  THR A CB  1 
ATOM   673  O  OG1 . THR A 1 87  ? -0.246  10.377  0.766   1.00 10.63 ? 78  THR A OG1 1 
ATOM   674  C  CG2 . THR A 1 87  ? -2.694  10.878  0.619   1.00 13.80 ? 78  THR A CG2 1 
ATOM   675  N  N   . LYS A 1 88  ? 0.429   12.963  -0.832  1.00 12.56 ? 79  LYS A N   1 
ATOM   676  C  CA  . LYS A 1 88  ? 0.595   13.334  -2.254  1.00 13.29 ? 79  LYS A CA  1 
ATOM   677  C  C   . LYS A 1 88  ? 0.437   12.145  -3.210  1.00 15.39 ? 79  LYS A C   1 
ATOM   678  O  O   . LYS A 1 88  ? 0.631   12.315  -4.424  1.00 14.04 ? 79  LYS A O   1 
ATOM   679  C  CB  . LYS A 1 88  ? 1.902   14.096  -2.492  1.00 15.37 ? 79  LYS A CB  1 
ATOM   680  C  CG  . LYS A 1 88  ? 3.135   13.245  -2.281  1.00 20.54 ? 79  LYS A CG  1 
ATOM   681  C  CD  . LYS A 1 88  ? 4.442   13.814  -2.772  1.00 22.43 ? 79  LYS A CD  1 
ATOM   682  C  CE  . LYS A 1 88  ? 5.639   13.123  -2.108  1.00 20.70 ? 79  LYS A CE  1 
ATOM   683  N  NZ  . LYS A 1 88  ? 6.783   14.108  -2.171  1.00 27.22 ? 79  LYS A NZ  1 
ATOM   684  N  N   . MET A 1 89  ? 0.077   10.926  -2.679  1.00 12.09 ? 80  MET A N   1 
ATOM   685  C  CA  . MET A 1 89  ? -0.150  9.762   -3.582  1.00 12.60 ? 80  MET A CA  1 
ATOM   686  C  C   . MET A 1 89  ? -1.425  10.069  -4.407  1.00 10.75 ? 80  MET A C   1 
ATOM   687  O  O   . MET A 1 89  ? -2.529  10.228  -3.869  1.00 11.33 ? 80  MET A O   1 
ATOM   688  C  CB  . MET A 1 89  ? -0.276  8.493   -2.730  1.00 13.10 ? 80  MET A CB  1 
ATOM   689  C  CG  . MET A 1 89  ? -0.750  7.318   -3.605  1.00 13.68 ? 80  MET A CG  1 
ATOM   690  S  SD  . MET A 1 89  ? -0.384  5.798   -2.673  1.00 11.71 ? 80  MET A SD  1 
ATOM   691  C  CE  . MET A 1 89  ? -1.824  4.848   -3.195  1.00 13.20 ? 80  MET A CE  1 
ATOM   692  N  N   . ALA A 1 90  ? -1.253  10.114  -5.709  1.00 13.68 ? 81  ALA A N   1 
ATOM   693  C  CA  . ALA A 1 90  ? -2.351  10.413  -6.660  1.00 19.36 ? 81  ALA A CA  1 
ATOM   694  C  C   . ALA A 1 90  ? -2.839  9.076   -7.219  1.00 19.72 ? 81  ALA A C   1 
ATOM   695  O  O   . ALA A 1 90  ? -2.362  8.547   -8.233  1.00 23.31 ? 81  ALA A O   1 
ATOM   696  C  CB  . ALA A 1 90  ? -1.808  11.366  -7.713  1.00 16.78 ? 81  ALA A CB  1 
ATOM   697  N  N   . PHE A 1 91  ? -3.776  8.514   -6.490  1.00 22.13 ? 82  PHE A N   1 
ATOM   698  C  CA  . PHE A 1 91  ? -4.372  7.188   -6.843  1.00 21.40 ? 82  PHE A CA  1 
ATOM   699  C  C   . PHE A 1 91  ? -5.855  7.340   -6.473  1.00 22.48 ? 82  PHE A C   1 
ATOM   700  O  O   . PHE A 1 91  ? -6.240  7.690   -5.345  1.00 23.90 ? 82  PHE A O   1 
ATOM   701  C  CB  . PHE A 1 91  ? -3.594  6.017   -6.232  1.00 18.89 ? 82  PHE A CB  1 
ATOM   702  C  CG  . PHE A 1 91  ? -4.255  4.676   -6.456  1.00 19.71 ? 82  PHE A CG  1 
ATOM   703  C  CD1 . PHE A 1 91  ? -4.227  4.104   -7.733  1.00 20.50 ? 82  PHE A CD1 1 
ATOM   704  C  CD2 . PHE A 1 91  ? -4.884  4.088   -5.373  1.00 20.23 ? 82  PHE A CD2 1 
ATOM   705  C  CE1 . PHE A 1 91  ? -4.875  2.882   -7.921  1.00 19.44 ? 82  PHE A CE1 1 
ATOM   706  C  CE2 . PHE A 1 91  ? -5.545  2.820   -5.532  1.00 15.41 ? 82  PHE A CE2 1 
ATOM   707  C  CZ  . PHE A 1 91  ? -5.491  2.273   -6.806  1.00 16.67 ? 82  PHE A CZ  1 
ATOM   708  N  N   . ALA A 1 92  ? -6.675  7.086   -7.460  1.00 20.35 ? 83  ALA A N   1 
ATOM   709  C  CA  . ALA A 1 92  ? -8.136  7.216   -7.303  1.00 25.40 ? 83  ALA A CA  1 
ATOM   710  C  C   . ALA A 1 92  ? -8.634  6.276   -6.194  1.00 25.28 ? 83  ALA A C   1 
ATOM   711  O  O   . ALA A 1 92  ? -9.458  6.729   -5.383  1.00 28.04 ? 83  ALA A O   1 
ATOM   712  C  CB  . ALA A 1 92  ? -8.808  7.048   -8.647  1.00 26.10 ? 83  ALA A CB  1 
ATOM   713  N  N   . GLY A 1 93  ? -8.078  5.077   -6.158  1.00 22.45 ? 84  GLY A N   1 
ATOM   714  C  CA  . GLY A 1 93  ? -8.531  4.135   -5.055  1.00 18.25 ? 84  GLY A CA  1 
ATOM   715  C  C   . GLY A 1 93  ? -9.063  2.851   -5.719  1.00 18.89 ? 84  GLY A C   1 
ATOM   716  O  O   . GLY A 1 93  ? -9.389  2.840   -6.915  1.00 21.79 ? 84  GLY A O   1 
ATOM   717  N  N   . LEU A 1 94  ? -9.150  1.797   -4.935  1.00 17.14 ? 85  LEU A N   1 
ATOM   718  C  CA  . LEU A 1 94  ? -9.668  0.452   -5.363  1.00 18.14 ? 85  LEU A CA  1 
ATOM   719  C  C   . LEU A 1 94  ? -10.961 0.310   -4.528  1.00 16.09 ? 85  LEU A C   1 
ATOM   720  O  O   . LEU A 1 94  ? -10.856 0.064   -3.326  1.00 16.63 ? 85  LEU A O   1 
ATOM   721  C  CB  . LEU A 1 94  ? -8.643  -0.614  -5.133  1.00 20.38 ? 85  LEU A CB  1 
ATOM   722  C  CG  . LEU A 1 94  ? -7.631  -1.045  -6.161  1.00 25.88 ? 85  LEU A CG  1 
ATOM   723  C  CD1 . LEU A 1 94  ? -6.742  -2.136  -5.549  1.00 26.01 ? 85  LEU A CD1 1 
ATOM   724  C  CD2 . LEU A 1 94  ? -8.310  -1.663  -7.396  1.00 26.47 ? 85  LEU A CD2 1 
ATOM   725  N  N   . LYS A 1 95  ? -12.088 0.499   -5.180  1.00 17.84 ? 86  LYS A N   1 
ATOM   726  C  CA  . LYS A 1 95  ? -13.352 0.468   -4.409  1.00 18.18 ? 86  LYS A CA  1 
ATOM   727  C  C   . LYS A 1 95  ? -13.921 -0.865  -4.061  1.00 15.75 ? 86  LYS A C   1 
ATOM   728  O  O   . LYS A 1 95  ? -14.643 -0.905  -3.039  1.00 17.03 ? 86  LYS A O   1 
ATOM   729  C  CB  . LYS A 1 95  ? -14.411 1.357   -5.070  1.00 22.90 ? 86  LYS A CB  1 
ATOM   730  C  CG  . LYS A 1 95  ? -14.011 2.805   -5.270  1.00 32.67 ? 86  LYS A CG  1 
ATOM   731  C  CD  . LYS A 1 95  ? -13.650 3.589   -3.995  1.00 39.34 ? 86  LYS A CD  1 
ATOM   732  C  CE  . LYS A 1 95  ? -12.814 4.835   -4.338  1.00 44.22 ? 86  LYS A CE  1 
ATOM   733  N  NZ  . LYS A 1 95  ? -13.047 5.870   -3.274  1.00 46.97 ? 86  LYS A NZ  1 
ATOM   734  N  N   . LYS A 1 96  ? -13.613 -1.869  -4.837  1.00 14.31 ? 87  LYS A N   1 
ATOM   735  C  CA  . LYS A 1 96  ? -14.134 -3.220  -4.601  1.00 15.06 ? 87  LYS A CA  1 
ATOM   736  C  C   . LYS A 1 96  ? -13.292 -4.004  -3.615  1.00 12.92 ? 87  LYS A C   1 
ATOM   737  O  O   . LYS A 1 96  ? -12.092 -4.191  -3.749  1.00 12.57 ? 87  LYS A O   1 
ATOM   738  C  CB  . LYS A 1 96  ? -14.143 -4.028  -5.898  1.00 18.18 ? 87  LYS A CB  1 
ATOM   739  C  CG  . LYS A 1 96  ? -15.236 -3.654  -6.872  1.00 25.53 ? 87  LYS A CG  1 
ATOM   740  C  CD  . LYS A 1 96  ? -15.038 -4.200  -8.240  1.00 31.80 ? 87  LYS A CD  1 
ATOM   741  C  CE  . LYS A 1 96  ? -15.024 -5.681  -8.460  1.00 38.89 ? 87  LYS A CE  1 
ATOM   742  N  NZ  . LYS A 1 96  ? -16.225 -6.291  -7.784  1.00 44.33 ? 87  LYS A NZ  1 
ATOM   743  N  N   . GLU A 1 97  ? -13.969 -4.540  -2.608  1.00 12.88 ? 88  GLU A N   1 
ATOM   744  C  CA  . GLU A 1 97  ? -13.260 -5.343  -1.590  1.00 16.34 ? 88  GLU A CA  1 
ATOM   745  C  C   . GLU A 1 97  ? -12.465 -6.519  -2.227  1.00 13.43 ? 88  GLU A C   1 
ATOM   746  O  O   . GLU A 1 97  ? -11.333 -6.718  -1.763  1.00 14.29 ? 88  GLU A O   1 
ATOM   747  C  CB  . GLU A 1 97  ? -14.204 -5.980  -0.593  1.00 18.17 ? 88  GLU A CB  1 
ATOM   748  C  CG  . GLU A 1 97  ? -13.524 -6.693  0.593   1.00 22.40 ? 88  GLU A CG  1 
ATOM   749  C  CD  . GLU A 1 97  ? -14.444 -7.417  1.532   1.00 25.04 ? 88  GLU A CD  1 
ATOM   750  O  OE1 . GLU A 1 97  ? -15.595 -7.138  1.680   1.00 19.18 ? 88  GLU A OE1 1 
ATOM   751  O  OE2 . GLU A 1 97  ? -13.830 -8.345  2.110   1.00 31.44 ? 88  GLU A OE2 1 
ATOM   752  N  N   . LYS A 1 98  ? -13.036 -7.164  -3.188  1.00 16.44 ? 89  LYS A N   1 
ATOM   753  C  CA  . LYS A 1 98  ? -12.442 -8.300  -3.893  1.00 17.44 ? 89  LYS A CA  1 
ATOM   754  C  C   . LYS A 1 98  ? -11.057 -7.901  -4.490  1.00 16.55 ? 89  LYS A C   1 
ATOM   755  O  O   . LYS A 1 98  ? -10.082 -8.629  -4.375  1.00 15.19 ? 89  LYS A O   1 
ATOM   756  C  CB  . LYS A 1 98  ? -13.295 -8.815  -5.036  1.00 21.95 ? 89  LYS A CB  1 
ATOM   757  C  CG  . LYS A 1 98  ? -14.493 -9.652  -4.755  1.00 34.45 ? 89  LYS A CG  1 
ATOM   758  C  CD  . LYS A 1 98  ? -15.539 -9.600  -5.884  1.00 39.56 ? 89  LYS A CD  1 
ATOM   759  C  CE  . LYS A 1 98  ? -16.959 -9.757  -5.363  1.00 42.23 ? 89  LYS A CE  1 
ATOM   760  N  NZ  . LYS A 1 98  ? -17.638 -8.485  -5.033  1.00 37.50 ? 89  LYS A NZ  1 
ATOM   761  N  N   . ASP A 1 99  ? -11.094 -6.721  -5.121  1.00 15.59 ? 90  ASP A N   1 
ATOM   762  C  CA  . ASP A 1 99  ? -9.812  -6.221  -5.732  1.00 14.59 ? 90  ASP A CA  1 
ATOM   763  C  C   . ASP A 1 99  ? -8.772  -5.940  -4.677  1.00 11.75 ? 90  ASP A C   1 
ATOM   764  O  O   . ASP A 1 99  ? -7.589  -6.337  -4.844  1.00 12.70 ? 90  ASP A O   1 
ATOM   765  C  CB  . ASP A 1 99  ? -10.116 -5.031  -6.596  1.00 15.17 ? 90  ASP A CB  1 
ATOM   766  C  CG  . ASP A 1 99  ? -10.771 -5.349  -7.911  1.00 19.20 ? 90  ASP A CG  1 
ATOM   767  O  OD1 . ASP A 1 99  ? -10.704 -6.464  -8.458  1.00 18.12 ? 90  ASP A OD1 1 
ATOM   768  O  OD2 . ASP A 1 99  ? -11.349 -4.365  -8.430  1.00 21.96 ? 90  ASP A OD2 1 
ATOM   769  N  N   . ARG A 1 100 ? -9.179  -5.274  -3.604  1.00 11.48 ? 91  ARG A N   1 
ATOM   770  C  CA  . ARG A 1 100 ? -8.257  -4.957  -2.516  1.00 10.15 ? 91  ARG A CA  1 
ATOM   771  C  C   . ARG A 1 100 ? -7.689  -6.231  -1.870  1.00 15.28 ? 91  ARG A C   1 
ATOM   772  O  O   . ARG A 1 100 ? -6.508  -6.297  -1.514  1.00 13.50 ? 91  ARG A O   1 
ATOM   773  C  CB  . ARG A 1 100 ? -8.845  -4.109  -1.415  1.00 10.59 ? 91  ARG A CB  1 
ATOM   774  C  CG  . ARG A 1 100 ? -9.255  -2.683  -1.959  1.00 9.54  ? 91  ARG A CG  1 
ATOM   775  C  CD  . ARG A 1 100 ? -9.509  -1.788  -0.759  1.00 13.16 ? 91  ARG A CD  1 
ATOM   776  N  NE  . ARG A 1 100 ? -10.558 -2.224  0.121   1.00 15.38 ? 91  ARG A NE  1 
ATOM   777  C  CZ  . ARG A 1 100 ? -11.891 -2.135  -0.089  1.00 17.87 ? 91  ARG A CZ  1 
ATOM   778  N  NH1 . ARG A 1 100 ? -12.379 -1.577  -1.197  1.00 15.64 ? 91  ARG A NH1 1 
ATOM   779  N  NH2 . ARG A 1 100 ? -12.766 -2.612  0.792   1.00 15.91 ? 91  ARG A NH2 1 
ATOM   780  N  N   . ASN A 1 101 ? -8.564  -7.235  -1.739  1.00 11.95 ? 92  ASN A N   1 
ATOM   781  C  CA  . ASN A 1 101 ? -8.131  -8.506  -1.106  1.00 15.19 ? 92  ASN A CA  1 
ATOM   782  C  C   . ASN A 1 101 ? -7.103  -9.182  -2.015  1.00 13.54 ? 92  ASN A C   1 
ATOM   783  O  O   . ASN A 1 101 ? -6.098  -9.657  -1.452  1.00 12.91 ? 92  ASN A O   1 
ATOM   784  C  CB  . ASN A 1 101 ? -9.325  -9.372  -0.674  1.00 20.68 ? 92  ASN A CB  1 
ATOM   785  C  CG  . ASN A 1 101 ? -10.071 -8.904  0.571   1.00 24.72 ? 92  ASN A CG  1 
ATOM   786  O  OD1 . ASN A 1 101 ? -9.599  -8.086  1.391   1.00 25.30 ? 92  ASN A OD1 1 
ATOM   787  N  ND2 . ASN A 1 101 ? -11.296 -9.423  0.780   1.00 21.75 ? 92  ASN A ND2 1 
ATOM   788  N  N   . ASP A 1 102 ? -7.356  -9.222  -3.331  1.00 12.52 ? 93  ASP A N   1 
ATOM   789  C  CA  . ASP A 1 102 ? -6.366  -9.851  -4.240  1.00 10.29 ? 93  ASP A CA  1 
ATOM   790  C  C   . ASP A 1 102 ? -4.990  -9.138  -4.133  1.00 11.83 ? 93  ASP A C   1 
ATOM   791  O  O   . ASP A 1 102 ? -3.934  -9.760  -3.949  1.00 10.15 ? 93  ASP A O   1 
ATOM   792  C  CB  . ASP A 1 102 ? -6.872  -9.953  -5.652  1.00 12.17 ? 93  ASP A CB  1 
ATOM   793  C  CG  . ASP A 1 102 ? -8.047  -10.925 -5.811  1.00 15.03 ? 93  ASP A CG  1 
ATOM   794  O  OD1 . ASP A 1 102 ? -8.240  -11.821 -4.978  1.00 13.60 ? 93  ASP A OD1 1 
ATOM   795  O  OD2 . ASP A 1 102 ? -8.736  -10.734 -6.810  1.00 15.21 ? 93  ASP A OD2 1 
ATOM   796  N  N   . LEU A 1 103 ? -5.080  -7.793  -4.255  1.00 11.17 ? 94  LEU A N   1 
ATOM   797  C  CA  . LEU A 1 103 ? -3.818  -7.020  -4.176  1.00 11.87 ? 94  LEU A CA  1 
ATOM   798  C  C   . LEU A 1 103 ? -3.041  -7.191  -2.894  1.00 10.93 ? 94  LEU A C   1 
ATOM   799  O  O   . LEU A 1 103 ? -1.803  -7.389  -2.971  1.00 11.06 ? 94  LEU A O   1 
ATOM   800  C  CB  . LEU A 1 103 ? -4.129  -5.520  -4.501  1.00 12.70 ? 94  LEU A CB  1 
ATOM   801  C  CG  . LEU A 1 103 ? -2.885  -4.589  -4.521  1.00 13.40 ? 94  LEU A CG  1 
ATOM   802  C  CD1 . LEU A 1 103 ? -1.906  -4.949  -5.634  1.00 12.73 ? 94  LEU A CD1 1 
ATOM   803  C  CD2 . LEU A 1 103 ? -3.409  -3.176  -4.699  1.00 14.17 ? 94  LEU A CD2 1 
ATOM   804  N  N   . ILE A 1 104 ? -3.717  -7.127  -1.756  1.00 11.36 ? 95  ILE A N   1 
ATOM   805  C  CA  . ILE A 1 104 ? -3.025  -7.263  -0.459  1.00 12.06 ? 95  ILE A CA  1 
ATOM   806  C  C   . ILE A 1 104 ? -2.443  -8.670  -0.327  1.00 14.45 ? 95  ILE A C   1 
ATOM   807  O  O   . ILE A 1 104 ? -1.379  -8.812  0.267   1.00 13.20 ? 95  ILE A O   1 
ATOM   808  C  CB  . ILE A 1 104 ? -3.902  -6.800  0.718   1.00 11.63 ? 95  ILE A CB  1 
ATOM   809  C  CG1 . ILE A 1 104 ? -4.154  -5.232  0.463   1.00 13.52 ? 95  ILE A CG1 1 
ATOM   810  C  CG2 . ILE A 1 104 ? -3.331  -7.053  2.124   1.00 12.82 ? 95  ILE A CG2 1 
ATOM   811  C  CD1 . ILE A 1 104 ? -5.337  -4.607  1.174   1.00 17.10 ? 95  ILE A CD1 1 
ATOM   812  N  N   . THR A 1 105 ? -3.161  -9.638  -0.882  1.00 12.92 ? 96  THR A N   1 
ATOM   813  C  CA  . THR A 1 105 ? -2.642  -11.039 -0.827  1.00 14.36 ? 96  THR A CA  1 
ATOM   814  C  C   . THR A 1 105 ? -1.279  -11.089 -1.512  1.00 14.10 ? 96  THR A C   1 
ATOM   815  O  O   . THR A 1 105 ? -0.318  -11.664 -1.005  1.00 14.01 ? 96  THR A O   1 
ATOM   816  C  CB  . THR A 1 105 ? -3.665  -12.112 -1.397  1.00 15.18 ? 96  THR A CB  1 
ATOM   817  O  OG1 . THR A 1 105 ? -4.888  -11.972 -0.630  1.00 16.29 ? 96  THR A OG1 1 
ATOM   818  C  CG2 . THR A 1 105 ? -3.105  -13.563 -1.312  1.00 12.96 ? 96  THR A CG2 1 
ATOM   819  N  N   . TYR A 1 106 ? -1.248  -10.438 -2.695  1.00 11.65 ? 97  TYR A N   1 
ATOM   820  C  CA  . TYR A 1 106 ? -0.007  -10.374 -3.461  1.00 11.80 ? 97  TYR A CA  1 
ATOM   821  C  C   . TYR A 1 106 ? 1.070   -9.607  -2.667  1.00 12.28 ? 97  TYR A C   1 
ATOM   822  O  O   . TYR A 1 106 ? 2.224   -10.091 -2.533  1.00 10.96 ? 97  TYR A O   1 
ATOM   823  C  CB  . TYR A 1 106 ? -0.221  -9.758  -4.874  1.00 11.83 ? 97  TYR A CB  1 
ATOM   824  C  CG  . TYR A 1 106 ? 1.117   -9.412  -5.570  1.00 11.17 ? 97  TYR A CG  1 
ATOM   825  C  CD1 . TYR A 1 106 ? 1.944   -10.398 -6.051  1.00 14.11 ? 97  TYR A CD1 1 
ATOM   826  C  CD2 . TYR A 1 106 ? 1.471   -8.059  -5.586  1.00 10.96 ? 97  TYR A CD2 1 
ATOM   827  C  CE1 . TYR A 1 106 ? 3.186   -10.049 -6.646  1.00 16.20 ? 97  TYR A CE1 1 
ATOM   828  C  CE2 . TYR A 1 106 ? 2.694   -7.707  -6.182  1.00 15.44 ? 97  TYR A CE2 1 
ATOM   829  C  CZ  . TYR A 1 106 ? 3.515   -8.686  -6.680  1.00 17.65 ? 97  TYR A CZ  1 
ATOM   830  O  OH  . TYR A 1 106 ? 4.706   -8.308  -7.273  1.00 22.06 ? 97  TYR A OH  1 
ATOM   831  N  N   . MET A 1 107 ? 0.691   -8.423  -2.237  1.00 12.22 ? 98  MET A N   1 
ATOM   832  C  CA  . MET A 1 107 ? 1.662   -7.575  -1.527  1.00 13.70 ? 98  MET A CA  1 
ATOM   833  C  C   . MET A 1 107 ? 2.253   -8.220  -0.296  1.00 14.89 ? 98  MET A C   1 
ATOM   834  O  O   . MET A 1 107 ? 3.492   -8.067  -0.063  1.00 16.18 ? 98  MET A O   1 
ATOM   835  C  CB  . MET A 1 107 ? 0.966   -6.246  -1.177  1.00 13.49 ? 98  MET A CB  1 
ATOM   836  C  CG  . MET A 1 107 ? 0.860   -5.292  -2.364  1.00 14.18 ? 98  MET A CG  1 
ATOM   837  S  SD  . MET A 1 107 ? -0.005  -3.797  -1.730  1.00 18.05 ? 98  MET A SD  1 
ATOM   838  C  CE  . MET A 1 107 ? 1.353   -3.033  -0.857  1.00 18.81 ? 98  MET A CE  1 
ATOM   839  N  N   . THR A 1 108 ? 1.450   -8.922  0.515   1.00 13.50 ? 99  THR A N   1 
ATOM   840  C  CA  . THR A 1 108 ? 2.019   -9.517  1.730   1.00 13.83 ? 99  THR A CA  1 
ATOM   841  C  C   . THR A 1 108 ? 3.031   -10.590 1.310   1.00 13.93 ? 99  THR A C   1 
ATOM   842  O  O   . THR A 1 108 ? 4.028   -10.728 2.020   1.00 16.43 ? 99  THR A O   1 
ATOM   843  C  CB  . THR A 1 108 ? 0.960   -10.008 2.774   1.00 16.92 ? 99  THR A CB  1 
ATOM   844  O  OG1 . THR A 1 108 ? 0.252   -11.055 2.092   1.00 19.59 ? 99  THR A OG1 1 
ATOM   845  C  CG2 . THR A 1 108 ? 0.007   -8.915  3.311   1.00 15.43 ? 99  THR A CG2 1 
ATOM   846  N  N   . LYS A 1 109 ? 2.832   -11.257 0.225   1.00 13.25 ? 100 LYS A N   1 
ATOM   847  C  CA  . LYS A 1 109 ? 3.798   -12.266 -0.224  1.00 14.99 ? 100 LYS A CA  1 
ATOM   848  C  C   . LYS A 1 109 ? 5.097   -11.623 -0.783  1.00 15.08 ? 100 LYS A C   1 
ATOM   849  O  O   . LYS A 1 109 ? 6.195   -11.987 -0.382  1.00 15.98 ? 100 LYS A O   1 
ATOM   850  C  CB  . LYS A 1 109 ? 3.251   -13.214 -1.280  1.00 18.39 ? 100 LYS A CB  1 
ATOM   851  C  CG  . LYS A 1 109 ? 4.108   -14.360 -1.768  1.00 30.13 ? 100 LYS A CG  1 
ATOM   852  C  CD  . LYS A 1 109 ? 5.451   -14.749 -1.163  1.00 32.09 ? 100 LYS A CD  1 
ATOM   853  C  CE  . LYS A 1 109 ? 5.475   -15.038 0.332   1.00 34.48 ? 100 LYS A CE  1 
ATOM   854  N  NZ  . LYS A 1 109 ? 6.550   -14.332 1.079   1.00 20.21 ? 100 LYS A NZ  1 
ATOM   855  N  N   . ALA A 1 110 ? 4.921   -10.712 -1.731  1.00 16.05 ? 101 ALA A N   1 
ATOM   856  C  CA  . ALA A 1 110 ? 6.039   -10.054 -2.400  1.00 13.67 ? 101 ALA A CA  1 
ATOM   857  C  C   . ALA A 1 110 ? 6.837   -9.118  -1.532  1.00 14.99 ? 101 ALA A C   1 
ATOM   858  O  O   . ALA A 1 110 ? 8.090   -8.995  -1.738  1.00 16.62 ? 101 ALA A O   1 
ATOM   859  C  CB  . ALA A 1 110 ? 5.524   -9.326  -3.652  1.00 16.27 ? 101 ALA A CB  1 
ATOM   860  N  N   . ALA A 1 111 ? 6.255   -8.466  -0.544  1.00 14.40 ? 102 ALA A N   1 
ATOM   861  C  CA  . ALA A 1 111 ? 7.027   -7.524  0.283   1.00 15.27 ? 102 ALA A CA  1 
ATOM   862  C  C   . ALA A 1 111 ? 7.861   -8.116  1.372   1.00 14.69 ? 102 ALA A C   1 
ATOM   863  O  O   . ALA A 1 111 ? 8.681   -7.387  2.009   1.00 16.89 ? 102 ALA A O   1 
ATOM   864  C  CB  . ALA A 1 111 ? 6.009   -6.475  0.863   1.00 13.27 ? 102 ALA A CB  1 
ATOM   865  N  N   . LYS A 1 112 ? 7.740   -9.402  1.645   1.00 13.91 ? 103 LYS A N   1 
ATOM   866  C  CA  . LYS A 1 112 ? 8.475   -10.051 2.722   1.00 14.94 ? 103 LYS A CA  1 
ATOM   867  C  C   . LYS A 1 112 ? 9.914   -10.441 2.376   1.00 13.61 ? 103 LYS A C   1 
ATOM   868  O  O   . LYS A 1 112 ? 10.138  -10.861 1.254   1.00 12.85 ? 103 LYS A O   1 
ATOM   869  C  CB  . LYS A 1 112 ? 7.637   -11.310 3.109   1.00 19.09 ? 103 LYS A CB  1 
ATOM   870  C  CG  . LYS A 1 112 ? 8.012   -12.048 4.342   1.00 23.78 ? 103 LYS A CG  1 
ATOM   871  C  CD  . LYS A 1 112 ? 7.562   -11.398 5.627   1.00 31.26 ? 103 LYS A CD  1 
ATOM   872  C  CE  . LYS A 1 112 ? 8.653   -11.410 6.696   1.00 36.22 ? 103 LYS A CE  1 
ATOM   873  N  NZ  . LYS A 1 112 ? 8.009   -11.103 8.025   1.00 39.83 ? 103 LYS A NZ  1 
ATOM   874  O  OXT . LYS A 1 112 ? 10.777  -10.361 3.260   1.00 17.38 ? 103 LYS A OXT 1 
HETATM 875  S  S   . SO4 B 2 .   ? -3.913  -17.977 -6.665  1.00 29.48 ? 105 SO4 A S   1 
HETATM 876  O  O1  . SO4 B 2 .   ? -3.276  -19.233 -7.208  1.00 34.60 ? 105 SO4 A O1  1 
HETATM 877  O  O2  . SO4 B 2 .   ? -4.471  -18.218 -5.312  1.00 29.16 ? 105 SO4 A O2  1 
HETATM 878  O  O3  . SO4 B 2 .   ? -2.768  -17.003 -6.573  1.00 31.10 ? 105 SO4 A O3  1 
HETATM 879  O  O4  . SO4 B 2 .   ? -4.976  -17.499 -7.592  1.00 30.72 ? 105 SO4 A O4  1 
HETATM 880  FE FE  . HEC C 3 .   ? 1.541   4.747   -3.585  1.00 12.41 ? 104 HEC A FE  1 
HETATM 881  C  CHA . HEC C 3 .   ? 2.872   6.180   -0.776  1.00 9.62  ? 104 HEC A CHA 1 
HETATM 882  C  CHB . HEC C 3 .   ? 1.011   1.871   -1.909  1.00 10.52 ? 104 HEC A CHB 1 
HETATM 883  C  CHC . HEC C 3 .   ? -0.243  3.526   -6.231  1.00 9.51  ? 104 HEC A CHC 1 
HETATM 884  C  CHD . HEC C 3 .   ? 2.534   7.360   -5.440  1.00 9.29  ? 104 HEC A CHD 1 
HETATM 885  N  NA  . HEC C 3 .   ? 1.869   4.153   -1.733  1.00 9.31  ? 104 HEC A NA  1 
HETATM 886  C  C1A . HEC C 3 .   ? 2.403   4.854   -0.673  1.00 9.57  ? 104 HEC A C1A 1 
HETATM 887  C  C2A . HEC C 3 .   ? 2.429   4.068   0.508   1.00 10.23 ? 104 HEC A C2A 1 
HETATM 888  C  C3A . HEC C 3 .   ? 1.909   2.855   0.226   1.00 10.01 ? 104 HEC A C3A 1 
HETATM 889  C  C4A . HEC C 3 .   ? 1.546   2.871   -1.162  1.00 9.44  ? 104 HEC A C4A 1 
HETATM 890  C  CMA . HEC C 3 .   ? 1.683   1.614   1.120   1.00 10.97 ? 104 HEC A CMA 1 
HETATM 891  C  CAA . HEC C 3 .   ? 2.984   4.575   1.885   1.00 8.31  ? 104 HEC A CAA 1 
HETATM 892  C  CBA . HEC C 3 .   ? 4.497   4.130   1.948   1.00 11.67 ? 104 HEC A CBA 1 
HETATM 893  C  CGA . HEC C 3 .   ? 5.189   4.316   3.294   1.00 14.72 ? 104 HEC A CGA 1 
HETATM 894  O  O1A . HEC C 3 .   ? 6.448   4.088   3.272   1.00 16.25 ? 104 HEC A O1A 1 
HETATM 895  O  O2A . HEC C 3 .   ? 4.495   4.638   4.262   1.00 13.54 ? 104 HEC A O2A 1 
HETATM 896  N  NB  . HEC C 3 .   ? 0.562   3.027   -4.010  1.00 10.97 ? 104 HEC A NB  1 
HETATM 897  C  C1B . HEC C 3 .   ? 0.522   1.923   -3.178  1.00 11.28 ? 104 HEC A C1B 1 
HETATM 898  C  C2B . HEC C 3 .   ? -0.162  0.835   -3.862  1.00 9.96  ? 104 HEC A C2B 1 
HETATM 899  C  C3B . HEC C 3 .   ? -0.506  1.291   -5.058  1.00 9.65  ? 104 HEC A C3B 1 
HETATM 900  C  C4B . HEC C 3 .   ? -0.064  2.694   -5.181  1.00 8.93  ? 104 HEC A C4B 1 
HETATM 901  C  CMB . HEC C 3 .   ? -0.374  -0.569  -3.232  1.00 11.74 ? 104 HEC A CMB 1 
HETATM 902  C  CAB . HEC C 3 .   ? -1.297  0.557   -6.182  1.00 9.91  ? 104 HEC A CAB 1 
HETATM 903  C  CBB . HEC C 3 .   ? -2.770  0.320   -5.768  1.00 12.15 ? 104 HEC A CBB 1 
HETATM 904  N  NC  . HEC C 3 .   ? 1.195   5.369   -5.440  1.00 10.09 ? 104 HEC A NC  1 
HETATM 905  C  C1C . HEC C 3 .   ? 0.477   4.688   -6.426  1.00 11.71 ? 104 HEC A C1C 1 
HETATM 906  C  C2C . HEC C 3 .   ? 0.571   5.384   -7.690  1.00 11.39 ? 104 HEC A C2C 1 
HETATM 907  C  C3C . HEC C 3 .   ? 1.342   6.478   -7.483  1.00 11.42 ? 104 HEC A C3C 1 
HETATM 908  C  C4C . HEC C 3 .   ? 1.764   6.455   -6.099  1.00 11.33 ? 104 HEC A C4C 1 
HETATM 909  C  CMC . HEC C 3 .   ? -0.085  4.909   -9.001  1.00 11.44 ? 104 HEC A CMC 1 
HETATM 910  C  CAC . HEC C 3 .   ? 1.872   7.489   -8.521  1.00 13.26 ? 104 HEC A CAC 1 
HETATM 911  C  CBC . HEC C 3 .   ? 0.843   8.131   -9.481  1.00 11.78 ? 104 HEC A CBC 1 
HETATM 912  N  ND  . HEC C 3 .   ? 2.534   6.478   -3.185  1.00 10.86 ? 104 HEC A ND  1 
HETATM 913  C  C1D . HEC C 3 .   ? 2.807   7.434   -4.111  1.00 9.98  ? 104 HEC A C1D 1 
HETATM 914  C  C2D . HEC C 3 .   ? 3.472   8.574   -3.427  1.00 11.06 ? 104 HEC A C2D 1 
HETATM 915  C  C3D . HEC C 3 .   ? 3.575   8.201   -2.148  1.00 10.46 ? 104 HEC A C3D 1 
HETATM 916  C  C4D . HEC C 3 .   ? 2.961   6.903   -1.973  1.00 10.96 ? 104 HEC A C4D 1 
HETATM 917  C  CMD . HEC C 3 .   ? 3.939   9.845   -4.168  1.00 12.00 ? 104 HEC A CMD 1 
HETATM 918  C  CAD . HEC C 3 .   ? 4.153   9.037   -0.966  1.00 9.40  ? 104 HEC A CAD 1 
HETATM 919  C  CBD . HEC C 3 .   ? 2.962   9.880   -0.394  1.00 11.69 ? 104 HEC A CBD 1 
HETATM 920  C  CGD . HEC C 3 .   ? 3.241   10.904  0.686   1.00 10.26 ? 104 HEC A CGD 1 
HETATM 921  O  O1D . HEC C 3 .   ? 4.409   11.138  1.042   1.00 14.34 ? 104 HEC A O1D 1 
HETATM 922  O  O2D . HEC C 3 .   ? 2.222   11.473  1.159   1.00 11.81 ? 104 HEC A O2D 1 
HETATM 923  O  O   . HOH D 4 .   ? -15.398 -2.415  0.009   1.00 17.08 ? 106 HOH A O   1 
HETATM 924  O  O   . HOH D 4 .   ? 0.967   1.069   -12.745 1.00 17.64 ? 107 HOH A O   1 
HETATM 925  O  O   . HOH D 4 .   ? 9.503   2.622   -5.780  1.00 14.59 ? 108 HOH A O   1 
HETATM 926  O  O   . HOH D 4 .   ? 11.047  10.101  6.670   1.00 26.81 ? 109 HOH A O   1 
HETATM 927  O  O   . HOH D 4 .   ? 12.149  9.144   -4.993  1.00 21.31 ? 110 HOH A O   1 
HETATM 928  O  O   . HOH D 4 .   ? 19.768  -2.419  -5.719  1.00 12.61 ? 111 HOH A O   1 
HETATM 929  O  O   . HOH D 4 .   ? -10.062 5.526   2.713   1.00 24.23 ? 112 HOH A O   1 
HETATM 930  O  O   . HOH D 4 .   ? 7.501   3.342   5.642   1.00 13.19 ? 113 HOH A O   1 
HETATM 931  O  O   . HOH D 4 .   ? 15.599  10.005  4.935   1.00 35.28 ? 114 HOH A O   1 
HETATM 932  O  O   . HOH D 4 .   ? 14.494  -2.892  -0.059  1.00 33.21 ? 115 HOH A O   1 
HETATM 933  O  O   . HOH D 4 .   ? 8.300   -4.403  -8.313  1.00 29.09 ? 116 HOH A O   1 
HETATM 934  O  O   . HOH D 4 .   ? 7.503   1.755   1.926   1.00 26.17 ? 117 HOH A O   1 
HETATM 935  O  O   . HOH D 4 .   ? 4.773   7.970   -14.761 1.00 32.83 ? 118 HOH A O   1 
HETATM 936  O  O   . HOH D 4 .   ? -5.704  15.748  0.442   1.00 26.42 ? 119 HOH A O   1 
HETATM 937  O  O   . HOH D 4 .   ? -10.111 -14.048 -4.996  1.00 45.60 ? 120 HOH A O   1 
HETATM 938  O  O   . HOH D 4 .   ? -0.751  2.291   -14.306 1.00 28.23 ? 121 HOH A O   1 
HETATM 939  O  O   . HOH D 4 .   ? 6.447   -6.806  4.698   1.00 20.67 ? 122 HOH A O   1 
HETATM 940  O  O   . HOH D 4 .   ? -3.311  -16.903 -3.300  1.00 32.04 ? 123 HOH A O   1 
HETATM 941  O  O   . HOH D 4 .   ? 1.552   17.368  4.368   1.00 31.31 ? 124 HOH A O   1 
HETATM 942  O  O   . HOH D 4 .   ? -11.743 -1.994  -7.250  1.00 21.26 ? 125 HOH A O   1 
HETATM 943  O  O   . HOH D 4 .   ? -12.106 -4.323  3.208   1.00 37.60 ? 126 HOH A O   1 
HETATM 944  O  O   . HOH D 4 .   ? 12.600  9.246   4.522   1.00 27.57 ? 127 HOH A O   1 
HETATM 945  O  O   . HOH D 4 .   ? -3.655  13.276  7.506   1.00 39.19 ? 128 HOH A O   1 
HETATM 946  O  O   . HOH D 4 .   ? 4.709   -9.004  4.166   1.00 21.48 ? 129 HOH A O   1 
HETATM 947  O  O   . HOH D 4 .   ? 11.794  11.453  -2.939  1.00 26.00 ? 130 HOH A O   1 
HETATM 948  O  O   . HOH D 4 .   ? -13.498 13.635  6.573   1.00 30.94 ? 131 HOH A O   1 
HETATM 949  O  O   . HOH D 4 .   ? -6.689  -17.273 -0.781  1.00 33.13 ? 132 HOH A O   1 
HETATM 950  O  O   . HOH D 4 .   ? 5.852   -6.518  -9.241  1.00 30.78 ? 133 HOH A O   1 
HETATM 951  O  O   . HOH D 4 .   ? -3.145  3.760   -10.615 1.00 39.68 ? 134 HOH A O   1 
HETATM 952  O  O   . HOH D 4 .   ? 4.765   -13.515 3.368   1.00 34.74 ? 135 HOH A O   1 
HETATM 953  O  O   . HOH D 4 .   ? 0.178   -20.988 -7.191  1.00 36.22 ? 136 HOH A O   1 
HETATM 954  O  O   . HOH D 4 .   ? -7.462  9.582   -2.740  1.00 40.74 ? 137 HOH A O   1 
HETATM 955  O  O   . HOH D 4 .   ? -10.435 12.413  6.741   1.00 34.12 ? 138 HOH A O   1 
HETATM 956  O  O   . HOH D 4 .   ? -1.147  3.800   -12.327 1.00 30.27 ? 139 HOH A O   1 
HETATM 957  O  O   . HOH D 4 .   ? -0.235  -17.980 -6.151  1.00 32.29 ? 140 HOH A O   1 
HETATM 958  O  O   . HOH D 4 .   ? 13.163  7.790   7.536   1.00 59.12 ? 141 HOH A O   1 
HETATM 959  O  O   . HOH D 4 .   ? -11.280 11.306  -0.542  1.00 35.97 ? 142 HOH A O   1 
HETATM 960  O  O   . HOH D 4 .   ? -0.002  -12.989 -12.139 1.00 24.61 ? 143 HOH A O   1 
HETATM 961  O  O   . HOH D 4 .   ? 13.540  -3.564  2.448   1.00 55.23 ? 144 HOH A O   1 
HETATM 962  O  O   . HOH D 4 .   ? -5.009  -21.259 -7.519  1.00 39.22 ? 145 HOH A O   1 
HETATM 963  O  O   . HOH D 4 .   ? -5.087  10.541  -4.705  1.00 38.15 ? 146 HOH A O   1 
HETATM 964  O  O   . HOH D 4 .   ? 12.036  -0.070  1.348   1.00 30.15 ? 147 HOH A O   1 
HETATM 965  O  O   . HOH D 4 .   ? -11.507 -11.416 -7.699  1.00 48.54 ? 148 HOH A O   1 
HETATM 966  O  O   . HOH D 4 .   ? 9.022   1.525   11.541  1.00 35.67 ? 149 HOH A O   1 
HETATM 967  O  O   . HOH D 4 .   ? 7.948   6.283   -10.830 1.00 32.99 ? 150 HOH A O   1 
HETATM 968  O  O   . HOH D 4 .   ? -2.907  -6.528  11.978  1.00 41.65 ? 151 HOH A O   1 
HETATM 969  O  O   . HOH D 4 .   ? -14.051 -10.703 3.315   1.00 33.55 ? 152 HOH A O   1 
HETATM 970  O  O   . HOH D 4 .   ? 14.170  4.634   8.329   1.00 72.94 ? 153 HOH A O   1 
HETATM 971  O  O   . HOH D 4 .   ? -10.897 6.367   5.546   1.00 25.59 ? 154 HOH A O   1 
HETATM 972  O  O   . HOH D 4 .   ? -5.699  5.691   -10.227 1.00 29.33 ? 155 HOH A O   1 
HETATM 973  O  O   . HOH D 4 .   ? -12.578 0.264   3.148   1.00 35.02 ? 156 HOH A O   1 
HETATM 974  O  O   . HOH D 4 .   ? 1.735   -11.045 -13.950 1.00 50.78 ? 157 HOH A O   1 
HETATM 975  O  O   . HOH D 4 .   ? 10.267  7.166   -12.649 1.00 54.02 ? 158 HOH A O   1 
HETATM 976  O  O   . HOH D 4 .   ? 16.149  3.026   7.504   1.00 56.45 ? 159 HOH A O   1 
HETATM 977  O  O   . HOH D 4 .   ? -4.496  3.231   -13.618 1.00 59.55 ? 160 HOH A O   1 
HETATM 978  O  O   . HOH D 4 .   ? 10.863  8.513   -10.419 1.00 43.31 ? 161 HOH A O   1 
HETATM 979  O  O   . HOH D 4 .   ? 10.271  -0.174  -12.016 1.00 41.52 ? 162 HOH A O   1 
HETATM 980  O  O   . HOH D 4 .   ? 0.939   -17.517 -3.907  1.00 35.16 ? 163 HOH A O   1 
HETATM 981  O  O   . HOH D 4 .   ? -12.321 1.053   -8.146  1.00 28.80 ? 164 HOH A O   1 
HETATM 982  O  O   . HOH D 4 .   ? -1.397  13.349  9.282   1.00 26.67 ? 165 HOH A O   1 
HETATM 983  O  O   . HOH D 4 .   ? -0.507  -2.076  15.350  1.00 37.78 ? 166 HOH A O   1 
HETATM 984  O  O   . HOH D 4 .   ? 15.670  -0.894  -1.860  1.00 39.65 ? 167 HOH A O   1 
HETATM 985  O  O   . HOH D 4 .   ? 9.177   12.804  -3.317  1.00 35.92 ? 168 HOH A O   1 
HETATM 986  O  O   . HOH D 4 .   ? 5.122   18.239  3.349   1.00 51.21 ? 169 HOH A O   1 
HETATM 987  O  O   . HOH D 4 .   ? 3.427   -9.719  6.484   1.00 40.95 ? 170 HOH A O   1 
HETATM 988  O  O   . HOH D 4 .   ? 8.435   -7.490  6.546   1.00 37.42 ? 171 HOH A O   1 
HETATM 989  O  O   . HOH D 4 .   ? -9.671  -13.298 -8.180  1.00 41.51 ? 172 HOH A O   1 
HETATM 990  O  O   . HOH D 4 .   ? 0.803   4.084   15.243  1.00 46.38 ? 173 HOH A O   1 
HETATM 991  O  O   . HOH D 4 .   ? 3.293   -7.619  -10.092 1.00 41.83 ? 174 HOH A O   1 
HETATM 992  O  O   . HOH D 4 .   ? -2.657  -0.691  11.904  1.00 43.14 ? 175 HOH A O   1 
HETATM 993  O  O   . HOH D 4 .   ? -9.520  -5.765  2.467   1.00 37.25 ? 176 HOH A O   1 
HETATM 994  O  O   . HOH D 4 .   ? 2.072   -13.889 5.198   1.00 55.93 ? 177 HOH A O   1 
HETATM 995  O  O   . HOH D 4 .   ? 1.193   7.359   16.654  1.00 60.46 ? 178 HOH A O   1 
HETATM 996  O  O   . HOH D 4 .   ? -11.310 2.700   5.297   1.00 38.33 ? 179 HOH A O   1 
HETATM 997  O  O   . HOH D 4 .   ? -0.872  10.606  14.487  1.00 47.19 ? 180 HOH A O   1 
HETATM 998  O  O   . HOH D 4 .   ? 7.904   -8.552  8.938   1.00 57.46 ? 181 HOH A O   1 
HETATM 999  O  O   . HOH D 4 .   ? 2.033   15.971  14.621  1.00 74.00 ? 182 HOH A O   1 
HETATM 1000 O  O   . HOH D 4 .   ? -6.391  -3.401  -13.704 1.00 34.81 ? 183 HOH A O   1 
HETATM 1001 O  O   . HOH D 4 .   ? -0.150  16.659  -1.000  1.00 38.46 ? 184 HOH A O   1 
HETATM 1002 O  O   . HOH D 4 .   ? -6.060  10.744  -8.277  1.00 34.51 ? 185 HOH A O   1 
HETATM 1003 O  O   . HOH D 4 .   ? 14.275  -1.042  -11.762 1.00 59.23 ? 186 HOH A O   1 
HETATM 1004 O  O   . HOH D 4 .   ? 3.396   2.029   17.732  1.00 62.21 ? 187 HOH A O   1 
HETATM 1005 O  O   . HOH D 4 .   ? -12.747 5.697   2.743   1.00 38.81 ? 188 HOH A O   1 
HETATM 1006 O  O   . HOH D 4 .   ? 1.617   -13.695 2.515   1.00 44.82 ? 189 HOH A O   1 
HETATM 1007 O  O   . HOH D 4 .   ? 9.974   11.612  -6.249  1.00 44.81 ? 190 HOH A O   1 
HETATM 1008 O  O   . HOH D 4 .   ? 11.114  -8.478  5.035   1.00 42.78 ? 191 HOH A O   1 
HETATM 1009 O  O   . HOH D 4 .   ? 4.696   4.270   17.572  1.00 48.94 ? 192 HOH A O   1 
HETATM 1010 O  O   . HOH D 4 .   ? -13.581 -14.796 -0.073  1.00 41.50 ? 193 HOH A O   1 
HETATM 1011 O  O   . HOH D 4 .   ? -13.152 -1.194  -9.656  1.00 68.26 ? 194 HOH A O   1 
HETATM 1012 O  O   . HOH D 4 .   ? -13.053 -3.786  -10.702 1.00 54.71 ? 195 HOH A O   1 
HETATM 1013 O  O   . HOH D 4 .   ? 9.525   -9.327  -3.997  1.00 32.86 ? 196 HOH A O   1 
HETATM 1014 O  O   . HOH D 4 .   ? 7.737   20.993  8.157   1.00 49.28 ? 197 HOH A O   1 
HETATM 1015 O  O   . HOH D 4 .   ? -3.223  15.928  -0.981  1.00 33.70 ? 198 HOH A O   1 
HETATM 1016 O  O   . HOH D 4 .   ? -14.623 -1.631  3.587   1.00 43.40 ? 199 HOH A O   1 
HETATM 1017 O  O   . HOH D 4 .   ? -13.417 -12.740 -6.219  1.00 57.56 ? 200 HOH A O   1 
HETATM 1018 O  O   . HOH D 4 .   ? 5.334   -11.129 9.698   1.00 71.13 ? 201 HOH A O   1 
HETATM 1019 O  O   . HOH D 4 .   ? -11.001 -7.923  -12.712 1.00 35.73 ? 202 HOH A O   1 
HETATM 1020 O  O   . HOH D 4 .   ? 9.602   4.047   -13.997 1.00 49.10 ? 203 HOH A O   1 
HETATM 1021 O  O   . HOH D 4 .   ? -6.206  1.170   -15.145 1.00 64.90 ? 204 HOH A O   1 
HETATM 1022 O  O   . HOH D 4 .   ? -11.217 -13.088 -0.519  1.00 52.75 ? 205 HOH A O   1 
HETATM 1023 O  O   . HOH D 4 .   ? 4.032   -16.073 -4.553  1.00 48.82 ? 206 HOH A O   1 
HETATM 1024 O  O   . HOH D 4 .   ? 5.725   -14.102 9.451   1.00 64.84 ? 207 HOH A O   1 
HETATM 1025 O  O   . HOH D 4 .   ? -13.317 -12.011 -12.416 1.00 51.91 ? 208 HOH A O   1 
HETATM 1026 O  O   . HOH D 4 .   ? -9.955  -2.970  -11.160 1.00 51.43 ? 209 HOH A O   1 
HETATM 1027 O  O   . HOH D 4 .   ? 4.757   -13.909 6.487   1.00 74.84 ? 210 HOH A O   1 
HETATM 1028 O  O   . HOH D 4 .   ? -0.424  -16.610 -1.807  1.00 54.25 ? 211 HOH A O   1 
HETATM 1029 O  O   . HOH D 4 .   ? 6.658   -10.175 -7.712  1.00 41.42 ? 212 HOH A O   1 
HETATM 1030 O  O   . HOH D 4 .   ? -11.157 -8.933  8.708   1.00 67.62 ? 213 HOH A O   1 
HETATM 1031 O  O   . HOH D 4 .   ? 11.931  2.106   10.267  1.00 49.50 ? 214 HOH A O   1 
HETATM 1032 O  O   . HOH D 4 .   ? -3.949  5.445   11.621  1.00 62.97 ? 215 HOH A O   1 
HETATM 1033 O  O   . HOH D 4 .   ? -0.488  16.802  -3.577  1.00 37.76 ? 216 HOH A O   1 
HETATM 1034 O  O   . HOH D 4 .   ? 3.913   -8.383  -13.025 1.00 51.62 ? 217 HOH A O   1 
HETATM 1035 O  O   . HOH D 4 .   ? -1.653  2.302   13.457  1.00 44.27 ? 218 HOH A O   1 
HETATM 1036 O  O   . HOH D 4 .   ? 6.296   5.380   15.784  1.00 72.63 ? 219 HOH A O   1 
HETATM 1037 O  O   . HOH D 4 .   ? -14.358 1.739   10.198  1.00 50.16 ? 220 HOH A O   1 
HETATM 1038 O  O   . HOH D 4 .   ? -16.091 -6.850  -3.631  1.00 17.33 ? 221 HOH A O   1 
# 
loop_
_pdbx_poly_seq_scheme.asym_id 
_pdbx_poly_seq_scheme.entity_id 
_pdbx_poly_seq_scheme.seq_id 
_pdbx_poly_seq_scheme.mon_id 
_pdbx_poly_seq_scheme.ndb_seq_num 
_pdbx_poly_seq_scheme.pdb_seq_num 
_pdbx_poly_seq_scheme.auth_seq_num 
_pdbx_poly_seq_scheme.pdb_mon_id 
_pdbx_poly_seq_scheme.auth_mon_id 
_pdbx_poly_seq_scheme.pdb_strand_id 
_pdbx_poly_seq_scheme.pdb_ins_code 
_pdbx_poly_seq_scheme.hetero 
A 1 1   ALA 1   -9  -9  ALA ALA A . n 
A 1 2   LYS 2   -8  -8  LYS LYS A . n 
A 1 3   GLU 3   -7  -7  GLU GLU A . n 
A 1 4   SER 4   -6  -6  SER SER A . n 
A 1 5   THR 5   -5  -5  THR THR A . n 
A 1 6   GLY 6   -4  -4  GLY GLY A . n 
A 1 7   PHE 7   -3  -3  PHE PHE A . n 
A 1 8   LYS 8   -2  -2  LYS LYS A . n 
A 1 9   PRO 9   -1  -1  PRO PRO A . n 
A 1 10  GLY 10  1   1   GLY GLY A . n 
A 1 11  SER 11  2   2   SER SER A . n 
A 1 12  ALA 12  3   3   ALA ALA A . n 
A 1 13  LYS 13  4   4   LYS LYS A . n 
A 1 14  LYS 14  5   5   LYS LYS A . n 
A 1 15  GLY 15  6   6   GLY GLY A . n 
A 1 16  ALA 16  7   7   ALA ALA A . n 
A 1 17  THR 17  8   8   THR THR A . n 
A 1 18  LEU 18  9   9   LEU LEU A . n 
A 1 19  PHE 19  10  10  PHE PHE A . n 
A 1 20  LYS 20  11  11  LYS LYS A . n 
A 1 21  THR 21  12  12  THR THR A . n 
A 1 22  ARG 22  13  13  ARG ARG A . n 
A 1 23  CYS 23  14  14  CYS CYS A . n 
A 1 24  GLN 24  15  15  GLN GLN A . n 
A 1 25  GLN 25  16  16  GLN GLN A . n 
A 1 26  CYS 26  17  17  CYS CYS A . n 
A 1 27  HIS 27  18  18  HIS HIS A . n 
A 1 28  THR 28  19  19  THR THR A . n 
A 1 29  ILE 29  20  20  ILE ILE A . n 
A 1 30  GLU 30  21  21  GLU GLU A . n 
A 1 31  GLU 31  22  22  GLU GLU A . n 
A 1 32  GLY 32  23  23  GLY GLY A . n 
A 1 33  GLY 33  24  24  GLY GLY A . n 
A 1 34  PRO 34  25  25  PRO PRO A . n 
A 1 35  ASN 35  26  26  ASN ASN A . n 
A 1 36  LYS 36  27  27  LYS LYS A . n 
A 1 37  VAL 37  28  28  VAL VAL A . n 
A 1 38  GLY 38  29  29  GLY GLY A . n 
A 1 39  PRO 39  30  30  PRO PRO A . n 
A 1 40  ASN 40  31  31  ASN ASN A . n 
A 1 41  LEU 41  32  32  LEU LEU A . n 
A 1 42  HIS 42  33  33  HIS HIS A . n 
A 1 43  GLY 43  34  34  GLY GLY A . n 
A 1 44  ILE 44  35  35  ILE ILE A . n 
A 1 45  PHE 45  36  36  PHE PHE A . n 
A 1 46  GLY 46  37  37  GLY GLY A . n 
A 1 47  ARG 47  38  38  ARG ARG A . n 
A 1 48  HIS 48  39  39  HIS HIS A . n 
A 1 49  SER 49  40  40  SER SER A . n 
A 1 50  GLY 50  41  41  GLY GLY A . n 
A 1 51  GLN 51  42  42  GLN GLN A . n 
A 1 52  VAL 52  43  43  VAL VAL A . n 
A 1 53  LYS 53  44  44  LYS LYS A . n 
A 1 54  GLY 54  45  45  GLY GLY A . n 
A 1 55  TYR 55  46  46  TYR TYR A . n 
A 1 56  SER 56  47  47  SER SER A . n 
A 1 57  TYR 57  48  48  TYR TYR A . n 
A 1 58  THR 58  49  49  THR THR A . n 
A 1 59  ASP 59  50  50  ASP ASP A . n 
A 1 60  ALA 60  51  51  ALA ALA A . n 
A 1 61  ILE 61  52  52  ILE ILE A . n 
A 1 62  ILE 62  53  53  ILE ILE A . n 
A 1 63  ASN 63  54  54  ASN ASN A . n 
A 1 64  LYS 64  55  55  LYS LYS A . n 
A 1 65  ASN 65  56  56  ASN ASN A . n 
A 1 66  VAL 66  57  57  VAL VAL A . n 
A 1 67  LYS 67  58  58  LYS LYS A . n 
A 1 68  TRP 68  59  59  TRP TRP A . n 
A 1 69  ASP 69  60  60  ASP ASP A . n 
A 1 70  GLU 70  61  61  GLU GLU A . n 
A 1 71  ASP 71  62  62  ASP ASP A . n 
A 1 72  SER 72  63  63  SER SER A . n 
A 1 73  MET 73  64  64  MET MET A . n 
A 1 74  SER 74  65  65  SER SER A . n 
A 1 75  GLU 75  66  66  GLU GLU A . n 
A 1 76  TYR 76  67  67  TYR TYR A . n 
A 1 77  LEU 77  68  68  LEU LEU A . n 
A 1 78  THR 78  69  69  THR THR A . n 
A 1 79  ASN 79  70  70  ASN ASN A . n 
A 1 80  PRO 80  71  71  PRO PRO A . n 
A 1 81  M3L 81  72  72  M3L LYS A . n 
A 1 82  LYS 82  73  73  LYS LYS A . n 
A 1 83  TYR 83  74  74  TYR TYR A . n 
A 1 84  ILE 84  75  75  ILE ILE A . n 
A 1 85  PRO 85  76  76  PRO PRO A . n 
A 1 86  GLY 86  77  77  GLY GLY A . n 
A 1 87  THR 87  78  78  THR THR A . n 
A 1 88  LYS 88  79  79  LYS LYS A . n 
A 1 89  MET 89  80  80  MET MET A . n 
A 1 90  ALA 90  81  81  ALA ALA A . n 
A 1 91  PHE 91  82  82  PHE PHE A . n 
A 1 92  ALA 92  83  83  ALA ALA A . n 
A 1 93  GLY 93  84  84  GLY GLY A . n 
A 1 94  LEU 94  85  85  LEU LEU A . n 
A 1 95  LYS 95  86  86  LYS LYS A . n 
A 1 96  LYS 96  87  87  LYS LYS A . n 
A 1 97  GLU 97  88  88  GLU GLU A . n 
A 1 98  LYS 98  89  89  LYS LYS A . n 
A 1 99  ASP 99  90  90  ASP ASP A . n 
A 1 100 ARG 100 91  91  ARG ARG A . n 
A 1 101 ASN 101 92  92  ASN ASN A . n 
A 1 102 ASP 102 93  93  ASP ASP A . n 
A 1 103 LEU 103 94  94  LEU LEU A . n 
A 1 104 ILE 104 95  95  ILE ILE A . n 
A 1 105 THR 105 96  96  THR THR A . n 
A 1 106 TYR 106 97  97  TYR TYR A . n 
A 1 107 MET 107 98  98  MET MET A . n 
A 1 108 THR 108 99  99  THR THR A . n 
A 1 109 LYS 109 100 100 LYS LYS A . n 
A 1 110 ALA 110 101 101 ALA ALA A . n 
A 1 111 ALA 111 102 102 ALA ALA A . n 
A 1 112 LYS 112 103 103 LYS LYS A . n 
# 
loop_
_pdbx_nonpoly_scheme.asym_id 
_pdbx_nonpoly_scheme.entity_id 
_pdbx_nonpoly_scheme.mon_id 
_pdbx_nonpoly_scheme.ndb_seq_num 
_pdbx_nonpoly_scheme.pdb_seq_num 
_pdbx_nonpoly_scheme.auth_seq_num 
_pdbx_nonpoly_scheme.pdb_mon_id 
_pdbx_nonpoly_scheme.auth_mon_id 
_pdbx_nonpoly_scheme.pdb_strand_id 
_pdbx_nonpoly_scheme.pdb_ins_code 
B 2 SO4 1   105 105 SO4 SO4 A . 
C 3 HEC 1   104 104 HEC HEM A . 
D 4 HOH 1   106 106 HOH HOH A . 
D 4 HOH 2   107 107 HOH HOH A . 
D 4 HOH 3   108 108 HOH HOH A . 
D 4 HOH 4   109 109 HOH HOH A . 
D 4 HOH 5   110 110 HOH HOH A . 
D 4 HOH 6   111 111 HOH HOH A . 
D 4 HOH 7   112 112 HOH HOH A . 
D 4 HOH 8   113 113 HOH HOH A . 
D 4 HOH 9   114 114 HOH HOH A . 
D 4 HOH 10  115 115 HOH HOH A . 
D 4 HOH 11  116 116 HOH HOH A . 
D 4 HOH 12  117 117 HOH HOH A . 
D 4 HOH 13  118 118 HOH HOH A . 
D 4 HOH 14  119 119 HOH HOH A . 
D 4 HOH 15  120 120 HOH HOH A . 
D 4 HOH 16  121 121 HOH HOH A . 
D 4 HOH 17  122 122 HOH HOH A . 
D 4 HOH 18  123 123 HOH HOH A . 
D 4 HOH 19  124 124 HOH HOH A . 
D 4 HOH 20  125 125 HOH HOH A . 
D 4 HOH 21  126 126 HOH HOH A . 
D 4 HOH 22  127 127 HOH HOH A . 
D 4 HOH 23  128 128 HOH HOH A . 
D 4 HOH 24  129 129 HOH HOH A . 
D 4 HOH 25  130 130 HOH HOH A . 
D 4 HOH 26  131 131 HOH HOH A . 
D 4 HOH 27  132 132 HOH HOH A . 
D 4 HOH 28  133 133 HOH HOH A . 
D 4 HOH 29  134 134 HOH HOH A . 
D 4 HOH 30  135 135 HOH HOH A . 
D 4 HOH 31  136 136 HOH HOH A . 
D 4 HOH 32  137 137 HOH HOH A . 
D 4 HOH 33  138 138 HOH HOH A . 
D 4 HOH 34  139 139 HOH HOH A . 
D 4 HOH 35  140 140 HOH HOH A . 
D 4 HOH 36  141 141 HOH HOH A . 
D 4 HOH 37  142 142 HOH HOH A . 
D 4 HOH 38  143 143 HOH HOH A . 
D 4 HOH 39  144 144 HOH HOH A . 
D 4 HOH 40  145 145 HOH HOH A . 
D 4 HOH 41  146 146 HOH HOH A . 
D 4 HOH 42  147 147 HOH HOH A . 
D 4 HOH 43  148 148 HOH HOH A . 
D 4 HOH 44  149 149 HOH HOH A . 
D 4 HOH 45  150 150 HOH HOH A . 
D 4 HOH 46  151 151 HOH HOH A . 
D 4 HOH 47  152 152 HOH HOH A . 
D 4 HOH 48  153 153 HOH HOH A . 
D 4 HOH 49  154 154 HOH HOH A . 
D 4 HOH 50  155 155 HOH HOH A . 
D 4 HOH 51  156 156 HOH HOH A . 
D 4 HOH 52  157 157 HOH HOH A . 
D 4 HOH 53  158 158 HOH HOH A . 
D 4 HOH 54  159 159 HOH HOH A . 
D 4 HOH 55  160 160 HOH HOH A . 
D 4 HOH 56  161 161 HOH HOH A . 
D 4 HOH 57  162 162 HOH HOH A . 
D 4 HOH 58  163 163 HOH HOH A . 
D 4 HOH 59  164 164 HOH HOH A . 
D 4 HOH 60  165 165 HOH HOH A . 
D 4 HOH 61  166 166 HOH HOH A . 
D 4 HOH 62  167 167 HOH HOH A . 
D 4 HOH 63  168 168 HOH HOH A . 
D 4 HOH 64  169 169 HOH HOH A . 
D 4 HOH 65  170 170 HOH HOH A . 
D 4 HOH 66  171 171 HOH HOH A . 
D 4 HOH 67  172 172 HOH HOH A . 
D 4 HOH 68  173 173 HOH HOH A . 
D 4 HOH 69  174 174 HOH HOH A . 
D 4 HOH 70  175 175 HOH HOH A . 
D 4 HOH 71  176 176 HOH HOH A . 
D 4 HOH 72  177 177 HOH HOH A . 
D 4 HOH 73  178 178 HOH HOH A . 
D 4 HOH 74  179 179 HOH HOH A . 
D 4 HOH 75  180 180 HOH HOH A . 
D 4 HOH 76  181 181 HOH HOH A . 
D 4 HOH 77  182 182 HOH HOH A . 
D 4 HOH 78  183 183 HOH HOH A . 
D 4 HOH 79  184 184 HOH HOH A . 
D 4 HOH 80  185 185 HOH HOH A . 
D 4 HOH 81  186 186 HOH HOH A . 
D 4 HOH 82  187 187 HOH HOH A . 
D 4 HOH 83  188 188 HOH HOH A . 
D 4 HOH 84  189 189 HOH HOH A . 
D 4 HOH 85  190 190 HOH HOH A . 
D 4 HOH 86  191 191 HOH HOH A . 
D 4 HOH 87  192 192 HOH HOH A . 
D 4 HOH 88  193 193 HOH HOH A . 
D 4 HOH 89  194 194 HOH HOH A . 
D 4 HOH 90  195 195 HOH HOH A . 
D 4 HOH 91  196 196 HOH HOH A . 
D 4 HOH 92  197 197 HOH HOH A . 
D 4 HOH 93  198 198 HOH HOH A . 
D 4 HOH 94  199 199 HOH HOH A . 
D 4 HOH 95  200 200 HOH HOH A . 
D 4 HOH 96  201 201 HOH HOH A . 
D 4 HOH 97  202 202 HOH HOH A . 
D 4 HOH 98  203 203 HOH HOH A . 
D 4 HOH 99  204 204 HOH HOH A . 
D 4 HOH 100 205 205 HOH HOH A . 
D 4 HOH 101 206 206 HOH HOH A . 
D 4 HOH 102 207 207 HOH HOH A . 
D 4 HOH 103 208 208 HOH HOH A . 
D 4 HOH 104 209 209 HOH HOH A . 
D 4 HOH 105 210 210 HOH HOH A . 
D 4 HOH 106 211 211 HOH HOH A . 
D 4 HOH 107 212 212 HOH HOH A . 
D 4 HOH 108 213 213 HOH HOH A . 
D 4 HOH 109 214 214 HOH HOH A . 
D 4 HOH 110 215 215 HOH HOH A . 
D 4 HOH 111 216 216 HOH HOH A . 
D 4 HOH 112 217 217 HOH HOH A . 
D 4 HOH 113 218 218 HOH HOH A . 
D 4 HOH 114 219 219 HOH HOH A . 
D 4 HOH 115 220 220 HOH HOH A . 
D 4 HOH 116 221 221 HOH HOH A . 
# 
_pdbx_struct_mod_residue.id               1 
_pdbx_struct_mod_residue.label_asym_id    A 
_pdbx_struct_mod_residue.label_comp_id    M3L 
_pdbx_struct_mod_residue.label_seq_id     81 
_pdbx_struct_mod_residue.auth_asym_id     A 
_pdbx_struct_mod_residue.auth_comp_id     M3L 
_pdbx_struct_mod_residue.auth_seq_id      72 
_pdbx_struct_mod_residue.PDB_ins_code     ? 
_pdbx_struct_mod_residue.parent_comp_id   LYS 
_pdbx_struct_mod_residue.details          N-TRIMETHYLLYSINE 
# 
_pdbx_struct_assembly.id                   1 
_pdbx_struct_assembly.details              author_defined_assembly 
_pdbx_struct_assembly.method_details       ? 
_pdbx_struct_assembly.oligomeric_details   monomeric 
_pdbx_struct_assembly.oligomeric_count     1 
# 
_pdbx_struct_assembly_gen.assembly_id       1 
_pdbx_struct_assembly_gen.oper_expression   1 
_pdbx_struct_assembly_gen.asym_id_list      A,B,C,D 
# 
_pdbx_struct_oper_list.id                   1 
_pdbx_struct_oper_list.type                 'identity operation' 
_pdbx_struct_oper_list.name                 1_555 
_pdbx_struct_oper_list.symmetry_operation   x,y,z 
_pdbx_struct_oper_list.matrix[1][1]         1.0000000000 
_pdbx_struct_oper_list.matrix[1][2]         0.0000000000 
_pdbx_struct_oper_list.matrix[1][3]         0.0000000000 
_pdbx_struct_oper_list.vector[1]            0.0000000000 
_pdbx_struct_oper_list.matrix[2][1]         0.0000000000 
_pdbx_struct_oper_list.matrix[2][2]         1.0000000000 
_pdbx_struct_oper_list.matrix[2][3]         0.0000000000 
_pdbx_struct_oper_list.vector[2]            0.0000000000 
_pdbx_struct_oper_list.matrix[3][1]         0.0000000000 
_pdbx_struct_oper_list.matrix[3][2]         0.0000000000 
_pdbx_struct_oper_list.matrix[3][3]         1.0000000000 
_pdbx_struct_oper_list.vector[3]            0.0000000000 
# 
loop_
_pdbx_struct_conn_angle.id 
_pdbx_struct_conn_angle.ptnr1_label_atom_id 
_pdbx_struct_conn_angle.ptnr1_label_alt_id 
_pdbx_struct_conn_angle.ptnr1_label_asym_id 
_pdbx_struct_conn_angle.ptnr1_label_comp_id 
_pdbx_struct_conn_angle.ptnr1_label_seq_id 
_pdbx_struct_conn_angle.ptnr1_auth_atom_id 
_pdbx_struct_conn_angle.ptnr1_auth_asym_id 
_pdbx_struct_conn_angle.ptnr1_auth_comp_id 
_pdbx_struct_conn_angle.ptnr1_auth_seq_id 
_pdbx_struct_conn_angle.ptnr1_PDB_ins_code 
_pdbx_struct_conn_angle.ptnr1_symmetry 
_pdbx_struct_conn_angle.ptnr2_label_atom_id 
_pdbx_struct_conn_angle.ptnr2_label_alt_id 
_pdbx_struct_conn_angle.ptnr2_label_asym_id 
_pdbx_struct_conn_angle.ptnr2_label_comp_id 
_pdbx_struct_conn_angle.ptnr2_label_seq_id 
_pdbx_struct_conn_angle.ptnr2_auth_atom_id 
_pdbx_struct_conn_angle.ptnr2_auth_asym_id 
_pdbx_struct_conn_angle.ptnr2_auth_comp_id 
_pdbx_struct_conn_angle.ptnr2_auth_seq_id 
_pdbx_struct_conn_angle.ptnr2_PDB_ins_code 
_pdbx_struct_conn_angle.ptnr2_symmetry 
_pdbx_struct_conn_angle.ptnr3_label_atom_id 
_pdbx_struct_conn_angle.ptnr3_label_alt_id 
_pdbx_struct_conn_angle.ptnr3_label_asym_id 
_pdbx_struct_conn_angle.ptnr3_label_comp_id 
_pdbx_struct_conn_angle.ptnr3_label_seq_id 
_pdbx_struct_conn_angle.ptnr3_auth_atom_id 
_pdbx_struct_conn_angle.ptnr3_auth_asym_id 
_pdbx_struct_conn_angle.ptnr3_auth_comp_id 
_pdbx_struct_conn_angle.ptnr3_auth_seq_id 
_pdbx_struct_conn_angle.ptnr3_PDB_ins_code 
_pdbx_struct_conn_angle.ptnr3_symmetry 
_pdbx_struct_conn_angle.value 
_pdbx_struct_conn_angle.value_esd 
1  NE2 ? A HIS 27 ? A HIS 18  ? 1_555 FE ? C HEC . ? A HEC 104 ? 1_555 NA ? C HEC .  ? A HEC 104 ? 1_555 88.7  ? 
2  NE2 ? A HIS 27 ? A HIS 18  ? 1_555 FE ? C HEC . ? A HEC 104 ? 1_555 NB ? C HEC .  ? A HEC 104 ? 1_555 90.3  ? 
3  NA  ? C HEC .  ? A HEC 104 ? 1_555 FE ? C HEC . ? A HEC 104 ? 1_555 NB ? C HEC .  ? A HEC 104 ? 1_555 91.2  ? 
4  NE2 ? A HIS 27 ? A HIS 18  ? 1_555 FE ? C HEC . ? A HEC 104 ? 1_555 NC ? C HEC .  ? A HEC 104 ? 1_555 92.0  ? 
5  NA  ? C HEC .  ? A HEC 104 ? 1_555 FE ? C HEC . ? A HEC 104 ? 1_555 NC ? C HEC .  ? A HEC 104 ? 1_555 179.2 ? 
6  NB  ? C HEC .  ? A HEC 104 ? 1_555 FE ? C HEC . ? A HEC 104 ? 1_555 NC ? C HEC .  ? A HEC 104 ? 1_555 89.2  ? 
7  NE2 ? A HIS 27 ? A HIS 18  ? 1_555 FE ? C HEC . ? A HEC 104 ? 1_555 ND ? C HEC .  ? A HEC 104 ? 1_555 89.3  ? 
8  NA  ? C HEC .  ? A HEC 104 ? 1_555 FE ? C HEC . ? A HEC 104 ? 1_555 ND ? C HEC .  ? A HEC 104 ? 1_555 89.5  ? 
9  NB  ? C HEC .  ? A HEC 104 ? 1_555 FE ? C HEC . ? A HEC 104 ? 1_555 ND ? C HEC .  ? A HEC 104 ? 1_555 179.2 ? 
10 NC  ? C HEC .  ? A HEC 104 ? 1_555 FE ? C HEC . ? A HEC 104 ? 1_555 ND ? C HEC .  ? A HEC 104 ? 1_555 90.1  ? 
11 NE2 ? A HIS 27 ? A HIS 18  ? 1_555 FE ? C HEC . ? A HEC 104 ? 1_555 SD ? A MET 89 ? A MET 80  ? 1_555 172.4 ? 
12 NA  ? C HEC .  ? A HEC 104 ? 1_555 FE ? C HEC . ? A HEC 104 ? 1_555 SD ? A MET 89 ? A MET 80  ? 1_555 84.7  ? 
13 NB  ? C HEC .  ? A HEC 104 ? 1_555 FE ? C HEC . ? A HEC 104 ? 1_555 SD ? A MET 89 ? A MET 80  ? 1_555 93.7  ? 
14 NC  ? C HEC .  ? A HEC 104 ? 1_555 FE ? C HEC . ? A HEC 104 ? 1_555 SD ? A MET 89 ? A MET 80  ? 1_555 94.6  ? 
15 ND  ? C HEC .  ? A HEC 104 ? 1_555 FE ? C HEC . ? A HEC 104 ? 1_555 SD ? A MET 89 ? A MET 80  ? 1_555 86.8  ? 
# 
loop_
_pdbx_audit_revision_history.ordinal 
_pdbx_audit_revision_history.data_content_type 
_pdbx_audit_revision_history.major_revision 
_pdbx_audit_revision_history.minor_revision 
_pdbx_audit_revision_history.revision_date 
1 'Structure model' 1 0 1996-03-08 
2 'Structure model' 1 1 2008-03-21 
3 'Structure model' 1 2 2011-07-13 
4 'Structure model' 1 3 2019-07-17 
5 'Structure model' 1 4 2019-08-14 
6 'Structure model' 2 0 2021-03-03 
7 'Structure model' 2 1 2021-11-03 
# 
_pdbx_audit_revision_details.ordinal             1 
_pdbx_audit_revision_details.revision_ordinal    1 
_pdbx_audit_revision_details.data_content_type   'Structure model' 
_pdbx_audit_revision_details.provider            repository 
_pdbx_audit_revision_details.type                'Initial release' 
_pdbx_audit_revision_details.description         ? 
_pdbx_audit_revision_details.details             ? 
# 
loop_
_pdbx_audit_revision_group.ordinal 
_pdbx_audit_revision_group.revision_ordinal 
_pdbx_audit_revision_group.data_content_type 
_pdbx_audit_revision_group.group 
1  2 'Structure model' 'Version format compliance' 
2  3 'Structure model' 'Version format compliance' 
3  4 'Structure model' 'Data collection'           
4  4 'Structure model' 'Derived calculations'      
5  4 'Structure model' Other                       
6  4 'Structure model' 'Refinement description'    
7  5 'Structure model' 'Data collection'           
8  5 'Structure model' 'Refinement description'    
9  6 'Structure model' Advisory                    
10 6 'Structure model' 'Atomic model'              
11 6 'Structure model' 'Data collection'           
12 6 'Structure model' 'Derived calculations'      
13 6 'Structure model' 'Non-polymer description'   
14 6 'Structure model' 'Structure summary'         
15 7 'Structure model' 'Database references'       
# 
loop_
_pdbx_audit_revision_category.ordinal 
_pdbx_audit_revision_category.revision_ordinal 
_pdbx_audit_revision_category.data_content_type 
_pdbx_audit_revision_category.category 
1  4 'Structure model' pdbx_database_status       
2  4 'Structure model' software                   
3  4 'Structure model' struct_conn                
4  5 'Structure model' software                   
5  6 'Structure model' atom_site                  
6  6 'Structure model' chem_comp                  
7  6 'Structure model' entity                     
8  6 'Structure model' pdbx_distant_solvent_atoms 
9  6 'Structure model' pdbx_entity_nonpoly        
10 6 'Structure model' pdbx_nonpoly_scheme        
11 6 'Structure model' pdbx_struct_conn_angle     
12 6 'Structure model' struct_conn                
13 6 'Structure model' struct_site                
14 7 'Structure model' database_2                 
15 7 'Structure model' struct_ref_seq_dif         
# 
loop_
_pdbx_audit_revision_item.ordinal 
_pdbx_audit_revision_item.revision_ordinal 
_pdbx_audit_revision_item.data_content_type 
_pdbx_audit_revision_item.item 
1  4 'Structure model' '_pdbx_database_status.process_site'          
2  4 'Structure model' '_software.classification'                    
3  4 'Structure model' '_struct_conn.pdbx_leaving_atom_flag'         
4  5 'Structure model' '_software.classification'                    
5  6 'Structure model' '_atom_site.B_iso_or_equiv'                   
6  6 'Structure model' '_atom_site.Cartn_x'                          
7  6 'Structure model' '_atom_site.Cartn_y'                          
8  6 'Structure model' '_atom_site.Cartn_z'                          
9  6 'Structure model' '_atom_site.auth_atom_id'                     
10 6 'Structure model' '_atom_site.auth_comp_id'                     
11 6 'Structure model' '_atom_site.label_atom_id'                    
12 6 'Structure model' '_atom_site.label_comp_id'                    
13 6 'Structure model' '_atom_site.type_symbol'                      
14 6 'Structure model' '_chem_comp.formula'                          
15 6 'Structure model' '_chem_comp.formula_weight'                   
16 6 'Structure model' '_chem_comp.id'                               
17 6 'Structure model' '_chem_comp.name'                             
18 6 'Structure model' '_chem_comp.pdbx_synonyms'                    
19 6 'Structure model' '_entity.formula_weight'                      
20 6 'Structure model' '_entity.pdbx_description'                    
21 6 'Structure model' '_pdbx_entity_nonpoly.comp_id'                
22 6 'Structure model' '_pdbx_entity_nonpoly.name'                   
23 6 'Structure model' '_pdbx_nonpoly_scheme.mon_id'                 
24 6 'Structure model' '_pdbx_nonpoly_scheme.pdb_mon_id'             
25 6 'Structure model' '_pdbx_struct_conn_angle.ptnr1_auth_comp_id'  
26 6 'Structure model' '_pdbx_struct_conn_angle.ptnr1_label_comp_id' 
27 6 'Structure model' '_pdbx_struct_conn_angle.ptnr2_auth_comp_id'  
28 6 'Structure model' '_pdbx_struct_conn_angle.ptnr2_label_comp_id' 
29 6 'Structure model' '_pdbx_struct_conn_angle.ptnr3_auth_comp_id'  
30 6 'Structure model' '_pdbx_struct_conn_angle.ptnr3_label_comp_id' 
31 6 'Structure model' '_struct_conn.conn_type_id'                   
32 6 'Structure model' '_struct_conn.id'                             
33 6 'Structure model' '_struct_conn.pdbx_dist_value'                
34 6 'Structure model' '_struct_conn.pdbx_leaving_atom_flag'         
35 6 'Structure model' '_struct_conn.ptnr1_auth_comp_id'             
36 6 'Structure model' '_struct_conn.ptnr1_auth_seq_id'              
37 6 'Structure model' '_struct_conn.ptnr1_label_asym_id'            
38 6 'Structure model' '_struct_conn.ptnr1_label_atom_id'            
39 6 'Structure model' '_struct_conn.ptnr1_label_comp_id'            
40 6 'Structure model' '_struct_conn.ptnr1_label_seq_id'             
41 6 'Structure model' '_struct_conn.ptnr2_auth_comp_id'             
42 6 'Structure model' '_struct_conn.ptnr2_auth_seq_id'              
43 6 'Structure model' '_struct_conn.ptnr2_label_asym_id'            
44 6 'Structure model' '_struct_conn.ptnr2_label_atom_id'            
45 6 'Structure model' '_struct_conn.ptnr2_label_comp_id'            
46 6 'Structure model' '_struct_conn.ptnr2_label_seq_id'             
47 6 'Structure model' '_struct_site.details'                        
48 6 'Structure model' '_struct_site.pdbx_auth_asym_id'              
49 6 'Structure model' '_struct_site.pdbx_auth_comp_id'              
50 6 'Structure model' '_struct_site.pdbx_auth_seq_id'               
51 7 'Structure model' '_database_2.pdbx_DOI'                        
52 7 'Structure model' '_database_2.pdbx_database_accession'         
53 7 'Structure model' '_struct_ref_seq_dif.details'                 
# 
loop_
_software.name 
_software.classification 
_software.version 
_software.citation_id 
_software.pdbx_ordinal 
X-PLOR 'model building' 3.1     ? 1 
PROLSQ refinement       .       ? 2 
X-PLOR refinement       3.1     ? 3 
R-AXIS 'data reduction' '(MSC)' ? 4 
X-PLOR phasing          3.1     ? 5 
# 
_pdbx_database_remark.id     700 
_pdbx_database_remark.text   
;SHEET
THE PDB HAS GENERATED THE HELIX AND SHEET RECORDS FROM THE
COORDINATES USING A PROGRAM BASED ON DSSP OF W. KABSCH AND
C. SANDER.
;
# 
loop_
_pdbx_validate_rmsd_angle.id 
_pdbx_validate_rmsd_angle.PDB_model_num 
_pdbx_validate_rmsd_angle.auth_atom_id_1 
_pdbx_validate_rmsd_angle.auth_asym_id_1 
_pdbx_validate_rmsd_angle.auth_comp_id_1 
_pdbx_validate_rmsd_angle.auth_seq_id_1 
_pdbx_validate_rmsd_angle.PDB_ins_code_1 
_pdbx_validate_rmsd_angle.label_alt_id_1 
_pdbx_validate_rmsd_angle.auth_atom_id_2 
_pdbx_validate_rmsd_angle.auth_asym_id_2 
_pdbx_validate_rmsd_angle.auth_comp_id_2 
_pdbx_validate_rmsd_angle.auth_seq_id_2 
_pdbx_validate_rmsd_angle.PDB_ins_code_2 
_pdbx_validate_rmsd_angle.label_alt_id_2 
_pdbx_validate_rmsd_angle.auth_atom_id_3 
_pdbx_validate_rmsd_angle.auth_asym_id_3 
_pdbx_validate_rmsd_angle.auth_comp_id_3 
_pdbx_validate_rmsd_angle.auth_seq_id_3 
_pdbx_validate_rmsd_angle.PDB_ins_code_3 
_pdbx_validate_rmsd_angle.label_alt_id_3 
_pdbx_validate_rmsd_angle.angle_value 
_pdbx_validate_rmsd_angle.angle_target_value 
_pdbx_validate_rmsd_angle.angle_deviation 
_pdbx_validate_rmsd_angle.angle_standard_deviation 
_pdbx_validate_rmsd_angle.linker_flag 
1 1 N  A LYS -2 ? ? CA A LYS -2 ? ? CB  A LYS -2 ? ? 122.66 110.60 12.06 1.80 N 
2 1 NE A ARG 13 ? ? CZ A ARG 13 ? ? NH1 A ARG 13 ? ? 124.68 120.30 4.38  0.50 N 
3 1 NE A ARG 13 ? ? CZ A ARG 13 ? ? NH2 A ARG 13 ? ? 116.20 120.30 -4.10 0.50 N 
4 1 CB A ASP 50 ? ? CG A ASP 50 ? ? OD1 A ASP 50 ? ? 126.38 118.30 8.08  0.90 N 
5 1 CB A ASP 62 ? ? CG A ASP 62 ? ? OD1 A ASP 62 ? ? 125.06 118.30 6.76  0.90 N 
6 1 CB A TYR 97 ? ? CG A TYR 97 ? ? CD2 A TYR 97 ? ? 116.13 121.00 -4.87 0.60 N 
# 
loop_
_pdbx_validate_torsion.id 
_pdbx_validate_torsion.PDB_model_num 
_pdbx_validate_torsion.auth_comp_id 
_pdbx_validate_torsion.auth_asym_id 
_pdbx_validate_torsion.auth_seq_id 
_pdbx_validate_torsion.PDB_ins_code 
_pdbx_validate_torsion.label_alt_id 
_pdbx_validate_torsion.phi 
_pdbx_validate_torsion.psi 
1 1 SER A -6 ? ? -172.87 -60.54  
2 1 LYS A 27 ? ? -133.38 -134.12 
3 1 ASN A 70 ? ? -163.99 94.73   
# 
_pdbx_distant_solvent_atoms.id                                1 
_pdbx_distant_solvent_atoms.PDB_model_num                     1 
_pdbx_distant_solvent_atoms.auth_atom_id                      O 
_pdbx_distant_solvent_atoms.label_alt_id                      ? 
_pdbx_distant_solvent_atoms.auth_asym_id                      A 
_pdbx_distant_solvent_atoms.auth_comp_id                      HOH 
_pdbx_distant_solvent_atoms.auth_seq_id                       206 
_pdbx_distant_solvent_atoms.PDB_ins_code                      ? 
_pdbx_distant_solvent_atoms.neighbor_macromolecule_distance   6.12 
_pdbx_distant_solvent_atoms.neighbor_ligand_distance          . 
# 
loop_
_pdbx_entity_nonpoly.entity_id 
_pdbx_entity_nonpoly.name 
_pdbx_entity_nonpoly.comp_id 
2 'SULFATE ION' SO4 
3 'HEME C'      HEC 
4 water         HOH 
# 
